data_4ELF
#
_entry.id   4ELF
#
_cell.length_a   68.270
_cell.length_b   136.120
_cell.length_c   168.460
_cell.angle_alpha   90.00
_cell.angle_beta   90.00
_cell.angle_gamma   90.00
#
_symmetry.space_group_name_H-M   'P 21 21 21'
#
loop_
_entity.id
_entity.type
_entity.pdbx_description
1 polymer 'Dihydrofolate reductase'
2 non-polymer 'CALCIUM ION'
3 non-polymer 'CHLORIDE ION'
4 non-polymer '(2E)-3-{5-[(2,4-diaminopyrimidin-5-yl)methyl]-2,3-dimethoxyphenyl}-1-[(1S)-1-(3,3,3-trifluoropropyl)phthalazin-2(1H)-yl ]prop-2-en-1-one'
5 water water
#
_entity_poly.entity_id   1
_entity_poly.type   'polypeptide(L)'
_entity_poly.pdbx_seq_one_letter_code
;MIVSFMVAMDENRVIGKDNNLPWRLPSELQYVKKTTMGHPLIMGRKNYEAIGRPLPGRRNIIVTRNEGYHVEGCEVAHSV
EEVFELCKNEEEIFIFGGAQIYDLFLPYVDKLYITKIHHAFEGDTFFPEMDMTNWKEVFVEKGLTDEKNPYTYYYHVYEK
QQLVPR
;
_entity_poly.pdbx_strand_id   A,B,C,D,E,F,G,H
#
# COMPACT_ATOMS: atom_id res chain seq x y z
N MET A 1 23.70 39.74 -33.37
CA MET A 1 23.36 38.50 -32.67
C MET A 1 21.98 38.04 -33.08
N ILE A 2 21.94 36.86 -33.68
CA ILE A 2 20.70 36.23 -34.12
C ILE A 2 20.10 35.52 -32.91
N VAL A 3 18.85 35.87 -32.57
CA VAL A 3 18.13 35.15 -31.53
C VAL A 3 17.21 34.10 -32.15
N SER A 4 17.48 32.82 -31.91
CA SER A 4 16.73 31.76 -32.59
C SER A 4 15.96 30.87 -31.62
N PHE A 5 14.68 30.63 -31.91
CA PHE A 5 13.93 29.62 -31.14
C PHE A 5 14.24 28.21 -31.65
N MET A 6 14.61 27.30 -30.76
CA MET A 6 14.79 25.89 -31.12
C MET A 6 13.71 25.06 -30.40
N VAL A 7 12.83 24.44 -31.17
CA VAL A 7 11.66 23.79 -30.57
C VAL A 7 11.17 22.53 -31.33
N ALA A 8 10.72 21.55 -30.55
CA ALA A 8 10.06 20.37 -31.10
C ALA A 8 8.69 20.28 -30.48
N MET A 9 7.65 20.18 -31.31
CA MET A 9 6.31 20.16 -30.74
C MET A 9 5.39 19.30 -31.57
N ASP A 10 4.33 18.79 -30.95
CA ASP A 10 3.35 17.99 -31.66
C ASP A 10 2.30 18.88 -32.33
N GLU A 11 1.26 18.26 -32.90
CA GLU A 11 0.26 18.97 -33.68
C GLU A 11 -0.60 19.95 -32.86
N ASN A 12 -0.55 19.84 -31.53
CA ASN A 12 -1.25 20.81 -30.68
C ASN A 12 -0.26 21.67 -29.88
N ARG A 13 0.98 21.72 -30.38
CA ARG A 13 2.06 22.55 -29.81
C ARG A 13 2.62 22.03 -28.48
N VAL A 14 2.19 20.83 -28.05
CA VAL A 14 2.77 20.20 -26.85
C VAL A 14 4.29 20.22 -26.93
N ILE A 15 4.94 20.68 -25.88
CA ILE A 15 6.39 20.53 -25.82
C ILE A 15 6.85 19.70 -24.62
N GLY A 16 5.92 19.30 -23.75
CA GLY A 16 6.29 18.54 -22.58
C GLY A 16 5.14 17.90 -21.83
N LYS A 17 5.48 16.86 -21.07
CA LYS A 17 4.53 16.15 -20.24
C LYS A 17 5.24 15.83 -18.96
N ASP A 18 4.84 16.50 -17.88
CA ASP A 18 5.46 16.33 -16.56
C ASP A 18 6.98 16.51 -16.67
N ASN A 19 7.40 17.61 -17.27
CA ASN A 19 8.82 17.92 -17.46
C ASN A 19 9.55 16.78 -18.17
N ASN A 20 9.09 16.48 -19.36
CA ASN A 20 9.63 15.40 -20.15
C ASN A 20 9.16 15.51 -21.59
N LEU A 21 9.94 14.98 -22.52
CA LEU A 21 9.45 14.82 -23.88
C LEU A 21 8.53 13.61 -23.93
N PRO A 22 7.34 13.79 -24.53
CA PRO A 22 6.37 12.69 -24.65
C PRO A 22 6.82 11.68 -25.68
N TRP A 23 7.81 12.06 -26.49
CA TRP A 23 8.29 11.20 -27.56
C TRP A 23 9.79 10.91 -27.40
N ARG A 24 10.26 9.92 -28.14
CA ARG A 24 11.67 9.57 -28.13
C ARG A 24 12.10 9.45 -29.59
N LEU A 25 12.84 10.45 -30.05
CA LEU A 25 13.26 10.55 -31.44
C LEU A 25 14.73 10.89 -31.45
N PRO A 26 15.62 9.90 -31.31
CA PRO A 26 17.05 10.24 -31.22
C PRO A 26 17.53 11.05 -32.42
N SER A 27 17.02 10.74 -33.62
CA SER A 27 17.39 11.43 -34.84
C SER A 27 17.09 12.92 -34.71
N GLU A 28 15.92 13.25 -34.16
CA GLU A 28 15.59 14.66 -33.89
C GLU A 28 16.65 15.31 -33.01
N LEU A 29 16.97 14.68 -31.89
CA LEU A 29 17.99 15.23 -31.00
C LEU A 29 19.34 15.37 -31.69
N GLN A 30 19.62 14.50 -32.66
CA GLN A 30 20.89 14.64 -33.38
C GLN A 30 20.85 15.83 -34.35
N TYR A 31 19.68 16.12 -34.88
CA TYR A 31 19.46 17.34 -35.65
C TYR A 31 19.72 18.60 -34.79
N VAL A 32 19.10 18.63 -33.61
CA VAL A 32 19.35 19.71 -32.64
C VAL A 32 20.84 19.85 -32.39
N LYS A 33 21.51 18.72 -32.13
CA LYS A 33 22.94 18.76 -31.81
C LYS A 33 23.74 19.36 -32.97
N LYS A 34 23.47 18.90 -34.19
CA LYS A 34 24.17 19.40 -35.37
C LYS A 34 23.91 20.90 -35.54
N THR A 35 22.66 21.31 -35.36
CA THR A 35 22.21 22.66 -35.67
C THR A 35 22.75 23.74 -34.70
N THR A 36 22.87 23.38 -33.42
CA THR A 36 23.24 24.34 -32.36
C THR A 36 24.75 24.32 -32.03
N MET A 37 25.50 23.49 -32.75
CA MET A 37 26.94 23.32 -32.55
C MET A 37 27.71 24.64 -32.65
N GLY A 38 28.50 24.95 -31.63
CA GLY A 38 29.24 26.21 -31.58
C GLY A 38 28.46 27.41 -31.05
N HIS A 39 27.21 27.18 -30.66
CA HIS A 39 26.31 28.26 -30.22
C HIS A 39 25.66 27.99 -28.87
N PRO A 40 25.41 29.06 -28.11
CA PRO A 40 24.78 28.91 -26.79
C PRO A 40 23.37 28.32 -26.84
N LEU A 41 23.09 27.44 -25.87
CA LEU A 41 21.74 26.95 -25.62
C LEU A 41 21.14 27.71 -24.44
N ILE A 42 19.99 28.34 -24.64
CA ILE A 42 19.41 29.09 -23.54
C ILE A 42 18.20 28.35 -23.01
N MET A 43 18.19 28.01 -21.73
CA MET A 43 17.09 27.20 -21.21
C MET A 43 16.72 27.57 -19.78
N GLY A 44 15.44 27.44 -19.46
CA GLY A 44 14.99 27.62 -18.10
C GLY A 44 15.46 26.45 -17.24
N ARG A 45 15.48 26.66 -15.92
CA ARG A 45 15.91 25.65 -14.97
C ARG A 45 15.17 24.32 -15.15
N LYS A 46 13.84 24.40 -15.24
CA LYS A 46 13.02 23.18 -15.34
C LYS A 46 13.33 22.40 -16.62
N ASN A 47 13.53 23.14 -17.70
CA ASN A 47 13.94 22.53 -18.96
C ASN A 47 15.26 21.83 -18.70
N TYR A 48 16.19 22.52 -18.05
CA TYR A 48 17.51 21.95 -17.78
C TYR A 48 17.48 20.67 -16.94
N GLU A 49 16.67 20.66 -15.89
CA GLU A 49 16.58 19.50 -14.99
C GLU A 49 15.88 18.34 -15.69
N ALA A 50 15.00 18.65 -16.64
CA ALA A 50 14.27 17.63 -17.40
C ALA A 50 15.22 16.96 -18.39
N ILE A 51 16.17 17.75 -18.89
CA ILE A 51 17.22 17.26 -19.78
C ILE A 51 18.25 16.42 -19.01
N GLY A 52 18.61 16.87 -17.80
CA GLY A 52 19.39 16.03 -16.90
C GLY A 52 20.86 16.36 -16.67
N ARG A 53 21.48 17.09 -17.60
CA ARG A 53 22.94 17.29 -17.56
C ARG A 53 23.39 18.34 -18.58
N PRO A 54 24.59 18.92 -18.37
CA PRO A 54 25.12 19.86 -19.37
C PRO A 54 25.26 19.16 -20.73
N LEU A 55 24.74 19.78 -21.78
CA LEU A 55 24.91 19.23 -23.12
C LEU A 55 26.25 19.71 -23.69
N PRO A 56 27.15 18.75 -23.96
CA PRO A 56 28.55 19.03 -24.33
C PRO A 56 28.72 19.74 -25.66
N GLY A 57 29.90 20.35 -25.86
CA GLY A 57 30.20 21.10 -27.07
C GLY A 57 29.43 22.40 -27.20
N ARG A 58 28.89 22.85 -26.08
CA ARG A 58 27.83 23.87 -26.08
C ARG A 58 27.85 24.74 -24.84
N ARG A 59 27.68 26.03 -25.03
CA ARG A 59 27.52 26.93 -23.90
C ARG A 59 26.12 26.77 -23.32
N ASN A 60 26.01 26.06 -22.20
CA ASN A 60 24.72 25.87 -21.56
C ASN A 60 24.42 27.02 -20.63
N ILE A 61 23.38 27.80 -20.92
CA ILE A 61 23.08 28.93 -20.05
C ILE A 61 21.70 28.81 -19.44
N ILE A 62 21.64 28.77 -18.10
CA ILE A 62 20.38 28.52 -17.42
C ILE A 62 19.75 29.82 -16.93
N VAL A 63 18.50 30.05 -17.29
CA VAL A 63 17.79 31.24 -16.87
C VAL A 63 16.86 30.96 -15.70
N THR A 64 17.23 31.46 -14.51
CA THR A 64 16.37 31.40 -13.33
C THR A 64 16.44 32.69 -12.50
N ARG A 65 15.34 33.02 -11.84
CA ARG A 65 15.28 34.13 -10.89
C ARG A 65 16.12 33.85 -9.65
N ASN A 66 16.33 32.58 -9.36
CA ASN A 66 17.11 32.15 -8.21
C ASN A 66 18.59 32.54 -8.28
N GLU A 67 18.98 33.52 -7.47
CA GLU A 67 20.34 34.07 -7.47
C GLU A 67 21.39 33.18 -6.78
N GLY A 68 20.95 32.14 -6.08
CA GLY A 68 21.89 31.21 -5.48
C GLY A 68 22.09 29.95 -6.30
N TYR A 69 21.32 29.85 -7.38
CA TYR A 69 21.32 28.69 -8.25
C TYR A 69 22.62 28.57 -9.01
N HIS A 70 23.36 27.51 -8.74
CA HIS A 70 24.58 27.24 -9.48
C HIS A 70 24.62 25.76 -9.81
N VAL A 71 24.93 25.43 -11.06
CA VAL A 71 25.28 24.04 -11.39
C VAL A 71 26.59 23.96 -12.15
N GLU A 72 27.37 22.92 -11.88
CA GLU A 72 28.68 22.78 -12.52
C GLU A 72 28.58 22.58 -14.02
N GLY A 73 29.50 23.20 -14.76
CA GLY A 73 29.53 23.09 -16.20
C GLY A 73 28.42 23.86 -16.88
N CYS A 74 27.88 24.83 -16.16
CA CYS A 74 26.83 25.67 -16.73
C CYS A 74 27.04 27.12 -16.35
N GLU A 75 26.41 28.02 -17.10
CA GLU A 75 26.32 29.40 -16.69
C GLU A 75 24.88 29.68 -16.29
N VAL A 76 24.71 30.56 -15.31
CA VAL A 76 23.37 30.95 -14.87
C VAL A 76 23.12 32.43 -15.15
N ALA A 77 21.98 32.72 -15.76
CA ALA A 77 21.58 34.10 -15.98
C ALA A 77 20.23 34.31 -15.31
N HIS A 78 20.00 35.53 -14.81
CA HIS A 78 18.80 35.79 -14.03
C HIS A 78 17.77 36.67 -14.74
N SER A 79 18.07 37.05 -15.98
CA SER A 79 17.16 37.89 -16.74
C SER A 79 17.53 37.85 -18.22
N VAL A 80 16.68 38.40 -19.08
CA VAL A 80 17.03 38.47 -20.49
C VAL A 80 18.25 39.37 -20.70
N GLU A 81 18.25 40.53 -20.05
CA GLU A 81 19.36 41.49 -20.14
C GLU A 81 20.71 40.80 -19.80
N GLU A 82 20.69 39.96 -18.77
CA GLU A 82 21.89 39.24 -18.37
C GLU A 82 22.36 38.26 -19.45
N VAL A 83 21.42 37.58 -20.10
CA VAL A 83 21.74 36.66 -21.19
C VAL A 83 22.40 37.40 -22.36
N PHE A 84 21.76 38.48 -22.81
CA PHE A 84 22.30 39.28 -23.90
C PHE A 84 23.70 39.79 -23.60
N GLU A 85 23.95 40.13 -22.34
CA GLU A 85 25.29 40.59 -21.96
C GLU A 85 26.31 39.44 -21.99
N LEU A 86 25.91 38.29 -21.45
CA LEU A 86 26.74 37.09 -21.49
C LEU A 86 27.03 36.66 -22.94
N CYS A 87 26.06 36.84 -23.83
CA CYS A 87 26.22 36.45 -25.23
C CYS A 87 26.59 37.62 -26.15
N LYS A 88 27.12 38.68 -25.57
CA LYS A 88 27.44 39.91 -26.31
C LYS A 88 28.21 39.67 -27.63
N ASN A 89 29.14 38.72 -27.61
CA ASN A 89 29.94 38.41 -28.79
C ASN A 89 29.40 37.22 -29.65
N GLU A 90 28.21 36.72 -29.36
CA GLU A 90 27.74 35.51 -30.04
C GLU A 90 27.08 35.79 -31.40
N GLU A 91 27.38 34.97 -32.39
CA GLU A 91 26.74 35.09 -33.70
C GLU A 91 25.25 34.79 -33.63
N GLU A 92 24.89 33.82 -32.80
CA GLU A 92 23.53 33.28 -32.74
C GLU A 92 23.34 32.48 -31.46
N ILE A 93 22.23 32.67 -30.77
CA ILE A 93 21.89 31.84 -29.61
C ILE A 93 20.61 31.05 -29.85
N PHE A 94 20.48 29.90 -29.18
CA PHE A 94 19.27 29.09 -29.33
C PHE A 94 18.47 29.03 -28.05
N ILE A 95 17.31 29.65 -28.10
CA ILE A 95 16.39 29.58 -26.99
C ILE A 95 15.83 28.14 -27.03
N PHE A 96 16.06 27.41 -25.96
CA PHE A 96 15.94 25.96 -25.95
C PHE A 96 14.70 25.52 -25.21
N GLY A 97 14.00 26.49 -24.62
CA GLY A 97 12.70 26.18 -24.10
C GLY A 97 12.52 26.32 -22.61
N GLY A 98 11.39 25.78 -22.16
CA GLY A 98 10.64 26.42 -21.12
C GLY A 98 9.71 27.30 -21.96
N ALA A 99 8.42 26.98 -21.93
CA ALA A 99 7.39 27.82 -22.52
C ALA A 99 7.64 29.28 -22.09
N GLN A 100 7.85 29.48 -20.78
CA GLN A 100 8.10 30.79 -20.19
C GLN A 100 9.36 31.48 -20.75
N ILE A 101 10.33 30.68 -21.16
CA ILE A 101 11.58 31.21 -21.67
C ILE A 101 11.36 31.71 -23.10
N TYR A 102 10.59 30.97 -23.89
CA TYR A 102 10.23 31.44 -25.23
C TYR A 102 9.50 32.78 -25.12
N ASP A 103 8.53 32.87 -24.22
CA ASP A 103 7.80 34.12 -24.05
C ASP A 103 8.74 35.30 -23.69
N LEU A 104 9.78 35.02 -22.92
CA LEU A 104 10.72 36.06 -22.52
C LEU A 104 11.52 36.60 -23.69
N PHE A 105 11.83 35.75 -24.64
CA PHE A 105 12.71 36.14 -25.73
C PHE A 105 11.93 36.54 -26.97
N LEU A 106 10.61 36.38 -26.88
CA LEU A 106 9.70 36.65 -27.99
C LEU A 106 9.88 38.01 -28.68
N PRO A 107 10.12 39.09 -27.91
CA PRO A 107 10.21 40.33 -28.69
C PRO A 107 11.55 40.49 -29.41
N TYR A 108 12.43 39.51 -29.24
CA TYR A 108 13.76 39.61 -29.81
C TYR A 108 14.06 38.55 -30.85
N VAL A 109 13.22 37.50 -30.91
CA VAL A 109 13.47 36.36 -31.81
C VAL A 109 13.56 36.75 -33.31
N ASP A 110 14.58 36.25 -33.99
CA ASP A 110 14.76 36.52 -35.42
C ASP A 110 14.54 35.28 -36.30
N LYS A 111 14.65 34.11 -35.71
CA LYS A 111 14.70 32.90 -36.50
C LYS A 111 14.05 31.74 -35.74
N LEU A 112 13.31 30.89 -36.47
CA LEU A 112 12.57 29.78 -35.83
C LEU A 112 12.92 28.44 -36.43
N TYR A 113 13.50 27.57 -35.60
CA TYR A 113 13.74 26.18 -35.95
C TYR A 113 12.71 25.35 -35.22
N ILE A 114 11.65 24.96 -35.92
CA ILE A 114 10.52 24.28 -35.33
C ILE A 114 10.41 22.87 -35.91
N THR A 115 10.61 21.83 -35.09
CA THR A 115 10.34 20.47 -35.56
C THR A 115 8.86 20.21 -35.27
N LYS A 116 8.06 19.88 -36.30
CA LYS A 116 6.64 19.59 -36.07
C LYS A 116 6.37 18.07 -36.11
N ILE A 117 5.90 17.51 -35.01
CA ILE A 117 5.63 16.06 -35.01
C ILE A 117 4.17 15.74 -35.32
N HIS A 118 3.95 14.96 -36.37
CA HIS A 118 2.59 14.69 -36.81
C HIS A 118 1.91 13.63 -35.94
N HIS A 119 1.51 14.05 -34.75
CA HIS A 119 0.87 13.16 -33.78
C HIS A 119 0.34 13.97 -32.60
N ALA A 120 -0.66 13.44 -31.91
CA ALA A 120 -1.13 14.08 -30.68
C ALA A 120 -0.76 13.28 -29.42
N PHE A 121 0.16 13.82 -28.62
CA PHE A 121 0.52 13.23 -27.34
C PHE A 121 -0.23 13.90 -26.19
N GLU A 122 -0.14 13.28 -25.02
CA GLU A 122 -0.63 13.89 -23.79
C GLU A 122 0.43 14.87 -23.31
N GLY A 123 0.03 16.10 -22.99
CA GLY A 123 1.01 17.12 -22.63
C GLY A 123 0.45 18.17 -21.70
N ASP A 124 1.33 18.92 -21.06
CA ASP A 124 0.87 19.96 -20.13
C ASP A 124 1.54 21.32 -20.35
N THR A 125 2.64 21.35 -21.09
CA THR A 125 3.28 22.61 -21.47
C THR A 125 3.29 22.76 -23.00
N PHE A 126 3.09 23.98 -23.50
CA PHE A 126 2.86 24.20 -24.92
C PHE A 126 3.77 25.27 -25.52
N PHE A 127 4.17 25.09 -26.78
CA PHE A 127 4.85 26.18 -27.47
C PHE A 127 3.83 27.30 -27.69
N PRO A 128 4.15 28.51 -27.23
CA PRO A 128 3.18 29.62 -27.30
C PRO A 128 2.75 29.95 -28.74
N GLU A 129 1.49 30.32 -28.95
CA GLU A 129 1.04 30.78 -30.26
C GLU A 129 1.94 31.92 -30.79
N MET A 130 2.18 31.92 -32.09
CA MET A 130 2.93 32.99 -32.74
C MET A 130 2.18 33.34 -34.01
N ASP A 131 2.24 34.62 -34.41
CA ASP A 131 1.65 35.06 -35.68
C ASP A 131 2.60 34.72 -36.82
N MET A 132 2.26 33.69 -37.61
CA MET A 132 3.19 33.21 -38.64
C MET A 132 3.18 34.04 -39.91
N THR A 133 2.28 35.02 -40.00
CA THR A 133 2.24 35.92 -41.16
C THR A 133 3.48 36.80 -41.18
N ASN A 134 4.10 36.95 -40.01
CA ASN A 134 5.33 37.71 -39.86
C ASN A 134 6.55 36.86 -40.22
N TRP A 135 6.30 35.60 -40.55
CA TRP A 135 7.37 34.63 -40.76
C TRP A 135 7.33 34.01 -42.16
N LYS A 136 8.50 33.62 -42.66
CA LYS A 136 8.60 33.04 -44.00
C LYS A 136 9.48 31.80 -43.92
N GLU A 137 8.95 30.68 -44.38
CA GLU A 137 9.72 29.43 -44.38
C GLU A 137 10.90 29.53 -45.35
N VAL A 138 12.08 29.14 -44.89
CA VAL A 138 13.29 29.15 -45.71
C VAL A 138 13.85 27.74 -45.96
N PHE A 139 13.50 26.79 -45.10
CA PHE A 139 13.94 25.40 -45.24
C PHE A 139 12.92 24.45 -44.62
N VAL A 140 12.71 23.31 -45.27
CA VAL A 140 11.92 22.22 -44.70
C VAL A 140 12.61 20.90 -45.04
N GLU A 141 12.43 19.90 -44.19
CA GLU A 141 12.98 18.56 -44.42
C GLU A 141 12.26 17.54 -43.57
N LYS A 142 11.83 16.44 -44.19
CA LYS A 142 11.12 15.37 -43.50
C LYS A 142 12.11 14.64 -42.62
N GLY A 143 11.79 14.50 -41.35
CA GLY A 143 12.64 13.78 -40.43
C GLY A 143 12.73 12.30 -40.75
N LEU A 144 13.72 11.63 -40.18
CA LEU A 144 13.90 10.19 -40.35
C LEU A 144 12.94 9.38 -39.47
N THR A 145 12.03 8.63 -40.10
CA THR A 145 11.08 7.77 -39.38
C THR A 145 11.41 6.28 -39.50
N ASP A 146 11.72 5.62 -38.38
CA ASP A 146 12.13 4.20 -38.42
C ASP A 146 11.85 3.49 -37.07
N GLU A 147 12.53 2.37 -36.81
CA GLU A 147 12.36 1.62 -35.56
C GLU A 147 12.54 2.52 -34.33
N LYS A 148 13.54 3.39 -34.39
CA LYS A 148 13.96 4.16 -33.24
C LYS A 148 13.28 5.51 -33.17
N ASN A 149 12.67 5.90 -34.27
CA ASN A 149 11.98 7.18 -34.37
C ASN A 149 10.60 6.90 -34.97
N PRO A 150 9.66 6.44 -34.13
CA PRO A 150 8.42 5.89 -34.71
C PRO A 150 7.57 6.94 -35.43
N TYR A 151 7.50 8.16 -34.91
CA TYR A 151 6.59 9.15 -35.48
C TYR A 151 7.09 9.80 -36.77
N THR A 152 6.15 10.37 -37.51
CA THR A 152 6.48 11.19 -38.68
C THR A 152 6.67 12.62 -38.21
N TYR A 153 7.72 13.29 -38.68
CA TYR A 153 7.97 14.66 -38.25
C TYR A 153 8.82 15.39 -39.25
N TYR A 154 8.72 16.72 -39.23
CA TYR A 154 9.43 17.59 -40.18
C TYR A 154 10.21 18.72 -39.49
N TYR A 155 11.44 18.94 -39.94
CA TYR A 155 12.20 20.13 -39.57
C TYR A 155 11.74 21.30 -40.40
N HIS A 156 11.42 22.43 -39.75
CA HIS A 156 11.10 23.66 -40.46
C HIS A 156 11.98 24.81 -39.95
N VAL A 157 12.30 25.73 -40.84
CA VAL A 157 13.03 26.92 -40.42
C VAL A 157 12.36 28.18 -40.99
N TYR A 158 12.13 29.18 -40.13
CA TYR A 158 11.44 30.39 -40.55
C TYR A 158 12.26 31.65 -40.22
N GLU A 159 12.18 32.63 -41.12
CA GLU A 159 12.72 33.96 -40.92
C GLU A 159 11.61 34.99 -41.06
N LYS A 160 11.90 36.20 -40.59
CA LYS A 160 11.00 37.33 -40.70
C LYS A 160 10.60 37.60 -42.13
N GLN A 161 9.29 37.69 -42.36
CA GLN A 161 8.78 38.14 -43.64
C GLN A 161 9.04 39.65 -43.73
N GLN A 162 9.78 40.06 -44.75
CA GLN A 162 10.03 41.49 -44.98
C GLN A 162 8.78 42.14 -45.57
N LEU A 163 8.39 43.29 -45.04
CA LEU A 163 7.27 44.04 -45.60
C LEU A 163 7.71 44.83 -46.83
N VAL A 164 6.87 44.80 -47.86
CA VAL A 164 7.05 45.66 -49.03
C VAL A 164 6.31 46.98 -48.76
N PRO A 165 7.03 48.11 -48.86
CA PRO A 165 6.44 49.43 -48.56
C PRO A 165 5.30 49.82 -49.48
N ARG A 166 4.30 50.49 -48.91
CA ARG A 166 3.14 50.93 -49.67
C ARG A 166 3.31 52.39 -50.10
N MET B 1 9.18 -10.37 5.46
CA MET B 1 9.35 -9.10 4.74
C MET B 1 8.52 -8.01 5.39
N ILE B 2 9.22 -7.01 5.90
CA ILE B 2 8.56 -5.84 6.48
C ILE B 2 8.22 -4.85 5.36
N VAL B 3 6.94 -4.52 5.22
CA VAL B 3 6.51 -3.53 4.23
C VAL B 3 6.31 -2.18 4.92
N SER B 4 7.15 -1.21 4.57
CA SER B 4 7.18 0.08 5.25
C SER B 4 6.79 1.21 4.31
N PHE B 5 5.90 2.10 4.76
CA PHE B 5 5.68 3.34 4.01
C PHE B 5 6.77 4.34 4.39
N MET B 6 7.41 4.94 3.37
CA MET B 6 8.28 6.08 3.59
C MET B 6 7.57 7.29 3.02
N VAL B 7 7.19 8.23 3.88
CA VAL B 7 6.45 9.44 3.44
C VAL B 7 6.85 10.71 4.19
N ALA B 8 6.83 11.84 3.47
CA ALA B 8 6.99 13.16 4.07
C ALA B 8 5.78 13.99 3.67
N MET B 9 5.10 14.61 4.65
CA MET B 9 3.86 15.33 4.33
C MET B 9 3.65 16.57 5.19
N ASP B 10 2.75 17.44 4.75
CA ASP B 10 2.43 18.64 5.52
C ASP B 10 1.19 18.45 6.41
N GLU B 11 0.77 19.50 7.08
CA GLU B 11 -0.37 19.51 8.01
C GLU B 11 -1.62 18.87 7.44
N ASN B 12 -1.78 18.98 6.13
CA ASN B 12 -2.98 18.51 5.44
C ASN B 12 -2.73 17.28 4.55
N ARG B 13 -1.60 16.63 4.80
CA ARG B 13 -1.21 15.38 4.13
C ARG B 13 -0.72 15.60 2.69
N VAL B 14 -0.28 16.82 2.40
CA VAL B 14 0.24 17.11 1.07
C VAL B 14 1.55 16.37 0.86
N ILE B 15 1.69 15.69 -0.27
CA ILE B 15 2.94 15.01 -0.57
C ILE B 15 3.55 15.42 -1.90
N GLY B 16 2.86 16.28 -2.63
CA GLY B 16 3.38 16.73 -3.91
C GLY B 16 2.58 17.84 -4.51
N LYS B 17 3.17 18.52 -5.48
CA LYS B 17 2.49 19.58 -6.21
C LYS B 17 3.16 19.71 -7.56
N ASP B 18 2.42 19.38 -8.60
CA ASP B 18 2.94 19.34 -9.97
C ASP B 18 4.17 18.44 -10.06
N ASN B 19 4.06 17.27 -9.44
CA ASN B 19 5.14 16.29 -9.44
C ASN B 19 6.45 16.85 -8.87
N ASN B 20 6.34 17.60 -7.78
CA ASN B 20 7.51 18.05 -7.07
C ASN B 20 7.14 18.08 -5.61
N LEU B 21 8.13 18.15 -4.75
CA LEU B 21 7.89 18.47 -3.35
C LEU B 21 7.66 19.97 -3.26
N PRO B 22 6.58 20.36 -2.58
CA PRO B 22 6.30 21.77 -2.28
C PRO B 22 7.38 22.44 -1.41
N TRP B 23 8.19 21.65 -0.72
CA TRP B 23 9.22 22.19 0.19
C TRP B 23 10.62 21.75 -0.23
N ARG B 24 11.64 22.43 0.28
CA ARG B 24 13.01 22.00 0.04
C ARG B 24 13.72 21.74 1.35
N LEU B 25 13.80 20.47 1.73
CA LEU B 25 14.35 20.12 3.03
C LEU B 25 15.45 19.09 2.90
N PRO B 26 16.65 19.51 2.47
CA PRO B 26 17.74 18.57 2.17
C PRO B 26 17.99 17.59 3.32
N SER B 27 17.94 18.11 4.54
CA SER B 27 18.12 17.30 5.75
C SER B 27 17.10 16.17 5.86
N GLU B 28 15.87 16.42 5.41
CA GLU B 28 14.85 15.37 5.38
C GLU B 28 15.29 14.28 4.41
N LEU B 29 15.82 14.70 3.26
CA LEU B 29 16.21 13.73 2.24
C LEU B 29 17.40 12.87 2.71
N GLN B 30 18.35 13.48 3.42
CA GLN B 30 19.43 12.73 4.04
C GLN B 30 18.89 11.67 4.99
N TYR B 31 17.87 12.02 5.75
CA TYR B 31 17.20 11.04 6.63
C TYR B 31 16.62 9.89 5.80
N VAL B 32 15.95 10.22 4.70
CA VAL B 32 15.42 9.21 3.80
C VAL B 32 16.55 8.32 3.31
N LYS B 33 17.66 8.94 2.95
CA LYS B 33 18.84 8.19 2.49
C LYS B 33 19.36 7.22 3.56
N LYS B 34 19.57 7.73 4.77
CA LYS B 34 20.04 6.90 5.87
C LYS B 34 19.06 5.75 6.16
N THR B 35 17.78 6.05 6.17
CA THR B 35 16.78 5.07 6.59
C THR B 35 16.61 3.95 5.57
N THR B 36 16.61 4.29 4.28
CA THR B 36 16.28 3.32 3.24
C THR B 36 17.49 2.64 2.63
N MET B 37 18.65 2.82 3.27
CA MET B 37 19.92 2.32 2.73
C MET B 37 20.00 0.78 2.72
N GLY B 38 20.30 0.21 1.55
CA GLY B 38 20.36 -1.23 1.38
C GLY B 38 18.99 -1.90 1.27
N HIS B 39 17.96 -1.09 1.06
CA HIS B 39 16.59 -1.60 0.96
C HIS B 39 15.92 -1.08 -0.31
N PRO B 40 15.14 -1.95 -0.96
CA PRO B 40 14.41 -1.57 -2.18
C PRO B 40 13.54 -0.34 -1.95
N LEU B 41 13.47 0.50 -2.96
CA LEU B 41 12.52 1.60 -3.00
C LEU B 41 11.42 1.23 -4.02
N ILE B 42 10.17 1.21 -3.57
CA ILE B 42 9.08 0.89 -4.48
C ILE B 42 8.39 2.19 -4.89
N MET B 43 8.35 2.52 -6.18
CA MET B 43 7.70 3.76 -6.55
C MET B 43 6.94 3.72 -7.87
N GLY B 44 5.91 4.56 -8.03
CA GLY B 44 5.21 4.64 -9.30
C GLY B 44 6.04 5.42 -10.33
N ARG B 45 5.79 5.19 -11.61
CA ARG B 45 6.56 5.85 -12.67
C ARG B 45 6.61 7.38 -12.47
N LYS B 46 5.48 7.98 -12.13
CA LYS B 46 5.38 9.44 -11.99
C LYS B 46 6.28 9.98 -10.88
N ASN B 47 6.27 9.28 -9.75
CA ASN B 47 7.15 9.59 -8.63
C ASN B 47 8.62 9.43 -9.04
N TYR B 48 8.91 8.36 -9.80
CA TYR B 48 10.27 8.16 -10.27
C TYR B 48 10.75 9.29 -11.19
N GLU B 49 9.91 9.67 -12.14
CA GLU B 49 10.28 10.71 -13.10
C GLU B 49 10.41 12.11 -12.48
N ALA B 50 9.80 12.32 -11.30
CA ALA B 50 10.00 13.58 -10.56
C ALA B 50 11.43 13.65 -10.03
N ILE B 51 11.86 12.57 -9.37
CA ILE B 51 13.24 12.38 -8.96
C ILE B 51 14.18 12.37 -10.18
N GLY B 52 13.77 11.68 -11.24
CA GLY B 52 14.48 11.71 -12.51
C GLY B 52 15.75 10.90 -12.67
N ARG B 53 16.22 10.28 -11.60
CA ARG B 53 17.41 9.42 -11.64
C ARG B 53 17.24 8.24 -10.68
N PRO B 54 17.95 7.12 -10.93
CA PRO B 54 17.94 6.01 -9.95
C PRO B 54 18.64 6.43 -8.65
N LEU B 55 17.96 6.36 -7.51
CA LEU B 55 18.62 6.67 -6.24
C LEU B 55 19.63 5.57 -5.89
N PRO B 56 20.92 5.93 -5.81
CA PRO B 56 21.93 4.88 -5.75
C PRO B 56 21.94 4.14 -4.43
N GLY B 57 22.59 2.98 -4.39
CA GLY B 57 22.67 2.19 -3.17
C GLY B 57 21.41 1.38 -2.88
N ARG B 58 20.38 1.53 -3.70
CA ARG B 58 19.11 0.84 -3.46
C ARG B 58 18.54 0.33 -4.76
N ARG B 59 17.88 -0.83 -4.71
CA ARG B 59 17.07 -1.27 -5.83
C ARG B 59 15.95 -0.25 -5.99
N ASN B 60 15.89 0.36 -7.16
CA ASN B 60 14.78 1.23 -7.49
C ASN B 60 13.78 0.39 -8.29
N ILE B 61 12.59 0.18 -7.74
CA ILE B 61 11.60 -0.61 -8.43
C ILE B 61 10.42 0.27 -8.79
N ILE B 62 10.17 0.39 -10.09
CA ILE B 62 9.11 1.25 -10.59
C ILE B 62 7.84 0.44 -10.89
N VAL B 63 6.73 0.81 -10.25
CA VAL B 63 5.46 0.17 -10.47
C VAL B 63 4.71 0.88 -11.58
N THR B 64 4.31 0.11 -12.61
CA THR B 64 3.53 0.64 -13.73
C THR B 64 2.83 -0.48 -14.48
N ARG B 65 1.65 -0.14 -15.00
CA ARG B 65 0.80 -1.07 -15.71
C ARG B 65 1.35 -1.30 -17.12
N ASN B 66 2.33 -0.48 -17.49
CA ASN B 66 2.83 -0.48 -18.86
C ASN B 66 3.90 -1.53 -19.13
N GLU B 67 3.53 -2.54 -19.91
CA GLU B 67 4.39 -3.69 -20.17
C GLU B 67 5.62 -3.39 -21.06
N GLY B 68 5.61 -2.26 -21.75
CA GLY B 68 6.75 -1.88 -22.58
C GLY B 68 7.77 -0.99 -21.88
N TYR B 69 7.38 -0.45 -20.73
CA TYR B 69 8.19 0.47 -19.94
C TYR B 69 9.40 -0.19 -19.30
N HIS B 70 10.59 0.28 -19.68
CA HIS B 70 11.83 -0.12 -19.03
C HIS B 70 12.69 1.16 -18.84
N VAL B 71 13.56 1.16 -17.82
CA VAL B 71 14.47 2.30 -17.60
C VAL B 71 15.79 1.79 -17.08
N GLU B 72 16.90 2.25 -17.67
CA GLU B 72 18.22 1.81 -17.22
C GLU B 72 18.43 1.96 -15.71
N GLY B 73 19.12 1.00 -15.09
CA GLY B 73 19.42 1.08 -13.68
C GLY B 73 18.25 0.78 -12.75
N CYS B 74 17.05 0.60 -13.30
CA CYS B 74 15.87 0.31 -12.50
C CYS B 74 15.24 -1.05 -12.83
N GLU B 75 14.36 -1.51 -11.95
CA GLU B 75 13.55 -2.69 -12.26
C GLU B 75 12.10 -2.27 -12.32
N VAL B 76 11.32 -2.97 -13.12
CA VAL B 76 9.93 -2.60 -13.32
C VAL B 76 8.99 -3.70 -12.86
N ALA B 77 8.03 -3.35 -12.01
CA ALA B 77 7.00 -4.27 -11.58
C ALA B 77 5.64 -3.76 -12.05
N HIS B 78 4.78 -4.65 -12.52
CA HIS B 78 3.52 -4.22 -13.12
C HIS B 78 2.35 -4.50 -12.22
N SER B 79 2.65 -4.99 -11.01
CA SER B 79 1.63 -5.36 -10.06
C SER B 79 2.27 -5.63 -8.69
N VAL B 80 1.43 -5.56 -7.67
CA VAL B 80 1.77 -5.97 -6.32
C VAL B 80 2.42 -7.37 -6.29
N GLU B 81 1.80 -8.32 -6.98
CA GLU B 81 2.34 -9.67 -7.06
C GLU B 81 3.79 -9.64 -7.57
N GLU B 82 4.04 -8.83 -8.59
CA GLU B 82 5.40 -8.75 -9.11
C GLU B 82 6.38 -8.14 -8.13
N VAL B 83 5.97 -7.06 -7.45
CA VAL B 83 6.82 -6.46 -6.44
C VAL B 83 7.24 -7.50 -5.40
N PHE B 84 6.29 -8.29 -4.94
CA PHE B 84 6.57 -9.27 -3.87
C PHE B 84 7.47 -10.39 -4.35
N GLU B 85 7.30 -10.78 -5.61
CA GLU B 85 8.18 -11.76 -6.21
C GLU B 85 9.62 -11.22 -6.32
N LEU B 86 9.75 -10.00 -6.84
CA LEU B 86 11.04 -9.37 -7.01
C LEU B 86 11.78 -9.22 -5.69
N CYS B 87 11.02 -8.92 -4.63
CA CYS B 87 11.58 -8.69 -3.31
C CYS B 87 11.47 -9.92 -2.40
N LYS B 88 11.46 -11.10 -3.02
CA LYS B 88 11.40 -12.40 -2.32
C LYS B 88 12.31 -12.50 -1.12
N ASN B 89 13.53 -12.00 -1.28
CA ASN B 89 14.58 -12.27 -0.33
C ASN B 89 14.85 -11.09 0.61
N GLU B 90 14.09 -10.02 0.46
CA GLU B 90 14.29 -8.78 1.21
C GLU B 90 13.62 -8.77 2.61
N GLU B 91 14.39 -8.42 3.64
CA GLU B 91 13.79 -8.23 4.98
C GLU B 91 12.81 -7.04 5.08
N GLU B 92 13.05 -5.98 4.31
CA GLU B 92 12.23 -4.75 4.42
C GLU B 92 12.25 -3.91 3.13
N ILE B 93 11.07 -3.49 2.65
CA ILE B 93 11.02 -2.61 1.48
C ILE B 93 10.30 -1.31 1.82
N PHE B 94 10.61 -0.26 1.07
CA PHE B 94 10.01 1.04 1.34
C PHE B 94 9.15 1.54 0.23
N ILE B 95 7.84 1.52 0.48
CA ILE B 95 6.88 2.13 -0.42
C ILE B 95 7.14 3.65 -0.46
N PHE B 96 7.58 4.14 -1.62
CA PHE B 96 8.16 5.47 -1.71
C PHE B 96 7.20 6.53 -2.26
N GLY B 97 5.99 6.12 -2.65
CA GLY B 97 4.99 7.07 -3.07
C GLY B 97 4.48 7.04 -4.51
N GLY B 98 3.74 8.10 -4.82
CA GLY B 98 2.53 7.95 -5.60
C GLY B 98 1.51 7.62 -4.52
N ALA B 99 0.57 8.53 -4.30
CA ALA B 99 -0.59 8.24 -3.48
C ALA B 99 -1.18 6.88 -3.89
N GLN B 100 -1.27 6.64 -5.19
CA GLN B 100 -1.84 5.41 -5.72
C GLN B 100 -1.05 4.15 -5.32
N ILE B 101 0.26 4.30 -5.23
CA ILE B 101 1.15 3.23 -4.84
C ILE B 101 0.97 2.91 -3.33
N TYR B 102 0.80 3.96 -2.50
CA TYR B 102 0.47 3.70 -1.09
C TYR B 102 -0.81 2.86 -0.99
N ASP B 103 -1.86 3.26 -1.70
CA ASP B 103 -3.12 2.50 -1.64
C ASP B 103 -2.99 1.03 -2.04
N LEU B 104 -2.11 0.72 -2.98
CA LEU B 104 -1.95 -0.68 -3.39
C LEU B 104 -1.28 -1.49 -2.32
N PHE B 105 -0.42 -0.85 -1.53
CA PHE B 105 0.32 -1.58 -0.49
C PHE B 105 -0.26 -1.46 0.89
N LEU B 106 -1.33 -0.69 0.98
CA LEU B 106 -2.12 -0.58 2.21
C LEU B 106 -2.47 -1.93 2.89
N PRO B 107 -2.85 -2.97 2.12
CA PRO B 107 -3.21 -4.19 2.88
C PRO B 107 -2.00 -4.92 3.45
N TYR B 108 -0.78 -4.48 3.11
CA TYR B 108 0.41 -5.25 3.50
C TYR B 108 1.33 -4.47 4.44
N VAL B 109 1.03 -3.19 4.63
CA VAL B 109 1.99 -2.29 5.27
C VAL B 109 2.14 -2.62 6.77
N ASP B 110 3.38 -2.75 7.22
CA ASP B 110 3.68 -3.20 8.59
C ASP B 110 4.34 -2.11 9.44
N LYS B 111 4.72 -1.01 8.79
CA LYS B 111 5.51 0.00 9.45
C LYS B 111 5.42 1.34 8.69
N LEU B 112 5.36 2.45 9.43
CA LEU B 112 5.23 3.76 8.80
C LEU B 112 6.35 4.71 9.26
N TYR B 113 7.11 5.24 8.29
CA TYR B 113 8.08 6.29 8.56
C TYR B 113 7.52 7.57 7.96
N ILE B 114 7.03 8.46 8.84
CA ILE B 114 6.29 9.63 8.42
C ILE B 114 6.98 10.90 8.93
N THR B 115 7.45 11.72 7.99
CA THR B 115 7.91 13.06 8.31
C THR B 115 6.72 14.00 8.24
N LYS B 116 6.35 14.59 9.38
CA LYS B 116 5.25 15.55 9.42
C LYS B 116 5.80 16.97 9.47
N ILE B 117 5.41 17.79 8.51
CA ILE B 117 5.97 19.13 8.35
C ILE B 117 4.92 20.15 8.80
N HIS B 118 5.34 21.07 9.66
CA HIS B 118 4.40 21.96 10.34
C HIS B 118 4.12 23.23 9.54
N HIS B 119 3.59 23.05 8.33
CA HIS B 119 3.28 24.17 7.42
C HIS B 119 2.22 23.67 6.42
N ALA B 120 1.44 24.60 5.87
CA ALA B 120 0.41 24.27 4.88
C ALA B 120 0.82 24.77 3.50
N PHE B 121 1.18 23.84 2.62
CA PHE B 121 1.62 24.21 1.29
C PHE B 121 0.45 24.05 0.30
N GLU B 122 0.65 24.50 -0.94
CA GLU B 122 -0.29 24.19 -2.01
C GLU B 122 0.09 22.80 -2.50
N GLY B 123 -0.90 21.94 -2.73
CA GLY B 123 -0.61 20.60 -3.21
C GLY B 123 -1.73 20.03 -4.05
N ASP B 124 -1.43 18.99 -4.82
CA ASP B 124 -2.43 18.39 -5.70
C ASP B 124 -2.58 16.90 -5.46
N THR B 125 -1.62 16.31 -4.76
CA THR B 125 -1.71 14.91 -4.35
C THR B 125 -1.52 14.79 -2.83
N PHE B 126 -2.08 13.74 -2.24
CA PHE B 126 -2.11 13.61 -0.79
C PHE B 126 -1.83 12.20 -0.31
N PHE B 127 -1.26 12.08 0.89
CA PHE B 127 -1.07 10.77 1.51
C PHE B 127 -2.42 10.27 2.04
N PRO B 128 -2.84 9.09 1.57
CA PRO B 128 -4.18 8.58 1.92
C PRO B 128 -4.44 8.53 3.42
N GLU B 129 -5.70 8.72 3.81
CA GLU B 129 -6.06 8.68 5.22
C GLU B 129 -5.83 7.29 5.80
N MET B 130 -5.41 7.24 7.07
CA MET B 130 -5.23 5.95 7.74
C MET B 130 -5.77 6.02 9.14
N ASP B 131 -6.32 4.90 9.63
CA ASP B 131 -6.77 4.85 11.00
C ASP B 131 -5.56 4.62 11.90
N MET B 132 -5.12 5.66 12.60
CA MET B 132 -3.89 5.57 13.39
C MET B 132 -4.09 4.82 14.70
N THR B 133 -5.32 4.47 15.02
CA THR B 133 -5.57 3.73 16.26
C THR B 133 -4.94 2.33 16.15
N ASN B 134 -4.82 1.84 14.92
CA ASN B 134 -4.14 0.57 14.67
C ASN B 134 -2.61 0.62 14.86
N TRP B 135 -2.08 1.79 15.21
CA TRP B 135 -0.64 2.00 15.18
C TRP B 135 -0.12 2.61 16.47
N LYS B 136 1.14 2.33 16.78
CA LYS B 136 1.77 2.93 17.96
C LYS B 136 3.10 3.54 17.60
N GLU B 137 3.30 4.77 18.02
CA GLU B 137 4.57 5.45 17.75
C GLU B 137 5.69 4.74 18.50
N VAL B 138 6.78 4.43 17.81
CA VAL B 138 7.89 3.71 18.43
C VAL B 138 9.12 4.60 18.42
N PHE B 139 9.04 5.69 17.65
CA PHE B 139 10.12 6.65 17.57
C PHE B 139 9.63 7.99 17.01
N VAL B 140 10.11 9.08 17.61
CA VAL B 140 9.85 10.45 17.15
C VAL B 140 11.17 11.24 17.21
N GLU B 141 11.35 12.23 16.34
CA GLU B 141 12.50 13.14 16.45
C GLU B 141 12.27 14.44 15.65
N LYS B 142 12.53 15.57 16.31
CA LYS B 142 12.37 16.88 15.67
C LYS B 142 13.47 17.07 14.64
N GLY B 143 13.08 17.34 13.41
CA GLY B 143 14.06 17.54 12.35
C GLY B 143 14.84 18.84 12.49
N LEU B 144 15.95 18.93 11.75
CA LEU B 144 16.78 20.14 11.76
C LEU B 144 16.10 21.30 11.04
N THR B 145 15.96 22.43 11.74
CA THR B 145 15.45 23.65 11.14
C THR B 145 16.58 24.66 11.13
N ASP B 146 17.01 25.06 9.94
CA ASP B 146 18.09 26.04 9.80
C ASP B 146 17.91 26.79 8.47
N GLU B 147 18.93 27.51 8.00
CA GLU B 147 18.82 28.24 6.73
C GLU B 147 18.45 27.33 5.55
N LYS B 148 19.04 26.14 5.53
CA LYS B 148 18.84 25.20 4.44
C LYS B 148 17.54 24.42 4.58
N ASN B 149 16.95 24.44 5.78
CA ASN B 149 15.74 23.67 6.02
C ASN B 149 14.77 24.52 6.78
N PRO B 150 14.05 25.38 6.03
CA PRO B 150 13.39 26.51 6.68
C PRO B 150 11.96 26.20 7.08
N TYR B 151 11.74 25.02 7.65
CA TYR B 151 10.44 24.72 8.22
C TYR B 151 10.63 23.93 9.50
N THR B 152 9.55 23.80 10.27
CA THR B 152 9.54 22.94 11.44
C THR B 152 8.92 21.59 11.06
N TYR B 153 9.58 20.50 11.41
CA TYR B 153 9.10 19.17 11.02
C TYR B 153 9.67 18.09 11.93
N TYR B 154 8.94 16.98 12.02
CA TYR B 154 9.28 15.91 12.94
C TYR B 154 9.23 14.56 12.23
N TYR B 155 10.23 13.72 12.51
CA TYR B 155 10.23 12.31 12.09
C TYR B 155 9.40 11.45 13.06
N HIS B 156 8.43 10.71 12.53
CA HIS B 156 7.71 9.70 13.31
C HIS B 156 7.87 8.31 12.69
N VAL B 157 8.04 7.29 13.53
CA VAL B 157 8.04 5.90 13.09
C VAL B 157 6.93 5.13 13.80
N TYR B 158 6.07 4.45 13.05
CA TYR B 158 4.96 3.72 13.66
C TYR B 158 5.00 2.22 13.32
N GLU B 159 4.59 1.40 14.30
CA GLU B 159 4.38 -0.03 14.10
C GLU B 159 3.00 -0.45 14.55
N LYS B 160 2.58 -1.65 14.13
CA LYS B 160 1.26 -2.14 14.47
C LYS B 160 1.18 -2.30 15.98
N GLN B 161 0.13 -1.75 16.56
CA GLN B 161 -0.05 -1.91 17.99
C GLN B 161 -0.56 -3.32 18.17
N GLN B 162 0.12 -4.09 18.99
CA GLN B 162 -0.15 -5.52 19.03
C GLN B 162 -1.42 -5.84 19.80
N LEU B 163 -2.11 -6.89 19.35
CA LEU B 163 -3.39 -7.28 19.95
C LEU B 163 -3.25 -7.93 21.33
N VAL B 164 -4.09 -7.49 22.27
CA VAL B 164 -4.29 -8.22 23.51
C VAL B 164 -5.64 -8.97 23.45
N PRO B 165 -5.61 -10.29 23.59
CA PRO B 165 -6.85 -11.10 23.52
C PRO B 165 -7.90 -10.72 24.57
N ARG B 166 -9.18 -10.79 24.21
CA ARG B 166 -10.27 -10.59 25.16
C ARG B 166 -10.61 -11.89 25.88
N MET C 1 17.12 -2.26 -32.08
CA MET C 1 15.97 -3.16 -31.95
C MET C 1 15.92 -4.17 -33.10
N ILE C 2 16.06 -5.46 -32.80
CA ILE C 2 16.04 -6.45 -33.87
C ILE C 2 14.61 -6.74 -34.35
N VAL C 3 14.33 -6.50 -35.62
CA VAL C 3 13.02 -6.88 -36.16
C VAL C 3 13.14 -8.27 -36.84
N SER C 4 12.53 -9.27 -36.23
CA SER C 4 12.68 -10.64 -36.69
C SER C 4 11.39 -11.19 -37.28
N PHE C 5 11.48 -11.78 -38.48
CA PHE C 5 10.35 -12.54 -39.01
C PHE C 5 10.38 -13.96 -38.45
N MET C 6 9.24 -14.41 -37.96
CA MET C 6 9.08 -15.78 -37.51
C MET C 6 8.00 -16.38 -38.40
N VAL C 7 8.41 -17.35 -39.21
CA VAL C 7 7.49 -17.95 -40.16
C VAL C 7 7.76 -19.44 -40.42
N ALA C 8 6.69 -20.16 -40.72
CA ALA C 8 6.77 -21.56 -41.11
C ALA C 8 6.01 -21.69 -42.40
N MET C 9 6.65 -22.24 -43.43
CA MET C 9 6.03 -22.25 -44.75
C MET C 9 6.42 -23.51 -45.56
N ASP C 10 5.71 -23.75 -46.66
CA ASP C 10 5.92 -24.98 -47.44
C ASP C 10 6.78 -24.74 -48.69
N GLU C 11 6.78 -25.69 -49.63
CA GLU C 11 7.59 -25.60 -50.85
C GLU C 11 7.32 -24.33 -51.64
N ASN C 12 6.07 -23.88 -51.58
CA ASN C 12 5.61 -22.80 -52.41
C ASN C 12 5.26 -21.56 -51.61
N ARG C 13 5.90 -21.43 -50.45
CA ARG C 13 5.75 -20.24 -49.59
C ARG C 13 4.34 -20.10 -49.00
N VAL C 14 3.56 -21.17 -49.03
CA VAL C 14 2.25 -21.17 -48.37
C VAL C 14 2.43 -21.08 -46.84
N ILE C 15 1.65 -20.20 -46.21
CA ILE C 15 1.68 -20.07 -44.76
C ILE C 15 0.31 -20.19 -44.10
N GLY C 16 -0.74 -20.27 -44.91
CA GLY C 16 -2.08 -20.38 -44.36
C GLY C 16 -3.11 -20.85 -45.38
N LYS C 17 -4.22 -21.37 -44.88
CA LYS C 17 -5.37 -21.73 -45.70
C LYS C 17 -6.60 -21.40 -44.89
N ASP C 18 -7.46 -20.54 -45.41
CA ASP C 18 -8.59 -19.99 -44.64
C ASP C 18 -8.04 -19.38 -43.36
N ASN C 19 -6.88 -18.74 -43.46
CA ASN C 19 -6.13 -18.21 -42.31
C ASN C 19 -5.39 -19.23 -41.43
N ASN C 20 -5.71 -20.52 -41.60
CA ASN C 20 -5.21 -21.56 -40.72
C ASN C 20 -3.90 -22.20 -41.19
N LEU C 21 -3.20 -22.86 -40.27
CA LEU C 21 -2.07 -23.71 -40.66
C LEU C 21 -2.64 -24.93 -41.37
N PRO C 22 -2.11 -25.25 -42.57
CA PRO C 22 -2.56 -26.44 -43.32
C PRO C 22 -2.01 -27.74 -42.76
N TRP C 23 -1.02 -27.60 -41.86
CA TRP C 23 -0.30 -28.71 -41.26
C TRP C 23 -0.45 -28.67 -39.74
N ARG C 24 -0.19 -29.79 -39.08
CA ARG C 24 -0.25 -29.87 -37.62
C ARG C 24 1.08 -30.41 -37.14
N LEU C 25 1.90 -29.52 -36.59
CA LEU C 25 3.27 -29.84 -36.26
C LEU C 25 3.59 -29.26 -34.89
N PRO C 26 3.05 -29.88 -33.82
CA PRO C 26 3.21 -29.33 -32.47
C PRO C 26 4.68 -29.18 -32.11
N SER C 27 5.55 -30.04 -32.62
CA SER C 27 6.99 -29.81 -32.43
C SER C 27 7.45 -28.47 -33.02
N GLU C 28 6.97 -28.14 -34.23
CA GLU C 28 7.30 -26.84 -34.85
C GLU C 28 6.86 -25.71 -33.91
N LEU C 29 5.67 -25.87 -33.32
CA LEU C 29 5.12 -24.85 -32.44
C LEU C 29 5.92 -24.74 -31.13
N GLN C 30 6.46 -25.85 -30.64
CA GLN C 30 7.40 -25.82 -29.52
C GLN C 30 8.69 -25.03 -29.87
N TYR C 31 9.16 -25.16 -31.11
CA TYR C 31 10.32 -24.39 -31.56
C TYR C 31 10.03 -22.87 -31.45
N VAL C 32 8.90 -22.45 -31.99
CA VAL C 32 8.44 -21.08 -31.88
C VAL C 32 8.39 -20.61 -30.41
N LYS C 33 7.87 -21.47 -29.52
CA LYS C 33 7.79 -21.12 -28.10
C LYS C 33 9.18 -20.83 -27.55
N LYS C 34 10.08 -21.79 -27.70
CA LYS C 34 11.45 -21.64 -27.24
C LYS C 34 12.15 -20.39 -27.79
N THR C 35 11.99 -20.18 -29.09
CA THR C 35 12.71 -19.11 -29.78
C THR C 35 12.22 -17.72 -29.37
N THR C 36 10.92 -17.58 -29.20
CA THR C 36 10.35 -16.27 -28.90
C THR C 36 10.34 -15.91 -27.39
N MET C 37 10.96 -16.75 -26.57
CA MET C 37 10.96 -16.51 -25.12
C MET C 37 11.53 -15.16 -24.69
N GLY C 38 10.72 -14.41 -23.93
CA GLY C 38 11.16 -13.11 -23.45
C GLY C 38 11.02 -12.03 -24.50
N HIS C 39 10.42 -12.34 -25.64
CA HIS C 39 10.26 -11.34 -26.70
C HIS C 39 8.82 -11.21 -27.17
N PRO C 40 8.43 -9.99 -27.56
CA PRO C 40 7.08 -9.71 -28.06
C PRO C 40 6.77 -10.46 -29.36
N LEU C 41 5.48 -10.73 -29.56
CA LEU C 41 4.98 -11.37 -30.76
C LEU C 41 4.07 -10.36 -31.44
N ILE C 42 4.40 -9.98 -32.67
CA ILE C 42 3.56 -9.04 -33.41
C ILE C 42 2.74 -9.78 -34.46
N MET C 43 1.41 -9.74 -34.32
CA MET C 43 0.55 -10.50 -35.22
C MET C 43 -0.69 -9.72 -35.70
N GLY C 44 -1.13 -10.01 -36.92
CA GLY C 44 -2.38 -9.44 -37.43
C GLY C 44 -3.57 -10.01 -36.69
N ARG C 45 -4.67 -9.26 -36.67
CA ARG C 45 -5.88 -9.71 -36.03
C ARG C 45 -6.28 -11.13 -36.48
N LYS C 46 -6.27 -11.38 -37.79
CA LYS C 46 -6.69 -12.71 -38.32
C LYS C 46 -5.77 -13.82 -37.84
N ASN C 47 -4.47 -13.53 -37.86
CA ASN C 47 -3.46 -14.42 -37.31
C ASN C 47 -3.74 -14.73 -35.82
N TYR C 48 -3.99 -13.70 -35.02
CA TYR C 48 -4.30 -13.90 -33.60
C TYR C 48 -5.55 -14.73 -33.40
N GLU C 49 -6.58 -14.46 -34.20
CA GLU C 49 -7.83 -15.19 -34.04
C GLU C 49 -7.66 -16.67 -34.34
N ALA C 50 -6.86 -16.99 -35.36
CA ALA C 50 -6.58 -18.39 -35.69
C ALA C 50 -5.85 -19.10 -34.52
N ILE C 51 -4.97 -18.37 -33.83
CA ILE C 51 -4.29 -18.90 -32.66
C ILE C 51 -5.32 -19.15 -31.55
N GLY C 52 -6.24 -18.20 -31.38
CA GLY C 52 -7.35 -18.36 -30.47
C GLY C 52 -7.16 -17.83 -29.06
N ARG C 53 -5.90 -17.62 -28.64
CA ARG C 53 -5.62 -17.20 -27.27
C ARG C 53 -4.36 -16.37 -27.26
N PRO C 54 -4.20 -15.53 -26.22
CA PRO C 54 -2.90 -14.90 -25.99
C PRO C 54 -1.88 -15.99 -25.66
N LEU C 55 -0.76 -16.01 -26.36
CA LEU C 55 0.27 -16.99 -26.06
C LEU C 55 0.99 -16.57 -24.78
N PRO C 56 1.07 -17.50 -23.80
CA PRO C 56 1.57 -17.29 -22.43
C PRO C 56 3.01 -16.80 -22.37
N GLY C 57 3.31 -15.92 -21.41
CA GLY C 57 4.67 -15.47 -21.17
C GLY C 57 5.28 -14.52 -22.19
N ARG C 58 4.46 -13.94 -23.06
CA ARG C 58 4.96 -12.94 -24.00
C ARG C 58 3.95 -11.83 -24.15
N ARG C 59 4.42 -10.64 -24.55
CA ARG C 59 3.49 -9.61 -24.99
C ARG C 59 2.89 -10.02 -26.32
N ASN C 60 1.57 -10.13 -26.37
CA ASN C 60 0.90 -10.38 -27.64
C ASN C 60 0.45 -9.03 -28.18
N ILE C 61 1.01 -8.62 -29.31
CA ILE C 61 0.63 -7.35 -29.88
C ILE C 61 -0.16 -7.60 -31.15
N ILE C 62 -1.43 -7.26 -31.11
CA ILE C 62 -2.29 -7.44 -32.28
C ILE C 62 -2.28 -6.17 -33.12
N VAL C 63 -2.00 -6.30 -34.42
CA VAL C 63 -1.98 -5.15 -35.34
C VAL C 63 -3.28 -5.10 -36.14
N THR C 64 -4.05 -4.03 -35.97
CA THR C 64 -5.28 -3.84 -36.73
C THR C 64 -5.62 -2.38 -36.94
N ARG C 65 -6.38 -2.09 -38.00
CA ARG C 65 -6.78 -0.73 -38.34
C ARG C 65 -7.83 -0.21 -37.36
N ASN C 66 -8.64 -1.13 -36.84
CA ASN C 66 -9.77 -0.76 -36.01
C ASN C 66 -9.37 -0.25 -34.62
N GLU C 67 -9.76 0.98 -34.31
CA GLU C 67 -9.27 1.66 -33.10
C GLU C 67 -10.02 1.18 -31.87
N GLY C 68 -11.17 0.57 -32.07
CA GLY C 68 -12.00 0.14 -30.96
C GLY C 68 -11.69 -1.29 -30.56
N TYR C 69 -10.81 -1.91 -31.33
CA TYR C 69 -10.49 -3.32 -31.15
C TYR C 69 -9.70 -3.58 -29.88
N HIS C 70 -10.27 -4.41 -28.99
CA HIS C 70 -9.60 -4.75 -27.75
C HIS C 70 -9.73 -6.24 -27.48
N VAL C 71 -8.66 -6.83 -26.93
CA VAL C 71 -8.69 -8.23 -26.50
C VAL C 71 -7.97 -8.39 -25.17
N GLU C 72 -8.68 -8.95 -24.19
CA GLU C 72 -8.10 -9.17 -22.87
C GLU C 72 -6.79 -9.97 -22.99
N GLY C 73 -5.74 -9.49 -22.35
CA GLY C 73 -4.46 -10.17 -22.38
C GLY C 73 -3.56 -9.73 -23.51
N CYS C 74 -4.09 -8.93 -24.43
CA CYS C 74 -3.31 -8.45 -25.57
C CYS C 74 -3.21 -6.92 -25.63
N GLU C 75 -2.10 -6.43 -26.16
CA GLU C 75 -1.97 -5.02 -26.49
C GLU C 75 -2.39 -4.86 -27.95
N VAL C 76 -2.96 -3.72 -28.30
CA VAL C 76 -3.35 -3.49 -29.69
C VAL C 76 -2.58 -2.32 -30.30
N ALA C 77 -2.15 -2.48 -31.54
CA ALA C 77 -1.42 -1.44 -32.26
C ALA C 77 -2.04 -1.22 -33.64
N HIS C 78 -2.15 0.04 -34.06
CA HIS C 78 -2.92 0.36 -35.25
C HIS C 78 -2.07 0.71 -36.48
N SER C 79 -0.76 0.53 -36.35
CA SER C 79 0.18 0.95 -37.37
C SER C 79 1.58 0.44 -37.01
N VAL C 80 2.46 0.41 -38.01
CA VAL C 80 3.88 0.15 -37.78
C VAL C 80 4.50 1.13 -36.74
N GLU C 81 4.16 2.42 -36.87
CA GLU C 81 4.64 3.46 -35.94
C GLU C 81 4.29 3.08 -34.49
N GLU C 82 3.04 2.67 -34.31
CA GLU C 82 2.54 2.37 -32.98
C GLU C 82 3.20 1.13 -32.41
N VAL C 83 3.50 0.15 -33.25
CA VAL C 83 4.22 -1.03 -32.78
C VAL C 83 5.60 -0.62 -32.28
N PHE C 84 6.33 0.14 -33.10
CA PHE C 84 7.69 0.54 -32.76
C PHE C 84 7.74 1.41 -31.50
N GLU C 85 6.64 2.12 -31.25
CA GLU C 85 6.48 2.89 -30.03
C GLU C 85 6.24 1.98 -28.82
N LEU C 86 5.38 0.98 -29.01
CA LEU C 86 5.08 0.00 -27.95
C LEU C 86 6.31 -0.81 -27.62
N CYS C 87 7.16 -1.04 -28.63
CA CYS C 87 8.34 -1.87 -28.43
C CYS C 87 9.66 -1.09 -28.34
N LYS C 88 9.57 0.20 -27.97
CA LYS C 88 10.75 1.06 -28.06
C LYS C 88 11.87 0.61 -27.11
N ASN C 89 11.51 -0.04 -26.01
CA ASN C 89 12.57 -0.58 -25.17
C ASN C 89 12.95 -2.07 -25.45
N GLU C 90 12.33 -2.70 -26.45
CA GLU C 90 12.59 -4.13 -26.74
C GLU C 90 13.92 -4.44 -27.43
N GLU C 91 14.60 -5.46 -26.93
CA GLU C 91 15.79 -6.01 -27.56
C GLU C 91 15.48 -6.57 -28.96
N GLU C 92 14.37 -7.31 -29.08
CA GLU C 92 14.07 -8.03 -30.31
C GLU C 92 12.57 -8.35 -30.39
N ILE C 93 11.97 -8.16 -31.57
CA ILE C 93 10.55 -8.47 -31.76
C ILE C 93 10.30 -9.52 -32.88
N PHE C 94 9.21 -10.26 -32.74
CA PHE C 94 8.86 -11.28 -33.73
C PHE C 94 7.59 -10.96 -34.50
N ILE C 95 7.79 -10.61 -35.77
CA ILE C 95 6.67 -10.44 -36.66
C ILE C 95 6.15 -11.85 -36.92
N PHE C 96 4.88 -12.07 -36.57
CA PHE C 96 4.33 -13.41 -36.42
C PHE C 96 3.46 -13.80 -37.59
N GLY C 97 3.07 -12.80 -38.37
CA GLY C 97 2.48 -13.09 -39.64
C GLY C 97 1.04 -12.72 -39.89
N GLY C 98 0.54 -13.31 -40.98
CA GLY C 98 -0.43 -12.67 -41.84
C GLY C 98 0.50 -12.12 -42.89
N ALA C 99 0.34 -12.53 -44.14
CA ALA C 99 1.18 -12.02 -45.22
C ALA C 99 1.31 -10.50 -45.15
N GLN C 100 0.18 -9.84 -44.92
CA GLN C 100 0.11 -8.39 -44.99
C GLN C 100 1.02 -7.78 -43.94
N ILE C 101 1.07 -8.44 -42.80
CA ILE C 101 1.82 -7.95 -41.67
C ILE C 101 3.33 -8.13 -41.93
N TYR C 102 3.71 -9.22 -42.60
CA TYR C 102 5.08 -9.35 -43.09
C TYR C 102 5.43 -8.21 -44.08
N ASP C 103 4.52 -7.91 -45.02
CA ASP C 103 4.75 -6.81 -45.97
C ASP C 103 5.00 -5.47 -45.25
N LEU C 104 4.13 -5.13 -44.29
CA LEU C 104 4.30 -3.93 -43.48
C LEU C 104 5.70 -3.81 -42.89
N PHE C 105 6.24 -4.90 -42.37
CA PHE C 105 7.52 -4.82 -41.67
C PHE C 105 8.76 -5.08 -42.52
N LEU C 106 8.53 -5.48 -43.78
CA LEU C 106 9.62 -5.70 -44.73
C LEU C 106 10.70 -4.60 -44.78
N PRO C 107 10.30 -3.31 -44.73
CA PRO C 107 11.43 -2.36 -44.83
C PRO C 107 12.35 -2.38 -43.59
N TYR C 108 11.92 -3.05 -42.52
CA TYR C 108 12.64 -2.98 -41.24
C TYR C 108 13.30 -4.28 -40.79
N VAL C 109 13.09 -5.34 -41.55
CA VAL C 109 13.45 -6.68 -41.09
C VAL C 109 14.98 -6.90 -40.96
N ASP C 110 15.39 -7.47 -39.83
CA ASP C 110 16.80 -7.69 -39.54
C ASP C 110 17.20 -9.16 -39.49
N LYS C 111 16.23 -10.05 -39.30
CA LYS C 111 16.55 -11.44 -39.05
C LYS C 111 15.39 -12.34 -39.48
N LEU C 112 15.72 -13.48 -40.10
CA LEU C 112 14.70 -14.40 -40.59
C LEU C 112 14.75 -15.73 -39.86
N TYR C 113 13.64 -16.08 -39.23
CA TYR C 113 13.50 -17.42 -38.65
C TYR C 113 12.47 -18.16 -39.50
N ILE C 114 12.95 -19.03 -40.39
CA ILE C 114 12.07 -19.65 -41.36
C ILE C 114 12.00 -21.16 -41.21
N THR C 115 10.85 -21.68 -40.79
CA THR C 115 10.68 -23.13 -40.87
C THR C 115 10.26 -23.51 -42.28
N LYS C 116 11.03 -24.35 -42.95
CA LYS C 116 10.67 -24.79 -44.31
C LYS C 116 10.13 -26.22 -44.28
N ILE C 117 8.89 -26.38 -44.74
CA ILE C 117 8.23 -27.70 -44.71
C ILE C 117 8.28 -28.35 -46.09
N HIS C 118 8.90 -29.53 -46.17
CA HIS C 118 9.17 -30.16 -47.46
C HIS C 118 7.93 -30.89 -47.99
N HIS C 119 6.97 -30.11 -48.47
CA HIS C 119 5.68 -30.61 -48.96
C HIS C 119 4.94 -29.44 -49.57
N ALA C 120 4.04 -29.74 -50.50
CA ALA C 120 3.16 -28.74 -51.11
C ALA C 120 1.75 -28.94 -50.58
N PHE C 121 1.23 -27.95 -49.86
CA PHE C 121 -0.11 -27.99 -49.28
C PHE C 121 -1.08 -27.15 -50.13
N GLU C 122 -2.36 -27.28 -49.84
CA GLU C 122 -3.37 -26.33 -50.34
C GLU C 122 -3.36 -25.10 -49.46
N GLY C 123 -3.01 -23.95 -50.00
CA GLY C 123 -3.09 -22.71 -49.24
C GLY C 123 -3.66 -21.55 -50.05
N ASP C 124 -3.96 -20.44 -49.39
CA ASP C 124 -4.49 -19.26 -50.07
C ASP C 124 -3.76 -17.96 -49.70
N THR C 125 -2.75 -18.07 -48.84
CA THR C 125 -1.94 -16.92 -48.50
C THR C 125 -0.46 -17.33 -48.40
N PHE C 126 0.45 -16.40 -48.65
CA PHE C 126 1.86 -16.74 -48.89
C PHE C 126 2.85 -15.81 -48.18
N PHE C 127 3.98 -16.37 -47.74
CA PHE C 127 5.12 -15.57 -47.34
C PHE C 127 5.71 -14.90 -48.59
N PRO C 128 5.79 -13.57 -48.57
CA PRO C 128 6.21 -12.84 -49.78
C PRO C 128 7.65 -13.16 -50.16
N GLU C 129 7.98 -13.03 -51.45
CA GLU C 129 9.32 -13.36 -51.95
C GLU C 129 10.37 -12.42 -51.35
N MET C 130 11.56 -12.96 -51.08
CA MET C 130 12.65 -12.13 -50.59
C MET C 130 13.94 -12.41 -51.38
N ASP C 131 14.78 -11.39 -51.54
CA ASP C 131 16.03 -11.65 -52.23
C ASP C 131 17.02 -12.25 -51.24
N MET C 132 17.20 -13.57 -51.29
CA MET C 132 18.01 -14.24 -50.28
C MET C 132 19.52 -13.99 -50.45
N THR C 133 19.94 -13.35 -51.54
CA THR C 133 21.35 -13.02 -51.71
C THR C 133 21.83 -11.98 -50.69
N ASN C 134 20.90 -11.15 -50.21
CA ASN C 134 21.21 -10.27 -49.08
C ASN C 134 21.25 -11.01 -47.72
N TRP C 135 20.98 -12.31 -47.71
CA TRP C 135 20.90 -13.03 -46.43
C TRP C 135 21.90 -14.17 -46.28
N LYS C 136 22.26 -14.47 -45.03
CA LYS C 136 23.23 -15.53 -44.74
C LYS C 136 22.73 -16.45 -43.64
N GLU C 137 22.70 -17.75 -43.92
CA GLU C 137 22.28 -18.73 -42.92
C GLU C 137 23.27 -18.75 -41.77
N VAL C 138 22.75 -18.65 -40.55
CA VAL C 138 23.62 -18.71 -39.38
C VAL C 138 23.29 -19.92 -38.52
N PHE C 139 22.11 -20.48 -38.71
CA PHE C 139 21.73 -21.71 -38.00
C PHE C 139 20.73 -22.54 -38.81
N VAL C 140 20.83 -23.86 -38.68
CA VAL C 140 19.93 -24.78 -39.36
C VAL C 140 19.72 -25.99 -38.44
N GLU C 141 18.52 -26.55 -38.48
CA GLU C 141 18.18 -27.75 -37.70
C GLU C 141 17.02 -28.48 -38.36
N LYS C 142 17.22 -29.76 -38.63
CA LYS C 142 16.12 -30.61 -39.10
C LYS C 142 15.12 -30.87 -37.98
N GLY C 143 13.85 -30.54 -38.23
CA GLY C 143 12.80 -30.73 -37.24
C GLY C 143 12.47 -32.18 -36.93
N LEU C 144 11.73 -32.38 -35.84
CA LEU C 144 11.26 -33.71 -35.46
C LEU C 144 10.10 -34.20 -36.33
N THR C 145 10.34 -35.28 -37.07
CA THR C 145 9.30 -35.95 -37.86
C THR C 145 8.92 -37.28 -37.22
N ASP C 146 7.69 -37.41 -36.77
CA ASP C 146 7.20 -38.67 -36.22
C ASP C 146 5.69 -38.70 -36.40
N GLU C 147 4.99 -39.47 -35.59
CA GLU C 147 3.55 -39.63 -35.79
C GLU C 147 2.71 -38.38 -35.59
N LYS C 148 3.08 -37.54 -34.63
CA LYS C 148 2.31 -36.34 -34.41
C LYS C 148 2.80 -35.23 -35.32
N ASN C 149 3.97 -35.43 -35.92
CA ASN C 149 4.54 -34.46 -36.83
C ASN C 149 4.89 -35.11 -38.17
N PRO C 150 3.89 -35.25 -39.05
CA PRO C 150 4.08 -36.20 -40.14
C PRO C 150 5.10 -35.71 -41.16
N TYR C 151 5.17 -34.41 -41.43
CA TYR C 151 6.00 -33.93 -42.54
C TYR C 151 7.48 -33.74 -42.17
N THR C 152 8.32 -33.58 -43.19
CA THR C 152 9.75 -33.27 -43.03
C THR C 152 9.94 -31.76 -43.14
N TYR C 153 10.68 -31.19 -42.19
CA TYR C 153 10.82 -29.74 -42.12
C TYR C 153 12.09 -29.32 -41.39
N TYR C 154 12.64 -28.18 -41.79
CA TYR C 154 13.89 -27.70 -41.23
C TYR C 154 13.74 -26.28 -40.69
N TYR C 155 14.23 -26.07 -39.47
CA TYR C 155 14.43 -24.70 -39.01
C TYR C 155 15.70 -24.08 -39.62
N HIS C 156 15.55 -22.87 -40.12
CA HIS C 156 16.66 -22.11 -40.68
C HIS C 156 16.66 -20.71 -40.02
N VAL C 157 17.83 -20.13 -39.78
CA VAL C 157 17.93 -18.76 -39.28
C VAL C 157 18.87 -17.96 -40.20
N TYR C 158 18.46 -16.76 -40.58
CA TYR C 158 19.26 -15.93 -41.49
C TYR C 158 19.47 -14.53 -40.90
N GLU C 159 20.71 -14.05 -40.89
CA GLU C 159 21.00 -12.62 -40.67
C GLU C 159 21.51 -11.99 -41.94
N LYS C 160 21.67 -10.67 -41.95
CA LYS C 160 22.07 -9.97 -43.16
C LYS C 160 23.52 -10.27 -43.55
N GLN C 161 23.74 -10.57 -44.83
CA GLN C 161 25.07 -10.84 -45.33
C GLN C 161 25.86 -9.54 -45.32
N GLN C 162 27.06 -9.57 -44.78
CA GLN C 162 27.88 -8.36 -44.75
C GLN C 162 28.89 -8.38 -45.87
N LEU C 163 28.93 -7.31 -46.65
CA LEU C 163 29.80 -7.25 -47.82
C LEU C 163 31.18 -6.74 -47.46
N VAL C 164 32.18 -7.16 -48.23
CA VAL C 164 33.54 -6.65 -48.06
C VAL C 164 33.72 -5.46 -49.00
N PRO C 165 34.08 -4.30 -48.44
CA PRO C 165 34.28 -3.09 -49.24
C PRO C 165 35.28 -3.33 -50.36
N ARG C 166 35.09 -2.71 -51.51
CA ARG C 166 36.19 -2.54 -52.46
C ARG C 166 37.08 -1.39 -52.01
N MET D 1 22.35 33.56 33.40
CA MET D 1 22.10 32.33 34.14
C MET D 1 20.78 31.69 33.70
N ILE D 2 20.84 30.53 33.07
CA ILE D 2 19.63 29.88 32.60
C ILE D 2 18.92 29.16 33.75
N VAL D 3 17.68 29.55 34.06
CA VAL D 3 16.95 28.88 35.13
C VAL D 3 16.08 27.80 34.50
N SER D 4 16.37 26.54 34.80
CA SER D 4 15.69 25.43 34.11
C SER D 4 14.87 24.56 35.07
N PHE D 5 13.64 24.25 34.68
CA PHE D 5 12.83 23.30 35.45
C PHE D 5 13.13 21.88 34.97
N MET D 6 13.52 21.00 35.89
CA MET D 6 13.68 19.59 35.57
C MET D 6 12.61 18.79 36.32
N VAL D 7 11.73 18.14 35.55
CA VAL D 7 10.58 17.45 36.12
C VAL D 7 10.18 16.20 35.36
N ALA D 8 9.59 15.24 36.08
CA ALA D 8 8.95 14.08 35.48
C ALA D 8 7.55 14.03 36.06
N MET D 9 6.53 14.12 35.20
CA MET D 9 5.14 14.11 35.67
C MET D 9 4.26 13.20 34.83
N ASP D 10 3.15 12.74 35.42
CA ASP D 10 2.23 11.91 34.68
C ASP D 10 1.18 12.74 33.95
N GLU D 11 0.12 12.07 33.47
CA GLU D 11 -0.92 12.74 32.71
C GLU D 11 -1.69 13.78 33.52
N ASN D 12 -1.66 13.67 34.85
CA ASN D 12 -2.35 14.63 35.73
C ASN D 12 -1.39 15.57 36.44
N ARG D 13 -0.15 15.59 35.95
CA ARG D 13 0.94 16.40 36.50
C ARG D 13 1.32 15.97 37.91
N VAL D 14 0.98 14.74 38.29
CA VAL D 14 1.51 14.16 39.51
C VAL D 14 3.03 14.12 39.42
N ILE D 15 3.70 14.62 40.46
CA ILE D 15 5.16 14.53 40.53
C ILE D 15 5.63 13.75 41.76
N GLY D 16 4.70 13.30 42.58
CA GLY D 16 5.04 12.59 43.81
C GLY D 16 3.83 12.01 44.52
N LYS D 17 4.12 11.14 45.48
CA LYS D 17 3.11 10.52 46.33
C LYS D 17 3.83 9.99 47.56
N ASP D 18 3.49 10.52 48.74
CA ASP D 18 4.23 10.22 49.97
C ASP D 18 5.69 10.61 49.80
N ASN D 19 5.91 11.76 49.19
CA ASN D 19 7.24 12.33 48.91
C ASN D 19 8.02 11.70 47.77
N ASN D 20 7.94 10.37 47.61
CA ASN D 20 8.61 9.68 46.49
C ASN D 20 7.78 9.57 45.20
N LEU D 21 8.38 9.02 44.16
CA LEU D 21 7.71 8.91 42.87
C LEU D 21 6.84 7.67 42.86
N PRO D 22 5.65 7.78 42.25
CA PRO D 22 4.75 6.61 42.18
C PRO D 22 5.23 5.64 41.10
N TRP D 23 6.27 6.01 40.37
CA TRP D 23 6.82 5.13 39.34
C TRP D 23 8.29 4.80 39.59
N ARG D 24 8.75 3.70 39.04
CA ARG D 24 10.18 3.39 39.04
C ARG D 24 10.67 3.28 37.59
N LEU D 25 11.29 4.36 37.12
CA LEU D 25 11.82 4.39 35.78
C LEU D 25 13.29 4.68 35.85
N PRO D 26 14.12 3.64 36.06
CA PRO D 26 15.56 3.85 36.15
C PRO D 26 16.10 4.57 34.93
N SER D 27 15.60 4.25 33.75
CA SER D 27 16.14 4.90 32.56
C SER D 27 15.86 6.41 32.59
N GLU D 28 14.68 6.81 33.06
CA GLU D 28 14.37 8.23 33.24
C GLU D 28 15.42 8.92 34.12
N LEU D 29 15.86 8.22 35.18
CA LEU D 29 16.77 8.83 36.14
C LEU D 29 18.16 9.03 35.54
N GLN D 30 18.56 8.09 34.67
CA GLN D 30 19.80 8.21 33.93
CA GLN D 30 19.80 8.22 33.93
C GLN D 30 19.75 9.40 32.98
N TYR D 31 18.57 9.71 32.44
CA TYR D 31 18.41 10.90 31.60
C TYR D 31 18.61 12.16 32.44
N VAL D 32 18.02 12.16 33.63
CA VAL D 32 18.21 13.26 34.56
C VAL D 32 19.69 13.46 34.89
N LYS D 33 20.42 12.36 35.11
CA LYS D 33 21.80 12.46 35.55
C LYS D 33 22.70 13.05 34.47
N LYS D 34 22.52 12.56 33.25
CA LYS D 34 23.25 13.08 32.10
C LYS D 34 22.93 14.57 31.84
N THR D 35 21.66 14.91 31.91
CA THR D 35 21.21 16.23 31.50
C THR D 35 21.64 17.33 32.49
N THR D 36 21.55 17.04 33.79
CA THR D 36 21.81 18.02 34.85
C THR D 36 23.28 18.03 35.29
N MET D 37 24.14 17.35 34.53
CA MET D 37 25.55 17.19 34.87
C MET D 37 26.42 18.46 34.67
N GLY D 38 27.22 18.80 35.68
CA GLY D 38 28.02 20.01 35.63
C GLY D 38 27.16 21.25 35.84
N HIS D 39 26.01 21.03 36.47
CA HIS D 39 25.08 22.13 36.74
C HIS D 39 24.44 21.95 38.14
N PRO D 40 24.24 23.07 38.86
CA PRO D 40 23.65 22.98 40.19
C PRO D 40 22.24 22.39 40.17
N LEU D 41 21.97 21.57 41.18
CA LEU D 41 20.64 21.00 41.39
C LEU D 41 20.00 21.73 42.54
N ILE D 42 18.87 22.38 42.29
CA ILE D 42 18.24 23.13 43.35
C ILE D 42 17.04 22.34 43.79
N MET D 43 17.07 21.80 45.01
CA MET D 43 15.92 21.05 45.51
C MET D 43 15.45 21.46 46.90
N GLY D 44 14.15 21.33 47.15
CA GLY D 44 13.61 21.49 48.49
C GLY D 44 14.15 20.40 49.41
N ARG D 45 14.18 20.69 50.71
CA ARG D 45 14.64 19.73 51.72
C ARG D 45 13.91 18.40 51.67
N LYS D 46 12.58 18.43 51.55
CA LYS D 46 11.80 17.20 51.51
C LYS D 46 12.19 16.38 50.29
N ASN D 47 12.40 17.07 49.18
CA ASN D 47 12.74 16.38 47.95
C ASN D 47 14.10 15.72 48.04
N TYR D 48 15.03 16.36 48.77
CA TYR D 48 16.37 15.82 48.93
C TYR D 48 16.32 14.64 49.88
N GLU D 49 15.49 14.79 50.90
CA GLU D 49 15.27 13.71 51.85
C GLU D 49 14.57 12.53 51.17
N ALA D 50 13.73 12.80 50.17
CA ALA D 50 13.02 11.74 49.45
C ALA D 50 14.02 10.88 48.67
N ILE D 51 15.16 11.50 48.39
CA ILE D 51 16.28 10.90 47.66
C ILE D 51 17.26 10.20 48.63
N GLY D 52 18.02 10.96 49.41
CA GLY D 52 18.83 10.35 50.46
C GLY D 52 20.28 10.75 50.50
N ARG D 53 20.90 10.86 49.33
CA ARG D 53 22.30 11.24 49.25
C ARG D 53 22.44 12.48 48.39
N PRO D 54 23.61 13.10 48.43
CA PRO D 54 23.93 14.19 47.52
C PRO D 54 24.25 13.61 46.15
N LEU D 55 23.49 13.97 45.15
CA LEU D 55 23.74 13.48 43.80
C LEU D 55 25.13 13.96 43.35
N PRO D 56 26.03 13.01 43.16
CA PRO D 56 27.41 13.31 42.74
C PRO D 56 27.56 14.15 41.49
N GLY D 57 28.77 14.67 41.30
CA GLY D 57 29.11 15.44 40.13
C GLY D 57 28.26 16.69 39.97
N ARG D 58 27.70 17.17 41.07
CA ARG D 58 26.82 18.32 41.02
C ARG D 58 26.96 19.23 42.22
N ARG D 59 26.58 20.48 42.04
CA ARG D 59 26.45 21.41 43.15
C ARG D 59 25.04 21.22 43.69
N ASN D 60 24.92 20.50 44.80
CA ASN D 60 23.60 20.24 45.35
C ASN D 60 23.21 21.41 46.25
N ILE D 61 22.12 22.09 45.91
CA ILE D 61 21.67 23.20 46.73
C ILE D 61 20.28 22.95 47.33
N ILE D 62 20.22 22.93 48.65
CA ILE D 62 18.94 22.66 49.30
C ILE D 62 18.23 23.94 49.74
N VAL D 63 16.94 24.04 49.40
CA VAL D 63 16.13 25.20 49.77
C VAL D 63 15.22 24.86 50.96
N THR D 64 15.36 25.66 52.01
CA THR D 64 14.61 25.54 53.27
C THR D 64 14.79 26.82 54.09
N ARG D 65 13.75 27.27 54.79
CA ARG D 65 13.85 28.51 55.57
C ARG D 65 14.51 28.23 56.90
N ASN D 66 14.72 26.96 57.20
CA ASN D 66 15.41 26.54 58.40
C ASN D 66 16.87 27.01 58.39
N GLU D 67 17.18 28.06 59.14
CA GLU D 67 18.53 28.61 59.11
C GLU D 67 19.54 27.64 59.73
N GLY D 68 19.07 26.77 60.62
CA GLY D 68 19.95 25.79 61.23
C GLY D 68 20.15 24.49 60.45
N TYR D 69 19.49 24.36 59.31
CA TYR D 69 19.58 23.12 58.52
C TYR D 69 20.96 22.93 57.90
N HIS D 70 21.55 21.75 58.09
CA HIS D 70 22.84 21.44 57.46
C HIS D 70 22.95 20.00 56.99
N VAL D 71 23.64 19.80 55.88
CA VAL D 71 23.84 18.48 55.28
C VAL D 71 25.20 18.41 54.58
N GLU D 72 26.01 17.42 54.92
CA GLU D 72 27.34 17.26 54.30
C GLU D 72 27.22 17.00 52.81
N GLY D 73 28.14 17.59 52.03
CA GLY D 73 28.13 17.43 50.58
C GLY D 73 27.13 18.35 49.91
N CYS D 74 26.36 19.07 50.72
CA CYS D 74 25.33 19.98 50.23
C CYS D 74 25.52 21.41 50.73
N GLU D 75 25.02 22.37 49.96
CA GLU D 75 24.90 23.73 50.43
C GLU D 75 23.42 24.03 50.68
N VAL D 76 23.16 24.97 51.59
CA VAL D 76 21.79 25.32 51.95
C VAL D 76 21.52 26.78 51.64
N ALA D 77 20.52 27.03 50.80
CA ALA D 77 20.03 28.39 50.57
C ALA D 77 18.68 28.51 51.25
N HIS D 78 18.35 29.69 51.74
CA HIS D 78 17.13 29.84 52.51
C HIS D 78 16.08 30.66 51.79
N SER D 79 16.30 30.90 50.50
CA SER D 79 15.49 31.87 49.80
C SER D 79 15.82 31.97 48.31
N VAL D 80 14.87 32.47 47.51
CA VAL D 80 15.13 32.68 46.08
C VAL D 80 16.38 33.56 45.92
N GLU D 81 16.42 34.66 46.68
CA GLU D 81 17.56 35.58 46.70
C GLU D 81 18.87 34.83 46.89
N GLU D 82 18.89 33.98 47.90
CA GLU D 82 20.09 33.24 48.27
C GLU D 82 20.53 32.25 47.18
N VAL D 83 19.58 31.55 46.57
CA VAL D 83 19.93 30.67 45.46
C VAL D 83 20.65 31.45 44.35
N PHE D 84 20.08 32.60 43.99
CA PHE D 84 20.65 33.42 42.92
C PHE D 84 22.03 33.98 43.26
N GLU D 85 22.24 34.36 44.51
CA GLU D 85 23.58 34.78 44.93
C GLU D 85 24.55 33.60 44.88
N LEU D 86 24.12 32.43 45.36
CA LEU D 86 24.93 31.23 45.27
C LEU D 86 25.28 30.86 43.82
N CYS D 87 24.36 31.12 42.89
CA CYS D 87 24.56 30.71 41.48
C CYS D 87 24.89 31.86 40.52
N LYS D 88 25.44 32.94 41.05
CA LYS D 88 25.66 34.14 40.24
C LYS D 88 26.62 33.94 39.07
N ASN D 89 27.56 33.03 39.21
CA ASN D 89 28.46 32.72 38.09
C ASN D 89 28.07 31.46 37.29
N GLU D 90 26.84 30.95 37.48
CA GLU D 90 26.44 29.71 36.83
C GLU D 90 25.85 29.91 35.43
N GLU D 91 26.17 29.00 34.51
CA GLU D 91 25.55 28.99 33.19
C GLU D 91 24.07 28.67 33.27
N GLU D 92 23.76 27.62 34.00
CA GLU D 92 22.41 27.06 34.02
C GLU D 92 22.24 26.30 35.33
N ILE D 93 21.09 26.49 35.97
CA ILE D 93 20.71 25.71 37.13
C ILE D 93 19.43 24.93 36.88
N PHE D 94 19.28 23.82 37.59
CA PHE D 94 18.10 22.98 37.42
C PHE D 94 17.22 23.00 38.65
N ILE D 95 16.04 23.58 38.51
CA ILE D 95 15.08 23.51 39.59
C ILE D 95 14.60 22.07 39.62
N PHE D 96 14.87 21.40 40.73
CA PHE D 96 14.70 19.97 40.80
C PHE D 96 13.43 19.53 41.49
N GLY D 97 12.72 20.46 42.12
CA GLY D 97 11.39 20.12 42.61
C GLY D 97 11.10 20.21 44.09
N GLY D 98 9.97 19.59 44.44
CA GLY D 98 9.10 20.09 45.46
C GLY D 98 8.23 21.05 44.66
N ALA D 99 6.95 20.72 44.54
CA ALA D 99 5.96 21.63 43.97
C ALA D 99 6.19 23.07 44.44
N GLN D 100 6.33 23.26 45.74
CA GLN D 100 6.50 24.59 46.34
C GLN D 100 7.71 25.32 45.77
N ILE D 101 8.75 24.55 45.44
CA ILE D 101 10.02 25.07 44.93
C ILE D 101 9.86 25.51 43.47
N TYR D 102 9.12 24.72 42.69
CA TYR D 102 8.77 25.13 41.34
C TYR D 102 8.05 26.45 41.39
N ASP D 103 7.02 26.56 42.24
CA ASP D 103 6.28 27.82 42.38
C ASP D 103 7.18 29.02 42.69
N LEU D 104 8.19 28.83 43.54
CA LEU D 104 9.07 29.95 43.89
C LEU D 104 9.88 30.43 42.68
N PHE D 105 10.23 29.51 41.79
CA PHE D 105 11.09 29.87 40.68
C PHE D 105 10.35 30.09 39.35
N LEU D 106 9.02 29.96 39.38
CA LEU D 106 8.21 30.23 38.19
C LEU D 106 8.51 31.57 37.52
N PRO D 107 8.60 32.68 38.29
CA PRO D 107 8.78 33.98 37.61
C PRO D 107 10.11 34.10 36.87
N TYR D 108 11.01 33.13 37.08
CA TYR D 108 12.38 33.23 36.56
C TYR D 108 12.70 32.15 35.52
N VAL D 109 11.82 31.15 35.42
CA VAL D 109 12.11 29.98 34.57
C VAL D 109 12.30 30.34 33.08
N ASP D 110 13.35 29.78 32.48
CA ASP D 110 13.74 30.09 31.11
C ASP D 110 13.68 28.87 30.19
N LYS D 111 13.69 27.67 30.79
CA LYS D 111 13.78 26.43 30.02
C LYS D 111 13.08 25.28 30.76
N LEU D 112 12.33 24.46 30.02
CA LEU D 112 11.56 23.36 30.61
C LEU D 112 12.06 21.99 30.14
N TYR D 113 12.62 21.20 31.07
CA TYR D 113 12.94 19.80 30.79
C TYR D 113 11.88 18.94 31.42
N ILE D 114 10.89 18.53 30.62
CA ILE D 114 9.78 17.81 31.19
C ILE D 114 9.53 16.41 30.58
N THR D 115 9.64 15.41 31.45
CA THR D 115 9.33 14.03 31.10
C THR D 115 7.83 13.82 31.35
N LYS D 116 7.10 13.44 30.31
CA LYS D 116 5.68 13.21 30.44
C LYS D 116 5.43 11.72 30.40
N ILE D 117 4.87 11.17 31.47
CA ILE D 117 4.60 9.75 31.53
C ILE D 117 3.15 9.51 31.15
N HIS D 118 2.92 8.64 30.17
CA HIS D 118 1.56 8.38 29.69
C HIS D 118 0.82 7.39 30.58
N HIS D 119 0.61 7.76 31.84
CA HIS D 119 -0.17 6.95 32.77
C HIS D 119 -0.73 7.88 33.84
N ALA D 120 -1.71 7.40 34.61
CA ALA D 120 -2.25 8.16 35.73
C ALA D 120 -2.06 7.38 37.04
N PHE D 121 -1.21 7.92 37.90
CA PHE D 121 -0.86 7.29 39.17
C PHE D 121 -1.66 7.96 40.26
N GLU D 122 -1.63 7.40 41.46
CA GLU D 122 -2.11 8.13 42.62
C GLU D 122 -0.97 8.98 43.15
N GLY D 123 -1.25 10.25 43.38
CA GLY D 123 -0.24 11.19 43.84
C GLY D 123 -0.86 12.32 44.63
N ASP D 124 -0.03 13.01 45.42
CA ASP D 124 -0.54 14.00 46.35
C ASP D 124 0.11 15.35 46.10
N THR D 125 1.13 15.38 45.25
CA THR D 125 1.81 16.64 44.93
C THR D 125 1.94 16.82 43.40
N PHE D 126 1.78 18.06 42.93
CA PHE D 126 1.62 18.31 41.49
C PHE D 126 2.57 19.36 40.90
N PHE D 127 2.87 19.22 39.61
CA PHE D 127 3.61 20.25 38.88
C PHE D 127 2.63 21.36 38.50
N PRO D 128 2.91 22.59 38.95
CA PRO D 128 1.92 23.67 38.79
C PRO D 128 1.62 23.94 37.33
N GLU D 129 0.44 24.48 37.05
CA GLU D 129 0.05 24.78 35.68
C GLU D 129 0.98 25.80 35.05
N MET D 130 1.25 25.65 33.75
CA MET D 130 1.97 26.68 33.00
C MET D 130 1.35 26.89 31.62
N ASP D 131 1.18 28.15 31.27
CA ASP D 131 0.75 28.54 29.93
C ASP D 131 1.84 28.16 28.92
N MET D 132 1.58 27.13 28.13
CA MET D 132 2.58 26.60 27.21
C MET D 132 2.58 27.30 25.85
N THR D 133 1.75 28.33 25.73
CA THR D 133 1.61 29.03 24.45
C THR D 133 2.74 30.03 24.20
N ASN D 134 3.55 30.26 25.21
CA ASN D 134 4.77 31.05 24.99
C ASN D 134 6.03 30.19 25.14
N TRP D 135 5.84 28.88 25.07
CA TRP D 135 6.95 27.94 25.08
C TRP D 135 7.07 27.15 23.76
N LYS D 136 8.30 26.98 23.28
CA LYS D 136 8.58 26.27 22.04
C LYS D 136 9.38 25.01 22.29
N GLU D 137 8.89 23.89 21.77
CA GLU D 137 9.60 22.61 21.89
C GLU D 137 10.86 22.64 21.01
N VAL D 138 12.03 22.41 21.63
CA VAL D 138 13.27 22.33 20.87
C VAL D 138 13.81 20.90 20.79
N PHE D 139 13.23 19.99 21.55
CA PHE D 139 13.67 18.58 21.54
C PHE D 139 12.61 17.68 22.13
N VAL D 140 12.43 16.50 21.50
CA VAL D 140 11.53 15.45 21.99
C VAL D 140 12.23 14.10 21.81
N GLU D 141 11.90 13.14 22.66
CA GLU D 141 12.47 11.80 22.57
C GLU D 141 11.65 10.84 23.41
N LYS D 142 11.22 9.73 22.80
CA LYS D 142 10.49 8.70 23.53
C LYS D 142 11.45 7.95 24.45
N GLY D 143 11.09 7.82 25.72
CA GLY D 143 11.92 7.11 26.67
C GLY D 143 11.88 5.61 26.44
N LEU D 144 12.84 4.90 27.02
CA LEU D 144 12.92 3.45 26.88
C LEU D 144 11.83 2.76 27.70
N THR D 145 10.91 2.08 27.04
CA THR D 145 9.95 1.24 27.75
C THR D 145 10.37 -0.23 27.69
N ASP D 146 10.55 -0.86 28.86
CA ASP D 146 10.90 -2.30 28.92
C ASP D 146 10.57 -2.89 30.29
N GLU D 147 11.09 -4.08 30.57
CA GLU D 147 10.85 -4.78 31.84
C GLU D 147 11.12 -3.89 33.05
N LYS D 148 12.25 -3.19 33.04
CA LYS D 148 12.62 -2.32 34.15
C LYS D 148 11.96 -0.93 34.07
N ASN D 149 11.41 -0.59 32.91
CA ASN D 149 10.71 0.70 32.74
C ASN D 149 9.31 0.50 32.17
N PRO D 150 8.37 0.10 33.04
CA PRO D 150 7.10 -0.42 32.52
C PRO D 150 6.10 0.65 32.10
N TYR D 151 6.54 1.88 31.81
CA TYR D 151 5.61 2.88 31.29
C TYR D 151 6.07 3.46 29.95
N THR D 152 5.12 3.99 29.18
CA THR D 152 5.45 4.81 28.03
C THR D 152 5.60 6.26 28.52
N TYR D 153 6.65 6.93 28.06
CA TYR D 153 6.94 8.30 28.50
C TYR D 153 7.87 9.00 27.48
N TYR D 154 7.86 10.33 27.51
CA TYR D 154 8.57 11.12 26.52
C TYR D 154 9.32 12.28 27.20
N TYR D 155 10.59 12.41 26.85
CA TYR D 155 11.38 13.57 27.21
C TYR D 155 11.02 14.73 26.29
N HIS D 156 10.77 15.88 26.90
CA HIS D 156 10.53 17.11 26.15
C HIS D 156 11.40 18.24 26.70
N VAL D 157 11.91 19.08 25.79
CA VAL D 157 12.63 20.26 26.20
C VAL D 157 11.97 21.48 25.56
N TYR D 158 11.54 22.42 26.42
CA TYR D 158 10.89 23.64 25.92
C TYR D 158 11.74 24.88 26.25
N GLU D 159 11.81 25.80 25.30
CA GLU D 159 12.45 27.10 25.49
C GLU D 159 11.43 28.18 25.22
N LYS D 160 11.78 29.40 25.63
CA LYS D 160 10.87 30.53 25.55
C LYS D 160 10.68 30.93 24.09
N GLN D 161 9.43 31.06 23.66
CA GLN D 161 9.16 31.49 22.29
C GLN D 161 9.61 32.95 22.11
N GLN D 162 10.27 33.23 20.99
CA GLN D 162 10.85 34.55 20.76
C GLN D 162 9.83 35.53 20.21
N LEU D 163 9.73 36.68 20.85
CA LEU D 163 8.77 37.68 20.40
C LEU D 163 9.30 38.42 19.18
N VAL D 164 8.58 38.31 18.08
CA VAL D 164 8.89 39.10 16.89
C VAL D 164 8.31 40.49 17.08
N PRO D 165 9.18 41.49 17.06
CA PRO D 165 8.76 42.87 17.31
C PRO D 165 7.63 43.33 16.39
N ARG D 166 7.18 44.56 16.60
CA ARG D 166 6.14 45.16 15.76
C ARG D 166 6.19 46.68 15.84
N MET E 1 14.03 -8.69 35.79
CA MET E 1 13.31 -9.94 35.93
C MET E 1 13.68 -10.85 34.78
N ILE E 2 13.61 -12.16 35.01
CA ILE E 2 13.80 -13.12 33.95
C ILE E 2 12.44 -13.45 33.33
N VAL E 3 12.28 -13.13 32.05
CA VAL E 3 11.05 -13.49 31.35
C VAL E 3 11.22 -14.89 30.73
N SER E 4 10.52 -15.87 31.30
CA SER E 4 10.61 -17.22 30.78
C SER E 4 9.35 -17.70 30.04
N PHE E 5 9.58 -18.36 28.92
CA PHE E 5 8.52 -19.09 28.25
C PHE E 5 8.50 -20.50 28.83
N MET E 6 7.31 -20.94 29.21
CA MET E 6 7.10 -22.30 29.66
C MET E 6 6.05 -22.86 28.75
N VAL E 7 6.39 -23.92 28.01
CA VAL E 7 5.48 -24.47 27.02
C VAL E 7 5.71 -25.97 26.75
N ALA E 8 4.63 -26.65 26.40
CA ALA E 8 4.74 -28.01 25.90
C ALA E 8 4.10 -28.09 24.51
N MET E 9 4.83 -28.64 23.53
CA MET E 9 4.35 -28.68 22.16
C MET E 9 4.71 -30.00 21.44
N ASP E 10 4.03 -30.29 20.34
CA ASP E 10 4.35 -31.53 19.61
C ASP E 10 5.34 -31.28 18.48
N GLU E 11 5.44 -32.25 17.57
CA GLU E 11 6.33 -32.19 16.40
C GLU E 11 6.18 -30.94 15.55
N ASN E 12 4.96 -30.42 15.48
CA ASN E 12 4.67 -29.31 14.59
C ASN E 12 4.24 -28.06 15.35
N ARG E 13 4.61 -28.00 16.63
CA ARG E 13 4.43 -26.80 17.49
C ARG E 13 3.03 -26.65 18.04
N VAL E 14 2.20 -27.69 17.89
CA VAL E 14 0.84 -27.65 18.43
C VAL E 14 0.87 -27.57 19.96
N ILE E 15 0.09 -26.66 20.54
CA ILE E 15 0.05 -26.50 21.98
C ILE E 15 -1.35 -26.64 22.55
N GLY E 16 -2.33 -26.83 21.67
CA GLY E 16 -3.70 -26.95 22.12
C GLY E 16 -4.63 -27.45 21.04
N LYS E 17 -5.80 -27.91 21.45
CA LYS E 17 -6.85 -28.35 20.53
C LYS E 17 -8.19 -28.20 21.26
N ASP E 18 -9.10 -27.43 20.67
CA ASP E 18 -10.41 -27.19 21.27
C ASP E 18 -10.28 -26.52 22.64
N ASN E 19 -9.20 -25.78 22.83
CA ASN E 19 -8.85 -25.21 24.13
C ASN E 19 -8.67 -26.28 25.23
N ASN E 20 -7.92 -27.33 24.88
CA ASN E 20 -7.44 -28.31 25.83
C ASN E 20 -6.15 -28.93 25.32
N LEU E 21 -5.45 -29.68 26.16
CA LEU E 21 -4.22 -30.34 25.73
C LEU E 21 -4.58 -31.58 24.93
N PRO E 22 -3.95 -31.76 23.77
CA PRO E 22 -4.17 -32.95 22.94
C PRO E 22 -3.65 -34.19 23.65
N TRP E 23 -2.68 -34.00 24.53
CA TRP E 23 -2.07 -35.11 25.25
C TRP E 23 -2.43 -35.10 26.74
N ARG E 24 -2.22 -36.23 27.38
CA ARG E 24 -2.38 -36.36 28.82
C ARG E 24 -1.09 -36.96 29.40
N LEU E 25 -0.29 -36.08 30.00
CA LEU E 25 1.03 -36.44 30.52
C LEU E 25 1.19 -35.90 31.94
N PRO E 26 0.60 -36.58 32.95
CA PRO E 26 0.62 -36.05 34.32
C PRO E 26 2.04 -35.80 34.81
N SER E 27 3.03 -36.55 34.32
CA SER E 27 4.41 -36.34 34.73
C SER E 27 4.94 -35.00 34.21
N GLU E 28 4.55 -34.64 32.99
CA GLU E 28 4.91 -33.32 32.39
C GLU E 28 4.42 -32.17 33.27
N LEU E 29 3.17 -32.28 33.73
CA LEU E 29 2.53 -31.22 34.51
C LEU E 29 3.22 -31.11 35.87
N GLN E 30 3.78 -32.23 36.32
CA GLN E 30 4.56 -32.22 37.54
C GLN E 30 5.87 -31.45 37.36
N TYR E 31 6.47 -31.54 36.18
CA TYR E 31 7.68 -30.77 35.90
C TYR E 31 7.35 -29.27 35.93
N VAL E 32 6.23 -28.90 35.30
CA VAL E 32 5.74 -27.54 35.31
C VAL E 32 5.54 -27.03 36.73
N LYS E 33 4.76 -27.78 37.51
CA LYS E 33 4.47 -27.40 38.89
C LYS E 33 5.73 -27.18 39.71
N LYS E 34 6.68 -28.10 39.61
CA LYS E 34 7.94 -27.97 40.34
C LYS E 34 8.73 -26.73 39.91
N THR E 35 8.90 -26.57 38.61
CA THR E 35 9.75 -25.54 38.04
C THR E 35 9.22 -24.14 38.32
N THR E 36 7.89 -23.99 38.24
CA THR E 36 7.26 -22.69 38.48
C THR E 36 6.84 -22.43 39.93
N MET E 37 7.18 -23.33 40.85
CA MET E 37 6.90 -23.09 42.28
C MET E 37 7.55 -21.79 42.79
N GLY E 38 6.75 -20.90 43.36
CA GLY E 38 7.26 -19.62 43.84
C GLY E 38 7.36 -18.50 42.80
N HIS E 39 6.97 -18.78 41.56
CA HIS E 39 7.05 -17.75 40.51
C HIS E 39 5.70 -17.50 39.83
N PRO E 40 5.48 -16.27 39.33
CA PRO E 40 4.23 -15.91 38.66
C PRO E 40 4.00 -16.66 37.35
N LEU E 41 2.76 -17.11 37.16
CA LEU E 41 2.33 -17.66 35.88
C LEU E 41 1.53 -16.59 35.16
N ILE E 42 1.91 -16.27 33.93
CA ILE E 42 1.15 -15.30 33.15
C ILE E 42 0.46 -16.03 32.00
N MET E 43 -0.86 -15.90 31.93
CA MET E 43 -1.61 -16.59 30.89
C MET E 43 -2.76 -15.74 30.35
N GLY E 44 -3.10 -15.94 29.08
CA GLY E 44 -4.32 -15.35 28.53
C GLY E 44 -5.57 -15.99 29.14
N ARG E 45 -6.68 -15.26 29.06
CA ARG E 45 -7.96 -15.72 29.58
C ARG E 45 -8.31 -17.15 29.16
N LYS E 46 -8.21 -17.45 27.86
CA LYS E 46 -8.59 -18.77 27.35
C LYS E 46 -7.74 -19.87 28.01
N ASN E 47 -6.43 -19.62 28.07
CA ASN E 47 -5.50 -20.53 28.72
C ASN E 47 -5.91 -20.83 30.16
N TYR E 48 -6.37 -19.81 30.87
CA TYR E 48 -6.75 -19.97 32.27
C TYR E 48 -8.02 -20.77 32.41
N GLU E 49 -8.95 -20.53 31.49
CA GLU E 49 -10.21 -21.23 31.52
C GLU E 49 -10.02 -22.71 31.23
N ALA E 50 -9.08 -23.03 30.36
CA ALA E 50 -8.80 -24.42 30.00
C ALA E 50 -8.25 -25.21 31.20
N ILE E 51 -7.46 -24.53 32.03
CA ILE E 51 -6.96 -25.10 33.27
C ILE E 51 -8.07 -25.27 34.31
N GLY E 52 -8.98 -24.28 34.36
CA GLY E 52 -10.18 -24.40 35.18
C GLY E 52 -10.19 -23.77 36.57
N ARG E 53 -9.05 -23.27 37.02
CA ARG E 53 -8.91 -22.85 38.42
C ARG E 53 -7.59 -22.14 38.63
N PRO E 54 -7.45 -21.43 39.76
CA PRO E 54 -6.09 -20.96 40.03
C PRO E 54 -5.20 -22.15 40.37
N LEU E 55 -3.96 -22.10 39.90
CA LEU E 55 -2.95 -23.09 40.28
C LEU E 55 -2.23 -22.58 41.52
N PRO E 56 -2.42 -23.30 42.65
CA PRO E 56 -2.04 -22.86 44.00
C PRO E 56 -0.54 -22.66 44.18
N GLY E 57 -0.15 -21.82 45.14
CA GLY E 57 1.25 -21.62 45.48
C GLY E 57 2.06 -20.80 44.48
N ARG E 58 1.39 -20.24 43.48
CA ARG E 58 2.02 -19.31 42.55
C ARG E 58 1.09 -18.13 42.30
N ARG E 59 1.65 -17.01 41.84
CA ARG E 59 0.84 -15.88 41.44
C ARG E 59 0.25 -16.17 40.06
N ASN E 60 -1.07 -16.16 39.96
CA ASN E 60 -1.72 -16.27 38.67
C ASN E 60 -2.03 -14.87 38.18
N ILE E 61 -1.44 -14.47 37.04
CA ILE E 61 -1.77 -13.20 36.42
C ILE E 61 -2.41 -13.48 35.07
N ILE E 62 -3.63 -12.99 34.86
CA ILE E 62 -4.35 -13.25 33.62
C ILE E 62 -4.38 -12.03 32.68
N VAL E 63 -4.02 -12.23 31.41
CA VAL E 63 -3.94 -11.14 30.42
C VAL E 63 -5.18 -11.07 29.50
N THR E 64 -5.93 -9.96 29.60
CA THR E 64 -7.11 -9.72 28.74
C THR E 64 -7.28 -8.22 28.48
N ARG E 65 -7.72 -7.87 27.27
CA ARG E 65 -8.00 -6.47 26.95
C ARG E 65 -9.40 -6.09 27.44
N ASN E 66 -10.13 -7.08 27.92
CA ASN E 66 -11.43 -6.85 28.52
C ASN E 66 -11.26 -6.10 29.83
N GLU E 67 -11.60 -4.83 29.83
CA GLU E 67 -11.40 -3.99 31.01
C GLU E 67 -12.43 -4.28 32.09
N GLY E 68 -13.34 -5.22 31.80
CA GLY E 68 -14.36 -5.59 32.75
C GLY E 68 -14.22 -7.04 33.19
N TYR E 69 -12.99 -7.53 33.19
CA TYR E 69 -12.73 -8.92 33.56
C TYR E 69 -12.11 -9.06 34.95
N HIS E 70 -12.74 -9.92 35.76
CA HIS E 70 -12.27 -10.25 37.10
C HIS E 70 -12.65 -11.69 37.48
N VAL E 71 -11.69 -12.44 38.01
CA VAL E 71 -11.95 -13.76 38.60
C VAL E 71 -11.24 -13.91 39.94
N GLU E 72 -11.83 -14.70 40.83
CA GLU E 72 -11.30 -14.89 42.18
C GLU E 72 -9.96 -15.60 42.14
N GLY E 73 -9.07 -15.25 43.07
CA GLY E 73 -7.76 -15.89 43.17
C GLY E 73 -6.77 -15.47 42.12
N CYS E 74 -7.21 -14.68 41.14
CA CYS E 74 -6.30 -14.27 40.07
C CYS E 74 -6.09 -12.75 39.99
N GLU E 75 -4.85 -12.35 39.75
CA GLU E 75 -4.52 -10.96 39.45
C GLU E 75 -4.75 -10.74 37.95
N VAL E 76 -5.10 -9.51 37.58
CA VAL E 76 -5.44 -9.25 36.18
C VAL E 76 -4.58 -8.14 35.57
N ALA E 77 -4.04 -8.41 34.39
CA ALA E 77 -3.31 -7.40 33.63
C ALA E 77 -3.92 -7.24 32.23
N HIS E 78 -3.88 -6.01 31.73
CA HIS E 78 -4.51 -5.72 30.44
C HIS E 78 -3.49 -5.38 29.36
N SER E 79 -2.22 -5.52 29.71
CA SER E 79 -1.15 -5.19 28.79
C SER E 79 0.17 -5.74 29.30
N VAL E 80 1.15 -5.78 28.40
CA VAL E 80 2.49 -6.23 28.74
C VAL E 80 3.11 -5.30 29.77
N GLU E 81 2.79 -4.02 29.67
CA GLU E 81 3.37 -3.08 30.60
C GLU E 81 2.75 -3.24 31.99
N GLU E 82 1.46 -3.54 32.07
CA GLU E 82 0.84 -3.81 33.36
C GLU E 82 1.47 -5.02 34.06
N VAL E 83 1.74 -6.07 33.28
CA VAL E 83 2.46 -7.25 33.77
C VAL E 83 3.82 -6.90 34.37
N PHE E 84 4.63 -6.18 33.60
CA PHE E 84 5.98 -5.81 34.03
C PHE E 84 5.95 -4.97 35.31
N GLU E 85 4.90 -4.16 35.42
CA GLU E 85 4.68 -3.36 36.62
C GLU E 85 4.21 -4.24 37.78
N LEU E 86 3.31 -5.18 37.50
CA LEU E 86 2.88 -6.16 38.51
C LEU E 86 4.05 -7.01 39.02
N CYS E 87 4.98 -7.33 38.13
CA CYS E 87 6.07 -8.22 38.49
C CYS E 87 7.41 -7.50 38.66
N LYS E 88 7.37 -6.19 38.88
CA LYS E 88 8.60 -5.41 38.93
C LYS E 88 9.68 -5.97 39.87
N ASN E 89 9.28 -6.56 40.98
CA ASN E 89 10.29 -7.08 41.90
C ASN E 89 10.58 -8.57 41.78
N GLU E 90 9.95 -9.22 40.80
CA GLU E 90 10.03 -10.67 40.64
C GLU E 90 11.34 -11.15 40.04
N GLU E 91 11.94 -12.17 40.64
CA GLU E 91 13.16 -12.79 40.11
C GLU E 91 12.94 -13.36 38.71
N GLU E 92 11.84 -14.10 38.53
CA GLU E 92 11.56 -14.78 37.26
C GLU E 92 10.07 -15.01 37.07
N ILE E 93 9.55 -14.74 35.88
CA ILE E 93 8.15 -15.01 35.60
C ILE E 93 8.04 -16.00 34.46
N PHE E 94 6.87 -16.65 34.37
CA PHE E 94 6.66 -17.68 33.37
C PHE E 94 5.49 -17.33 32.47
N ILE E 95 5.78 -17.03 31.21
CA ILE E 95 4.72 -16.84 30.22
C ILE E 95 4.14 -18.23 29.94
N PHE E 96 2.90 -18.43 30.37
CA PHE E 96 2.33 -19.76 30.47
C PHE E 96 1.43 -20.12 29.29
N GLY E 97 1.15 -19.15 28.42
CA GLY E 97 0.55 -19.52 27.16
C GLY E 97 -0.78 -18.92 26.75
N GLY E 98 -1.27 -19.42 25.60
CA GLY E 98 -2.02 -18.61 24.66
C GLY E 98 -0.95 -18.26 23.63
N ALA E 99 -1.11 -18.71 22.38
CA ALA E 99 -0.17 -18.34 21.34
C ALA E 99 0.01 -16.83 21.31
N GLN E 100 -1.11 -16.11 21.34
CA GLN E 100 -1.10 -14.67 21.33
C GLN E 100 -0.35 -14.09 22.53
N ILE E 101 -0.31 -14.84 23.65
CA ILE E 101 0.39 -14.35 24.83
C ILE E 101 1.91 -14.50 24.68
N TYR E 102 2.36 -15.58 24.07
CA TYR E 102 3.76 -15.70 23.74
C TYR E 102 4.16 -14.57 22.76
N ASP E 103 3.34 -14.30 21.77
CA ASP E 103 3.69 -13.24 20.79
C ASP E 103 3.92 -11.90 21.47
N LEU E 104 3.12 -11.62 22.50
CA LEU E 104 3.22 -10.37 23.23
C LEU E 104 4.54 -10.24 23.98
N PHE E 105 5.08 -11.36 24.48
CA PHE E 105 6.29 -11.32 25.30
C PHE E 105 7.56 -11.71 24.56
N LEU E 106 7.41 -12.04 23.29
CA LEU E 106 8.54 -12.33 22.40
C LEU E 106 9.65 -11.24 22.42
N PRO E 107 9.27 -9.94 22.52
CA PRO E 107 10.40 -8.99 22.52
C PRO E 107 11.16 -9.01 23.85
N TYR E 108 10.63 -9.69 24.87
CA TYR E 108 11.19 -9.61 26.21
C TYR E 108 11.72 -10.95 26.75
N VAL E 109 11.62 -12.00 25.94
CA VAL E 109 11.95 -13.34 26.41
C VAL E 109 13.45 -13.55 26.66
N ASP E 110 13.78 -14.13 27.81
CA ASP E 110 15.16 -14.39 28.17
C ASP E 110 15.46 -15.88 28.28
N LYS E 111 14.44 -16.67 28.57
CA LYS E 111 14.65 -18.08 28.85
C LYS E 111 13.49 -18.94 28.35
N LEU E 112 13.83 -20.09 27.76
CA LEU E 112 12.86 -20.98 27.14
C LEU E 112 12.85 -22.36 27.79
N TYR E 113 11.77 -22.70 28.47
CA TYR E 113 11.56 -24.07 28.96
C TYR E 113 10.56 -24.75 28.04
N ILE E 114 11.04 -25.62 27.17
CA ILE E 114 10.19 -26.20 26.15
C ILE E 114 10.15 -27.73 26.25
N THR E 115 8.95 -28.28 26.44
CA THR E 115 8.79 -29.73 26.36
C THR E 115 8.46 -30.08 24.92
N LYS E 116 9.29 -30.92 24.30
CA LYS E 116 9.07 -31.40 22.94
C LYS E 116 8.54 -32.82 23.01
N ILE E 117 7.32 -33.01 22.51
CA ILE E 117 6.66 -34.30 22.54
C ILE E 117 6.79 -34.88 21.13
N HIS E 118 7.33 -36.10 21.03
CA HIS E 118 7.64 -36.71 19.74
C HIS E 118 6.41 -37.40 19.13
N HIS E 119 5.42 -36.60 18.76
CA HIS E 119 4.21 -37.13 18.15
C HIS E 119 3.48 -36.01 17.40
N ALA E 120 2.63 -36.39 16.46
CA ALA E 120 1.87 -35.41 15.68
C ALA E 120 0.40 -35.51 16.05
N PHE E 121 -0.04 -34.65 16.95
CA PHE E 121 -1.42 -34.61 17.40
C PHE E 121 -2.23 -33.76 16.46
N GLU E 122 -3.53 -33.72 16.69
CA GLU E 122 -4.40 -32.80 15.99
C GLU E 122 -4.52 -31.53 16.82
N GLY E 123 -4.32 -30.37 16.20
CA GLY E 123 -4.38 -29.12 16.94
C GLY E 123 -4.96 -27.97 16.14
N ASP E 124 -5.25 -26.86 16.82
CA ASP E 124 -5.80 -25.68 16.17
C ASP E 124 -5.11 -24.39 16.64
N THR E 125 -4.07 -24.55 17.46
CA THR E 125 -3.26 -23.42 17.90
C THR E 125 -1.81 -23.86 18.14
N PHE E 126 -0.87 -22.92 18.01
CA PHE E 126 0.55 -23.27 17.85
C PHE E 126 1.53 -22.39 18.64
N PHE E 127 2.68 -22.95 19.01
CA PHE E 127 3.76 -22.15 19.58
C PHE E 127 4.44 -21.40 18.43
N PRO E 128 4.48 -20.06 18.53
CA PRO E 128 5.03 -19.22 17.45
C PRO E 128 6.44 -19.67 17.08
N GLU E 129 6.83 -19.49 15.83
CA GLU E 129 8.19 -19.86 15.44
C GLU E 129 9.23 -18.94 16.06
N MET E 130 10.39 -19.50 16.37
CA MET E 130 11.48 -18.71 16.92
C MET E 130 12.79 -19.06 16.25
N ASP E 131 13.64 -18.05 16.13
CA ASP E 131 14.96 -18.27 15.57
C ASP E 131 15.85 -18.84 16.67
N MET E 132 16.04 -20.15 16.65
CA MET E 132 16.78 -20.77 17.73
C MET E 132 18.30 -20.57 17.62
N THR E 133 18.79 -20.02 16.50
CA THR E 133 20.21 -19.67 16.40
C THR E 133 20.63 -18.67 17.49
N ASN E 134 19.68 -17.86 17.95
CA ASN E 134 19.91 -16.97 19.08
C ASN E 134 20.03 -17.71 20.42
N TRP E 135 19.69 -19.01 20.45
CA TRP E 135 19.53 -19.72 21.74
C TRP E 135 20.53 -20.85 21.99
N LYS E 136 20.93 -21.01 23.24
CA LYS E 136 21.79 -22.13 23.65
C LYS E 136 21.08 -23.03 24.65
N GLU E 137 21.07 -24.32 24.37
CA GLU E 137 20.53 -25.30 25.31
C GLU E 137 21.44 -25.39 26.54
N VAL E 138 20.87 -25.20 27.71
CA VAL E 138 21.63 -25.37 28.95
C VAL E 138 21.24 -26.63 29.72
N PHE E 139 20.02 -27.12 29.50
CA PHE E 139 19.57 -28.38 30.10
C PHE E 139 18.69 -29.19 29.14
N VAL E 140 18.81 -30.52 29.20
CA VAL E 140 17.91 -31.42 28.48
C VAL E 140 17.63 -32.65 29.35
N GLU E 141 16.40 -33.14 29.31
CA GLU E 141 16.09 -34.37 30.03
C GLU E 141 14.96 -35.16 29.37
N LYS E 142 15.20 -36.44 29.16
CA LYS E 142 14.16 -37.32 28.66
C LYS E 142 13.07 -37.47 29.72
N GLY E 143 11.86 -37.03 29.41
CA GLY E 143 10.73 -37.22 30.30
C GLY E 143 10.36 -38.68 30.49
N LEU E 144 9.58 -38.95 31.54
CA LEU E 144 9.16 -40.32 31.87
C LEU E 144 8.05 -40.78 30.94
N THR E 145 8.24 -41.94 30.31
CA THR E 145 7.24 -42.54 29.42
C THR E 145 6.76 -43.86 30.01
N ASP E 146 5.53 -43.88 30.51
CA ASP E 146 4.98 -45.08 31.12
C ASP E 146 3.52 -45.24 30.70
N GLU E 147 2.81 -46.11 31.42
CA GLU E 147 1.41 -46.33 31.15
C GLU E 147 0.52 -45.09 31.31
N LYS E 148 0.95 -44.14 32.14
CA LYS E 148 0.17 -42.91 32.32
C LYS E 148 0.72 -41.72 31.53
N ASN E 149 1.88 -41.92 30.88
CA ASN E 149 2.50 -40.88 30.08
C ASN E 149 2.99 -41.56 28.83
N PRO E 150 2.06 -41.87 27.92
CA PRO E 150 2.33 -42.87 26.89
C PRO E 150 3.33 -42.38 25.83
N TYR E 151 3.36 -41.09 25.54
CA TYR E 151 4.24 -40.57 24.50
C TYR E 151 5.68 -40.35 24.95
N THR E 152 6.56 -40.18 23.96
CA THR E 152 7.96 -39.84 24.21
C THR E 152 8.14 -38.32 24.12
N TYR E 153 8.73 -37.73 25.16
CA TYR E 153 8.87 -36.29 25.21
C TYR E 153 10.10 -35.93 26.02
N TYR E 154 10.61 -34.73 25.75
CA TYR E 154 11.86 -34.27 26.31
C TYR E 154 11.69 -32.87 26.90
N TYR E 155 12.32 -32.62 28.04
CA TYR E 155 12.37 -31.27 28.58
C TYR E 155 13.61 -30.57 28.07
N HIS E 156 13.44 -29.33 27.63
CA HIS E 156 14.54 -28.55 27.09
C HIS E 156 14.54 -27.18 27.74
N VAL E 157 15.72 -26.71 28.09
CA VAL E 157 15.85 -25.39 28.67
C VAL E 157 16.89 -24.63 27.87
N TYR E 158 16.51 -23.45 27.36
CA TYR E 158 17.43 -22.65 26.55
C TYR E 158 17.68 -21.28 27.17
N GLU E 159 18.89 -20.77 27.01
CA GLU E 159 19.20 -19.37 27.35
C GLU E 159 19.84 -18.66 26.15
N LYS E 160 19.91 -17.33 26.24
CA LYS E 160 20.53 -16.53 25.19
C LYS E 160 21.96 -17.00 24.90
N GLN E 161 22.28 -17.08 23.60
CA GLN E 161 23.64 -17.31 23.17
C GLN E 161 24.47 -16.09 23.55
N GLN E 162 25.40 -16.24 24.49
CA GLN E 162 26.35 -15.17 24.75
C GLN E 162 27.20 -15.06 23.49
N LEU E 163 27.43 -13.83 23.00
CA LEU E 163 28.15 -13.67 21.74
C LEU E 163 29.57 -13.15 21.93
N VAL E 164 30.49 -13.61 21.09
CA VAL E 164 31.86 -13.12 21.12
C VAL E 164 32.03 -11.95 20.15
N PRO E 165 32.46 -10.78 20.67
CA PRO E 165 32.62 -9.62 19.78
C PRO E 165 33.65 -9.86 18.68
N ARG E 166 33.42 -9.25 17.51
CA ARG E 166 34.42 -9.17 16.47
C ARG E 166 35.70 -8.55 17.03
N MET F 1 -18.18 2.57 4.01
CA MET F 1 -19.30 1.62 4.06
C MET F 1 -19.21 0.64 2.88
N ILE F 2 -19.24 -0.67 3.16
CA ILE F 2 -19.15 -1.67 2.08
C ILE F 2 -20.55 -2.00 1.53
N VAL F 3 -20.73 -1.83 0.23
CA VAL F 3 -21.99 -2.17 -0.43
C VAL F 3 -21.79 -3.48 -1.15
N SER F 4 -22.48 -4.52 -0.69
CA SER F 4 -22.28 -5.84 -1.23
C SER F 4 -23.51 -6.40 -1.95
N PHE F 5 -23.28 -7.06 -3.08
CA PHE F 5 -24.33 -7.84 -3.72
C PHE F 5 -24.30 -9.25 -3.16
N MET F 6 -25.45 -9.74 -2.74
CA MET F 6 -25.62 -11.11 -2.32
C MET F 6 -26.60 -11.72 -3.31
N VAL F 7 -26.15 -12.71 -4.08
CA VAL F 7 -27.03 -13.30 -5.07
C VAL F 7 -26.81 -14.82 -5.23
N ALA F 8 -27.85 -15.52 -5.67
CA ALA F 8 -27.73 -16.89 -6.10
C ALA F 8 -28.26 -17.01 -7.53
N MET F 9 -27.50 -17.61 -8.43
CA MET F 9 -27.96 -17.74 -9.82
C MET F 9 -27.50 -19.04 -10.48
N ASP F 10 -28.10 -19.38 -11.62
CA ASP F 10 -27.73 -20.62 -12.31
C ASP F 10 -26.77 -20.38 -13.49
N GLU F 11 -26.65 -21.38 -14.36
CA GLU F 11 -25.82 -21.32 -15.57
C GLU F 11 -26.04 -20.10 -16.48
N ASN F 12 -27.27 -19.59 -16.52
CA ASN F 12 -27.61 -18.50 -17.39
C ASN F 12 -28.08 -17.29 -16.60
N ARG F 13 -27.70 -17.24 -15.33
CA ARG F 13 -27.96 -16.08 -14.47
C ARG F 13 -29.41 -15.92 -14.03
N VAL F 14 -30.21 -16.97 -14.22
CA VAL F 14 -31.54 -17.02 -13.63
C VAL F 14 -31.47 -16.80 -12.11
N ILE F 15 -32.30 -15.88 -11.60
CA ILE F 15 -32.38 -15.61 -10.15
C ILE F 15 -33.83 -15.70 -9.64
N GLY F 16 -34.76 -15.90 -10.56
CA GLY F 16 -36.17 -16.01 -10.21
C GLY F 16 -37.00 -16.63 -11.30
N LYS F 17 -38.22 -17.02 -10.92
CA LYS F 17 -39.20 -17.63 -11.81
C LYS F 17 -40.55 -17.64 -11.10
N ASP F 18 -41.42 -16.71 -11.48
CA ASP F 18 -42.73 -16.59 -10.86
C ASP F 18 -42.61 -16.13 -9.41
N ASN F 19 -41.64 -15.25 -9.15
CA ASN F 19 -41.41 -14.77 -7.80
C ASN F 19 -41.14 -15.91 -6.82
N ASN F 20 -40.16 -16.74 -7.18
CA ASN F 20 -39.74 -17.87 -6.36
C ASN F 20 -38.34 -18.26 -6.81
N LEU F 21 -37.69 -19.16 -6.08
CA LEU F 21 -36.41 -19.66 -6.53
C LEU F 21 -36.67 -20.96 -7.27
N PRO F 22 -36.09 -21.10 -8.46
CA PRO F 22 -36.29 -22.29 -9.27
C PRO F 22 -35.69 -23.52 -8.58
N TRP F 23 -34.89 -23.28 -7.56
CA TRP F 23 -34.21 -24.36 -6.85
C TRP F 23 -34.56 -24.35 -5.37
N ARG F 24 -34.35 -25.47 -4.70
CA ARG F 24 -34.50 -25.53 -3.26
C ARG F 24 -33.19 -26.01 -2.62
N LEU F 25 -32.39 -25.06 -2.14
CA LEU F 25 -31.09 -25.35 -1.57
C LEU F 25 -30.95 -24.84 -0.14
N PRO F 26 -31.56 -25.55 0.82
CA PRO F 26 -31.55 -25.18 2.25
C PRO F 26 -30.18 -24.72 2.72
N SER F 27 -29.13 -25.43 2.29
CA SER F 27 -27.78 -25.13 2.70
C SER F 27 -27.29 -23.79 2.12
N GLU F 28 -27.74 -23.46 0.89
CA GLU F 28 -27.39 -22.15 0.32
C GLU F 28 -27.94 -21.06 1.22
N LEU F 29 -29.18 -21.21 1.65
CA LEU F 29 -29.83 -20.18 2.45
C LEU F 29 -29.14 -20.01 3.79
N GLN F 30 -28.68 -21.12 4.36
CA GLN F 30 -27.94 -21.07 5.62
C GLN F 30 -26.61 -20.32 5.44
N TYR F 31 -26.02 -20.40 4.25
CA TYR F 31 -24.84 -19.61 3.94
C TYR F 31 -25.22 -18.13 3.94
N VAL F 32 -26.33 -17.80 3.30
CA VAL F 32 -26.82 -16.43 3.29
C VAL F 32 -27.04 -15.91 4.70
N LYS F 33 -27.69 -16.73 5.53
CA LYS F 33 -27.97 -16.36 6.91
C LYS F 33 -26.69 -16.03 7.67
N LYS F 34 -25.73 -16.95 7.64
CA LYS F 34 -24.45 -16.77 8.34
C LYS F 34 -23.68 -15.53 7.86
N THR F 35 -23.72 -15.27 6.56
CA THR F 35 -22.96 -14.16 5.96
C THR F 35 -23.58 -12.79 6.23
N THR F 36 -24.92 -12.73 6.25
CA THR F 36 -25.59 -11.46 6.39
C THR F 36 -25.86 -11.08 7.84
N MET F 37 -25.67 -12.04 8.75
CA MET F 37 -25.99 -11.82 10.14
C MET F 37 -25.26 -10.62 10.74
N GLY F 38 -26.03 -9.67 11.25
CA GLY F 38 -25.47 -8.47 11.84
C GLY F 38 -25.43 -7.34 10.83
N HIS F 39 -25.95 -7.60 9.63
CA HIS F 39 -25.89 -6.61 8.56
C HIS F 39 -27.24 -6.45 7.87
N PRO F 40 -27.54 -5.21 7.42
CA PRO F 40 -28.79 -4.86 6.76
C PRO F 40 -28.96 -5.59 5.43
N LEU F 41 -30.17 -6.07 5.20
CA LEU F 41 -30.53 -6.60 3.89
C LEU F 41 -31.30 -5.52 3.16
N ILE F 42 -30.86 -5.17 1.95
CA ILE F 42 -31.59 -4.23 1.12
C ILE F 42 -32.30 -4.97 -0.01
N MET F 43 -33.61 -4.83 -0.10
CA MET F 43 -34.36 -5.58 -1.10
C MET F 43 -35.59 -4.84 -1.62
N GLY F 44 -35.91 -5.07 -2.89
CA GLY F 44 -37.12 -4.51 -3.48
C GLY F 44 -38.36 -5.11 -2.84
N ARG F 45 -39.49 -4.41 -2.99
CA ARG F 45 -40.77 -4.83 -2.46
C ARG F 45 -41.18 -6.20 -3.00
N LYS F 46 -41.00 -6.40 -4.31
CA LYS F 46 -41.35 -7.67 -4.94
C LYS F 46 -40.57 -8.82 -4.29
N ASN F 47 -39.29 -8.59 -4.03
CA ASN F 47 -38.40 -9.60 -3.47
C ASN F 47 -38.75 -9.92 -2.01
N TYR F 48 -39.00 -8.88 -1.22
CA TYR F 48 -39.44 -9.06 0.16
C TYR F 48 -40.76 -9.83 0.21
N GLU F 49 -41.67 -9.50 -0.71
CA GLU F 49 -42.98 -10.13 -0.68
C GLU F 49 -42.93 -11.61 -1.04
N ALA F 50 -41.86 -12.05 -1.72
CA ALA F 50 -41.67 -13.46 -2.06
C ALA F 50 -41.16 -14.28 -0.86
N ILE F 51 -40.52 -13.57 0.06
CA ILE F 51 -40.03 -14.14 1.32
C ILE F 51 -41.11 -14.12 2.42
N GLY F 52 -41.91 -13.04 2.48
CA GLY F 52 -43.08 -12.99 3.34
C GLY F 52 -42.94 -12.58 4.80
N ARG F 53 -41.71 -12.49 5.29
CA ARG F 53 -41.43 -12.20 6.69
C ARG F 53 -40.17 -11.37 6.76
N PRO F 54 -40.00 -10.62 7.86
CA PRO F 54 -38.66 -10.08 8.07
C PRO F 54 -37.68 -11.23 8.36
N LEU F 55 -36.44 -11.10 7.90
CA LEU F 55 -35.43 -12.06 8.29
C LEU F 55 -34.79 -11.58 9.59
N PRO F 56 -34.98 -12.34 10.68
CA PRO F 56 -34.70 -11.88 12.04
C PRO F 56 -33.20 -11.70 12.34
N GLY F 57 -32.85 -10.68 13.12
CA GLY F 57 -31.46 -10.40 13.44
C GLY F 57 -30.76 -9.61 12.34
N ARG F 58 -31.55 -9.06 11.43
CA ARG F 58 -31.01 -8.25 10.35
C ARG F 58 -31.97 -7.11 10.10
N ARG F 59 -31.43 -5.90 9.96
CA ARG F 59 -32.23 -4.78 9.48
C ARG F 59 -32.79 -5.14 8.10
N ASN F 60 -34.10 -5.28 8.02
CA ASN F 60 -34.75 -5.54 6.75
C ASN F 60 -35.19 -4.22 6.12
N ILE F 61 -34.42 -3.74 5.13
CA ILE F 61 -34.73 -2.47 4.47
C ILE F 61 -35.28 -2.68 3.06
N ILE F 62 -36.56 -2.36 2.87
CA ILE F 62 -37.25 -2.54 1.60
C ILE F 62 -37.28 -1.27 0.74
N VAL F 63 -36.77 -1.36 -0.50
CA VAL F 63 -36.76 -0.24 -1.45
C VAL F 63 -38.00 -0.21 -2.37
N THR F 64 -38.69 0.93 -2.36
CA THR F 64 -39.86 1.13 -3.20
C THR F 64 -40.11 2.60 -3.47
N ARG F 65 -40.72 2.88 -4.63
CA ARG F 65 -41.13 4.23 -4.98
C ARG F 65 -42.26 4.69 -4.07
N ASN F 66 -43.21 3.79 -3.84
CA ASN F 66 -44.35 4.07 -2.97
C ASN F 66 -43.94 4.71 -1.66
N GLU F 67 -44.10 6.03 -1.57
CA GLU F 67 -43.70 6.78 -0.39
C GLU F 67 -44.61 6.54 0.82
N GLY F 68 -45.62 5.71 0.65
CA GLY F 68 -46.53 5.39 1.74
C GLY F 68 -46.48 3.92 2.14
N TYR F 69 -45.42 3.23 1.74
CA TYR F 69 -45.28 1.80 2.03
C TYR F 69 -44.78 1.56 3.44
N HIS F 70 -45.45 0.65 4.14
CA HIS F 70 -45.05 0.24 5.49
C HIS F 70 -45.25 -1.27 5.71
N VAL F 71 -44.30 -1.88 6.42
CA VAL F 71 -44.41 -3.29 6.80
C VAL F 71 -43.87 -3.48 8.23
N GLU F 72 -44.60 -4.21 9.06
CA GLU F 72 -44.14 -4.51 10.42
C GLU F 72 -42.77 -5.19 10.39
N GLY F 73 -41.86 -4.73 11.24
CA GLY F 73 -40.55 -5.34 11.36
C GLY F 73 -39.55 -4.98 10.27
N CYS F 74 -39.94 -4.09 9.36
CA CYS F 74 -39.01 -3.66 8.31
C CYS F 74 -38.92 -2.14 8.26
N GLU F 75 -37.82 -1.66 7.69
CA GLU F 75 -37.69 -0.24 7.42
C GLU F 75 -37.90 -0.02 5.93
N VAL F 76 -38.31 1.20 5.57
CA VAL F 76 -38.61 1.51 4.18
C VAL F 76 -37.81 2.70 3.65
N ALA F 77 -37.13 2.49 2.53
CA ALA F 77 -36.42 3.55 1.82
C ALA F 77 -37.00 3.70 0.41
N HIS F 78 -36.86 4.89 -0.16
CA HIS F 78 -37.50 5.20 -1.43
C HIS F 78 -36.51 5.52 -2.53
N SER F 79 -35.22 5.41 -2.21
CA SER F 79 -34.17 5.75 -3.14
C SER F 79 -32.83 5.24 -2.58
N VAL F 80 -31.82 5.20 -3.44
CA VAL F 80 -30.46 4.89 -2.98
C VAL F 80 -30.03 5.87 -1.88
N GLU F 81 -30.25 7.16 -2.15
CA GLU F 81 -29.91 8.20 -1.20
C GLU F 81 -30.51 7.89 0.19
N GLU F 82 -31.79 7.54 0.25
CA GLU F 82 -32.40 7.14 1.53
C GLU F 82 -31.73 5.93 2.17
N VAL F 83 -31.40 4.93 1.36
CA VAL F 83 -30.77 3.74 1.90
C VAL F 83 -29.42 4.11 2.51
N PHE F 84 -28.70 5.00 1.83
CA PHE F 84 -27.37 5.34 2.32
C PHE F 84 -27.49 6.18 3.58
N GLU F 85 -28.51 7.04 3.63
CA GLU F 85 -28.81 7.78 4.85
C GLU F 85 -29.14 6.84 6.02
N LEU F 86 -30.00 5.85 5.78
CA LEU F 86 -30.40 4.90 6.83
C LEU F 86 -29.22 4.06 7.28
N CYS F 87 -28.32 3.73 6.35
CA CYS F 87 -27.19 2.88 6.68
C CYS F 87 -25.93 3.69 6.99
N LYS F 88 -26.14 4.93 7.39
CA LYS F 88 -25.07 5.84 7.76
C LYS F 88 -23.89 5.17 8.45
N ASN F 89 -24.17 4.49 9.55
CA ASN F 89 -23.11 3.95 10.40
C ASN F 89 -22.75 2.49 10.13
N GLU F 90 -23.44 1.86 9.18
CA GLU F 90 -23.18 0.45 8.90
C GLU F 90 -21.79 0.19 8.32
N GLU F 91 -21.09 -0.82 8.84
CA GLU F 91 -19.84 -1.30 8.23
C GLU F 91 -20.08 -1.93 6.83
N GLU F 92 -21.23 -2.58 6.63
CA GLU F 92 -21.48 -3.27 5.36
C GLU F 92 -22.98 -3.57 5.17
N ILE F 93 -23.48 -3.40 3.95
CA ILE F 93 -24.90 -3.69 3.64
C ILE F 93 -25.05 -4.67 2.46
N PHE F 94 -26.17 -5.39 2.44
CA PHE F 94 -26.36 -6.45 1.45
C PHE F 94 -27.53 -6.13 0.50
N ILE F 95 -27.23 -5.96 -0.78
CA ILE F 95 -28.29 -5.87 -1.76
C ILE F 95 -28.83 -7.28 -2.02
N PHE F 96 -30.05 -7.52 -1.53
CA PHE F 96 -30.63 -8.85 -1.53
C PHE F 96 -31.37 -9.16 -2.81
N GLY F 97 -31.45 -8.19 -3.71
CA GLY F 97 -31.98 -8.45 -5.02
C GLY F 97 -33.34 -7.88 -5.37
N GLY F 98 -33.88 -8.38 -6.47
CA GLY F 98 -34.65 -7.55 -7.37
C GLY F 98 -33.59 -7.18 -8.39
N ALA F 99 -33.78 -7.64 -9.64
CA ALA F 99 -32.84 -7.32 -10.70
C ALA F 99 -32.66 -5.81 -10.79
N GLN F 100 -33.77 -5.09 -10.71
CA GLN F 100 -33.76 -3.63 -10.72
C GLN F 100 -33.01 -3.07 -9.52
N ILE F 101 -33.09 -3.75 -8.39
CA ILE F 101 -32.40 -3.28 -7.18
C ILE F 101 -30.88 -3.36 -7.38
N TYR F 102 -30.43 -4.44 -8.01
CA TYR F 102 -29.03 -4.56 -8.40
C TYR F 102 -28.58 -3.38 -9.27
N ASP F 103 -29.37 -3.03 -10.29
CA ASP F 103 -28.99 -1.94 -11.20
C ASP F 103 -28.87 -0.61 -10.46
N LEU F 104 -29.72 -0.43 -9.45
CA LEU F 104 -29.73 0.82 -8.72
C LEU F 104 -28.43 0.99 -7.94
N PHE F 105 -27.92 -0.10 -7.38
CA PHE F 105 -26.75 -0.01 -6.51
C PHE F 105 -25.43 -0.30 -7.23
N LEU F 106 -25.53 -0.74 -8.47
CA LEU F 106 -24.38 -0.92 -9.37
C LEU F 106 -23.30 0.18 -9.32
N PRO F 107 -23.68 1.47 -9.22
CA PRO F 107 -22.56 2.43 -9.23
C PRO F 107 -21.77 2.50 -7.91
N TYR F 108 -22.21 1.77 -6.89
CA TYR F 108 -21.55 1.86 -5.58
C TYR F 108 -21.04 0.53 -5.09
N VAL F 109 -21.34 -0.52 -5.85
CA VAL F 109 -21.01 -1.88 -5.42
C VAL F 109 -19.51 -2.04 -5.12
N ASP F 110 -19.22 -2.75 -4.03
CA ASP F 110 -17.83 -2.95 -3.57
C ASP F 110 -17.48 -4.43 -3.45
N LYS F 111 -18.48 -5.28 -3.22
CA LYS F 111 -18.25 -6.70 -2.97
C LYS F 111 -19.37 -7.55 -3.58
N LEU F 112 -19.01 -8.66 -4.22
CA LEU F 112 -20.01 -9.55 -4.80
C LEU F 112 -19.91 -10.92 -4.12
N TYR F 113 -21.03 -11.37 -3.56
CA TYR F 113 -21.11 -12.71 -2.99
C TYR F 113 -22.07 -13.47 -3.89
N ILE F 114 -21.50 -14.37 -4.69
CA ILE F 114 -22.29 -14.97 -5.75
C ILE F 114 -22.27 -16.48 -5.65
N THR F 115 -23.46 -17.05 -5.49
CA THR F 115 -23.61 -18.48 -5.50
C THR F 115 -23.89 -18.91 -6.94
N LYS F 116 -22.98 -19.68 -7.54
CA LYS F 116 -23.22 -20.23 -8.86
C LYS F 116 -23.72 -21.68 -8.80
N ILE F 117 -24.90 -21.91 -9.36
CA ILE F 117 -25.53 -23.22 -9.37
C ILE F 117 -25.34 -23.86 -10.72
N HIS F 118 -24.65 -25.00 -10.75
CA HIS F 118 -24.31 -25.64 -12.00
C HIS F 118 -25.48 -26.40 -12.62
N HIS F 119 -26.55 -25.66 -12.92
CA HIS F 119 -27.73 -26.25 -13.55
C HIS F 119 -28.46 -25.19 -14.39
N ALA F 120 -29.26 -25.63 -15.36
CA ALA F 120 -30.08 -24.72 -16.17
C ALA F 120 -31.58 -24.80 -15.83
N PHE F 121 -32.10 -23.74 -15.22
CA PHE F 121 -33.50 -23.70 -14.81
C PHE F 121 -34.38 -22.89 -15.76
N GLU F 122 -35.69 -23.00 -15.58
CA GLU F 122 -36.67 -22.13 -16.23
C GLU F 122 -36.72 -20.82 -15.44
N GLY F 123 -36.36 -19.71 -16.08
CA GLY F 123 -36.29 -18.44 -15.38
C GLY F 123 -37.08 -17.31 -16.02
N ASP F 124 -37.38 -16.27 -15.25
CA ASP F 124 -38.07 -15.10 -15.79
C ASP F 124 -37.39 -13.78 -15.42
N THR F 125 -36.52 -13.83 -14.40
CA THR F 125 -35.73 -12.68 -14.00
C THR F 125 -34.27 -13.09 -13.79
N PHE F 126 -33.36 -12.16 -14.04
CA PHE F 126 -31.94 -12.48 -14.17
C PHE F 126 -31.04 -11.53 -13.43
N PHE F 127 -29.84 -12.01 -13.12
CA PHE F 127 -28.81 -11.16 -12.58
C PHE F 127 -28.10 -10.50 -13.75
N PRO F 128 -28.16 -9.16 -13.84
CA PRO F 128 -27.54 -8.42 -14.96
C PRO F 128 -26.07 -8.79 -15.11
N GLU F 129 -25.59 -8.73 -16.35
CA GLU F 129 -24.19 -9.04 -16.65
C GLU F 129 -23.28 -8.01 -16.02
N MET F 130 -22.11 -8.46 -15.58
CA MET F 130 -21.10 -7.52 -15.09
C MET F 130 -19.76 -7.77 -15.77
N ASP F 131 -19.04 -6.70 -16.03
CA ASP F 131 -17.68 -6.82 -16.51
C ASP F 131 -16.82 -7.30 -15.36
N MET F 132 -16.53 -8.61 -15.36
CA MET F 132 -15.82 -9.26 -14.26
C MET F 132 -14.30 -9.09 -14.37
N THR F 133 -13.84 -8.42 -15.43
CA THR F 133 -12.42 -8.06 -15.53
C THR F 133 -12.10 -6.93 -14.57
N ASN F 134 -13.14 -6.29 -14.05
CA ASN F 134 -12.96 -5.26 -13.04
C ASN F 134 -12.98 -5.87 -11.64
N TRP F 135 -13.17 -7.18 -11.55
CA TRP F 135 -13.34 -7.85 -10.26
C TRP F 135 -12.27 -8.89 -9.98
N LYS F 136 -12.12 -9.22 -8.70
CA LYS F 136 -11.03 -10.09 -8.24
C LYS F 136 -11.57 -11.07 -7.22
N GLU F 137 -11.48 -12.36 -7.50
CA GLU F 137 -12.03 -13.35 -6.56
C GLU F 137 -11.18 -13.43 -5.30
N VAL F 138 -11.81 -13.29 -4.14
CA VAL F 138 -11.08 -13.44 -2.88
C VAL F 138 -11.43 -14.71 -2.09
N PHE F 139 -12.48 -15.42 -2.50
CA PHE F 139 -12.89 -16.63 -1.79
C PHE F 139 -13.77 -17.54 -2.65
N VAL F 140 -13.50 -18.83 -2.57
CA VAL F 140 -14.33 -19.81 -3.25
C VAL F 140 -14.58 -20.96 -2.28
N GLU F 141 -15.76 -21.57 -2.39
CA GLU F 141 -16.08 -22.75 -1.61
C GLU F 141 -17.22 -23.56 -2.21
N LYS F 142 -16.98 -24.85 -2.37
CA LYS F 142 -18.00 -25.74 -2.93
C LYS F 142 -19.15 -25.92 -1.94
N GLY F 143 -20.38 -25.77 -2.43
CA GLY F 143 -21.57 -25.90 -1.61
C GLY F 143 -21.84 -27.34 -1.22
N LEU F 144 -22.68 -27.52 -0.20
CA LEU F 144 -23.06 -28.85 0.26
C LEU F 144 -24.09 -29.45 -0.70
N THR F 145 -23.73 -30.53 -1.39
CA THR F 145 -24.69 -31.25 -2.24
C THR F 145 -25.05 -32.59 -1.60
N ASP F 146 -26.34 -32.77 -1.32
CA ASP F 146 -26.84 -33.97 -0.66
C ASP F 146 -28.33 -34.13 -0.91
N GLU F 147 -28.95 -35.06 -0.18
CA GLU F 147 -30.37 -35.36 -0.30
C GLU F 147 -31.24 -34.11 -0.32
N LYS F 148 -30.87 -33.09 0.45
CA LYS F 148 -31.71 -31.90 0.57
C LYS F 148 -31.25 -30.75 -0.32
N ASN F 149 -30.04 -30.84 -0.87
CA ASN F 149 -29.50 -29.82 -1.78
C ASN F 149 -28.97 -30.52 -3.03
N PRO F 150 -29.89 -30.86 -3.96
CA PRO F 150 -29.59 -31.81 -5.04
C PRO F 150 -29.08 -31.15 -6.31
N TYR F 151 -28.21 -30.17 -6.13
CA TYR F 151 -27.51 -29.56 -7.25
C TYR F 151 -26.08 -29.28 -6.85
N THR F 152 -25.19 -29.24 -7.81
CA THR F 152 -23.84 -28.81 -7.52
C THR F 152 -23.82 -27.27 -7.58
N TYR F 153 -23.15 -26.64 -6.62
CA TYR F 153 -23.08 -25.17 -6.57
C TYR F 153 -21.86 -24.69 -5.80
N TYR F 154 -21.45 -23.44 -6.06
CA TYR F 154 -20.25 -22.89 -5.43
C TYR F 154 -20.51 -21.48 -4.94
N TYR F 155 -20.03 -21.16 -3.74
CA TYR F 155 -20.05 -19.76 -3.30
C TYR F 155 -18.81 -19.04 -3.82
N HIS F 156 -18.99 -17.89 -4.47
CA HIS F 156 -17.83 -17.06 -4.82
C HIS F 156 -17.94 -15.66 -4.20
N VAL F 157 -16.79 -15.09 -3.87
CA VAL F 157 -16.74 -13.73 -3.34
C VAL F 157 -15.74 -12.87 -4.13
N TYR F 158 -16.21 -11.74 -4.66
CA TYR F 158 -15.34 -10.89 -5.46
C TYR F 158 -15.15 -9.50 -4.85
N GLU F 159 -13.96 -8.93 -5.04
CA GLU F 159 -13.64 -7.58 -4.61
C GLU F 159 -13.14 -6.76 -5.79
N LYS F 160 -13.26 -5.43 -5.73
CA LYS F 160 -12.70 -4.58 -6.79
C LYS F 160 -11.23 -4.91 -7.00
N GLN F 161 -10.91 -5.25 -8.24
CA GLN F 161 -9.54 -5.32 -8.66
C GLN F 161 -9.00 -3.89 -8.59
N GLN F 162 -7.87 -3.69 -7.91
CA GLN F 162 -7.31 -2.34 -7.84
C GLN F 162 -6.45 -2.03 -9.06
N LEU F 163 -6.47 -0.77 -9.49
CA LEU F 163 -5.79 -0.37 -10.70
C LEU F 163 -4.33 -0.02 -10.45
N VAL F 164 -3.47 -0.53 -11.32
CA VAL F 164 -2.06 -0.14 -11.33
C VAL F 164 -1.91 1.02 -12.30
N PRO F 165 -1.30 2.10 -11.84
CA PRO F 165 -1.14 3.30 -12.67
C PRO F 165 -0.27 3.05 -13.89
N ARG F 166 -0.48 3.83 -14.95
CA ARG F 166 0.38 3.77 -16.11
C ARG F 166 1.56 4.70 -15.92
N MET G 1 -10.25 44.21 2.88
CA MET G 1 -10.54 42.88 3.42
C MET G 1 -11.82 42.33 2.81
N ILE G 2 -11.79 41.09 2.35
CA ILE G 2 -12.99 40.46 1.81
C ILE G 2 -13.76 39.74 2.92
N VAL G 3 -15.03 40.10 3.08
CA VAL G 3 -15.89 39.48 4.08
C VAL G 3 -16.77 38.42 3.38
N SER G 4 -16.51 37.16 3.66
CA SER G 4 -17.14 36.07 2.94
C SER G 4 -18.09 35.29 3.85
N PHE G 5 -19.29 35.00 3.35
CA PHE G 5 -20.15 34.05 4.02
C PHE G 5 -19.78 32.64 3.55
N MET G 6 -19.70 31.71 4.49
CA MET G 6 -19.48 30.32 4.19
C MET G 6 -20.63 29.58 4.84
N VAL G 7 -21.51 29.03 4.02
CA VAL G 7 -22.74 28.44 4.53
C VAL G 7 -23.08 27.16 3.77
N ALA G 8 -23.60 26.20 4.51
CA ALA G 8 -24.20 25.02 3.93
C ALA G 8 -25.67 25.05 4.34
N MET G 9 -26.58 25.03 3.36
CA MET G 9 -28.02 25.09 3.65
C MET G 9 -28.84 24.18 2.73
N ASP G 10 -30.10 23.93 3.09
CA ASP G 10 -30.93 23.08 2.27
C ASP G 10 -31.88 23.85 1.33
N GLU G 11 -32.85 23.12 0.79
CA GLU G 11 -33.87 23.67 -0.08
C GLU G 11 -34.58 24.88 0.51
N ASN G 12 -34.81 24.85 1.81
CA ASN G 12 -35.55 25.91 2.48
C ASN G 12 -34.68 26.78 3.40
N ARG G 13 -33.37 26.78 3.14
CA ARG G 13 -32.36 27.61 3.82
C ARG G 13 -31.99 27.14 5.23
N VAL G 14 -32.44 25.94 5.61
CA VAL G 14 -32.11 25.38 6.91
C VAL G 14 -30.59 25.31 7.07
N ILE G 15 -30.08 25.70 8.24
CA ILE G 15 -28.64 25.59 8.49
C ILE G 15 -28.30 24.87 9.81
N GLY G 16 -29.30 24.59 10.63
CA GLY G 16 -29.09 23.84 11.85
C GLY G 16 -30.35 23.26 12.42
N LYS G 17 -30.20 22.33 13.35
CA LYS G 17 -31.29 21.69 14.07
C LYS G 17 -30.74 21.18 15.40
N ASP G 18 -31.35 21.58 16.52
CA ASP G 18 -30.80 21.32 17.85
C ASP G 18 -29.36 21.88 17.91
N ASN G 19 -29.12 22.91 17.10
CA ASN G 19 -27.78 23.38 16.79
C ASN G 19 -26.76 22.28 16.46
N ASN G 20 -27.13 21.46 15.49
CA ASN G 20 -26.19 20.56 14.83
C ASN G 20 -26.54 20.55 13.33
N LEU G 21 -25.65 20.04 12.49
CA LEU G 21 -25.99 19.86 11.08
C LEU G 21 -27.00 18.72 10.92
N PRO G 22 -28.09 18.96 10.19
CA PRO G 22 -29.13 17.94 9.95
C PRO G 22 -28.64 16.82 9.04
N TRP G 23 -27.65 17.11 8.19
CA TRP G 23 -27.08 16.11 7.29
C TRP G 23 -25.70 15.66 7.75
N ARG G 24 -25.16 14.64 7.08
CA ARG G 24 -23.78 14.23 7.35
C ARG G 24 -22.99 14.05 6.05
N LEU G 25 -22.26 15.09 5.68
CA LEU G 25 -21.61 15.15 4.40
C LEU G 25 -20.15 15.49 4.62
N PRO G 26 -19.34 14.48 5.00
CA PRO G 26 -17.93 14.74 5.27
C PRO G 26 -17.24 15.42 4.08
N SER G 27 -17.64 15.05 2.86
CA SER G 27 -17.10 15.69 1.66
C SER G 27 -17.35 17.21 1.64
N GLU G 28 -18.54 17.64 2.04
CA GLU G 28 -18.85 19.07 2.16
C GLU G 28 -17.88 19.74 3.12
N LEU G 29 -17.67 19.12 4.28
CA LEU G 29 -16.79 19.70 5.29
C LEU G 29 -15.33 19.76 4.80
N GLN G 30 -14.97 18.86 3.90
CA GLN G 30 -13.63 18.89 3.32
C GLN G 30 -13.50 20.08 2.35
N TYR G 31 -14.57 20.36 1.63
CA TYR G 31 -14.63 21.58 0.85
C TYR G 31 -14.44 22.80 1.77
N VAL G 32 -15.09 22.80 2.93
CA VAL G 32 -14.99 23.93 3.83
C VAL G 32 -13.54 24.11 4.35
N LYS G 33 -12.92 23.00 4.71
CA LYS G 33 -11.55 22.99 5.22
C LYS G 33 -10.58 23.53 4.17
N LYS G 34 -10.73 23.03 2.93
CA LYS G 34 -9.87 23.44 1.81
C LYS G 34 -10.07 24.91 1.45
N THR G 35 -11.33 25.34 1.39
CA THR G 35 -11.67 26.69 0.96
C THR G 35 -11.24 27.79 1.96
N THR G 36 -11.36 27.47 3.25
CA THR G 36 -11.09 28.43 4.32
C THR G 36 -9.67 28.34 4.90
N MET G 37 -8.84 27.48 4.31
CA MET G 37 -7.45 27.32 4.75
C MET G 37 -6.69 28.64 4.79
N GLY G 38 -6.08 28.94 5.95
CA GLY G 38 -5.28 30.14 6.11
C GLY G 38 -6.11 31.41 6.25
N HIS G 39 -7.37 31.23 6.65
CA HIS G 39 -8.27 32.37 6.78
C HIS G 39 -9.08 32.18 8.03
N PRO G 40 -9.44 33.31 8.67
CA PRO G 40 -10.15 33.17 9.94
C PRO G 40 -11.58 32.67 9.76
N LEU G 41 -12.02 31.81 10.68
CA LEU G 41 -13.42 31.49 10.81
C LEU G 41 -14.04 32.37 11.90
N ILE G 42 -15.10 33.09 11.54
CA ILE G 42 -15.83 33.92 12.48
C ILE G 42 -17.15 33.22 12.75
N MET G 43 -17.41 32.86 14.01
CA MET G 43 -18.62 32.10 14.32
C MET G 43 -19.13 32.45 15.72
N GLY G 44 -20.43 32.29 15.95
CA GLY G 44 -20.98 32.56 17.27
C GLY G 44 -20.66 31.47 18.29
N ARG G 45 -20.97 31.75 19.55
CA ARG G 45 -20.71 30.79 20.62
C ARG G 45 -21.36 29.44 20.33
N LYS G 46 -22.69 29.44 20.11
CA LYS G 46 -23.47 28.22 19.91
C LYS G 46 -22.89 27.36 18.79
N ASN G 47 -22.61 28.00 17.67
CA ASN G 47 -22.07 27.32 16.50
C ASN G 47 -20.71 26.71 16.81
N TYR G 48 -19.92 27.41 17.61
CA TYR G 48 -18.63 26.88 18.02
C TYR G 48 -18.80 25.64 18.93
N GLU G 49 -19.89 25.60 19.71
CA GLU G 49 -20.11 24.49 20.62
C GLU G 49 -20.70 23.26 19.93
N ALA G 50 -21.12 23.42 18.68
CA ALA G 50 -21.56 22.28 17.89
C ALA G 50 -20.36 21.58 17.28
N ILE G 51 -19.40 22.39 16.82
CA ILE G 51 -18.15 21.91 16.27
C ILE G 51 -17.33 21.30 17.41
N GLY G 52 -17.50 21.87 18.61
CA GLY G 52 -16.96 21.27 19.82
C GLY G 52 -15.46 21.34 19.98
N ARG G 53 -14.78 21.96 19.02
CA ARG G 53 -13.33 22.03 19.04
C ARG G 53 -12.83 23.11 18.09
N PRO G 54 -11.70 23.76 18.44
CA PRO G 54 -11.07 24.66 17.48
C PRO G 54 -10.74 23.88 16.20
N LEU G 55 -10.86 24.56 15.06
CA LEU G 55 -10.45 23.97 13.80
C LEU G 55 -9.04 24.46 13.45
N PRO G 56 -8.08 23.52 13.39
CA PRO G 56 -6.65 23.83 13.24
C PRO G 56 -6.33 24.53 11.92
N GLY G 57 -5.16 25.16 11.85
CA GLY G 57 -4.74 25.88 10.67
C GLY G 57 -5.53 27.15 10.36
N ARG G 58 -6.42 27.55 11.26
CA ARG G 58 -7.26 28.73 11.06
C ARG G 58 -7.29 29.53 12.35
N ARG G 59 -7.33 30.86 12.26
CA ARG G 59 -7.71 31.64 13.42
C ARG G 59 -9.18 31.34 13.66
N ASN G 60 -9.50 30.81 14.83
CA ASN G 60 -10.89 30.64 15.22
C ASN G 60 -11.31 31.84 16.07
N ILE G 61 -12.29 32.60 15.59
CA ILE G 61 -12.78 33.75 16.34
C ILE G 61 -14.25 33.62 16.74
N ILE G 62 -14.51 33.54 18.04
CA ILE G 62 -15.88 33.41 18.53
C ILE G 62 -16.51 34.76 18.86
N VAL G 63 -17.68 35.02 18.29
CA VAL G 63 -18.44 36.24 18.58
C VAL G 63 -19.48 35.96 19.64
N THR G 64 -19.41 36.72 20.74
CA THR G 64 -20.40 36.63 21.82
C THR G 64 -20.53 37.97 22.56
N ARG G 65 -21.72 38.25 23.05
CA ARG G 65 -22.03 39.45 23.81
C ARG G 65 -21.27 39.40 25.13
N ASN G 66 -20.92 38.19 25.53
CA ASN G 66 -20.35 37.92 26.82
C ASN G 66 -18.90 38.36 26.96
N GLU G 67 -18.68 39.45 27.68
CA GLU G 67 -17.35 40.00 27.89
C GLU G 67 -16.36 39.03 28.53
N GLY G 68 -16.85 38.11 29.36
CA GLY G 68 -15.98 37.20 30.08
C GLY G 68 -15.76 35.87 29.41
N TYR G 69 -16.38 35.65 28.26
CA TYR G 69 -16.28 34.37 27.58
C TYR G 69 -14.86 34.14 27.04
N HIS G 70 -14.17 33.14 27.58
CA HIS G 70 -12.84 32.79 27.07
C HIS G 70 -12.71 31.31 26.74
N VAL G 71 -12.02 31.02 25.65
CA VAL G 71 -11.91 29.64 25.19
C VAL G 71 -10.53 29.34 24.60
N GLU G 72 -9.96 28.20 25.03
CA GLU G 72 -8.63 27.79 24.61
C GLU G 72 -8.49 27.62 23.09
N GLY G 73 -7.50 28.28 22.51
CA GLY G 73 -7.21 28.13 21.11
C GLY G 73 -7.90 29.13 20.22
N CYS G 74 -8.93 29.79 20.75
CA CYS G 74 -9.70 30.75 19.99
C CYS G 74 -9.55 32.14 20.58
N GLU G 75 -9.49 33.13 19.70
CA GLU G 75 -9.60 34.52 20.10
C GLU G 75 -11.09 34.81 20.25
N VAL G 76 -11.42 35.88 20.95
CA VAL G 76 -12.83 36.21 21.23
C VAL G 76 -13.15 37.66 20.89
N ALA G 77 -14.28 37.87 20.22
CA ALA G 77 -14.75 39.20 19.87
C ALA G 77 -16.20 39.40 20.34
N HIS G 78 -16.59 40.66 20.50
CA HIS G 78 -17.89 40.98 21.11
C HIS G 78 -18.72 41.91 20.25
N SER G 79 -18.17 42.32 19.13
CA SER G 79 -18.90 43.23 18.27
C SER G 79 -18.39 43.02 16.87
N VAL G 80 -19.13 43.52 15.90
CA VAL G 80 -18.69 43.46 14.52
C VAL G 80 -17.34 44.20 14.43
N GLU G 81 -17.33 45.39 15.02
CA GLU G 81 -16.14 46.22 15.06
C GLU G 81 -14.89 45.51 15.62
N GLU G 82 -15.03 44.82 16.74
CA GLU G 82 -13.90 44.06 17.28
C GLU G 82 -13.39 42.96 16.31
N VAL G 83 -14.30 42.35 15.56
CA VAL G 83 -13.87 41.36 14.57
C VAL G 83 -12.96 42.04 13.57
N PHE G 84 -13.42 43.18 13.08
CA PHE G 84 -12.72 43.92 12.02
C PHE G 84 -11.35 44.37 12.51
N GLU G 85 -11.28 44.86 13.75
CA GLU G 85 -9.98 45.21 14.33
C GLU G 85 -9.04 43.99 14.46
N LEU G 86 -9.57 42.87 14.95
CA LEU G 86 -8.78 41.64 15.07
C LEU G 86 -8.32 41.12 13.71
N CYS G 87 -9.09 41.42 12.68
CA CYS G 87 -8.77 40.98 11.33
C CYS G 87 -8.36 42.13 10.42
N LYS G 88 -7.74 43.17 10.99
CA LYS G 88 -7.46 44.38 10.21
C LYS G 88 -6.43 44.13 9.11
N ASN G 89 -5.57 43.14 9.31
CA ASN G 89 -4.55 42.79 8.35
C ASN G 89 -4.94 41.61 7.44
N GLU G 90 -6.16 41.09 7.61
CA GLU G 90 -6.57 39.85 6.93
C GLU G 90 -7.14 40.05 5.53
N GLU G 91 -6.57 39.31 4.58
CA GLU G 91 -7.02 39.28 3.18
C GLU G 91 -8.49 38.89 3.03
N GLU G 92 -8.95 37.93 3.83
CA GLU G 92 -10.32 37.41 3.69
C GLU G 92 -10.70 36.59 4.94
N ILE G 93 -11.90 36.84 5.44
CA ILE G 93 -12.42 36.08 6.57
C ILE G 93 -13.73 35.39 6.18
N PHE G 94 -14.06 34.31 6.89
CA PHE G 94 -15.29 33.58 6.61
C PHE G 94 -16.28 33.62 7.76
N ILE G 95 -17.40 34.31 7.55
CA ILE G 95 -18.46 34.28 8.52
C ILE G 95 -19.02 32.86 8.49
N PHE G 96 -18.83 32.13 9.59
CA PHE G 96 -19.04 30.70 9.59
C PHE G 96 -20.40 30.31 10.12
N GLY G 97 -21.18 31.32 10.49
CA GLY G 97 -22.54 31.06 10.89
C GLY G 97 -22.95 31.13 12.34
N GLY G 98 -24.15 30.62 12.55
CA GLY G 98 -25.09 31.16 13.51
C GLY G 98 -25.91 32.06 12.59
N ALA G 99 -27.23 31.88 12.58
CA ALA G 99 -28.10 32.72 11.78
C ALA G 99 -27.85 34.20 12.11
N GLN G 100 -27.70 34.49 13.40
CA GLN G 100 -27.57 35.86 13.89
C GLN G 100 -26.22 36.47 13.54
N ILE G 101 -25.21 35.61 13.40
CA ILE G 101 -23.89 36.07 13.03
C ILE G 101 -23.89 36.49 11.56
N TYR G 102 -24.56 35.74 10.70
CA TYR G 102 -24.69 36.17 9.31
C TYR G 102 -25.36 37.55 9.27
N ASP G 103 -26.42 37.70 10.08
CA ASP G 103 -27.14 38.98 10.14
C ASP G 103 -26.25 40.17 10.53
N LEU G 104 -25.32 39.95 11.47
CA LEU G 104 -24.44 41.05 11.88
C LEU G 104 -23.50 41.50 10.75
N PHE G 105 -23.00 40.57 9.97
CA PHE G 105 -22.01 40.92 8.96
C PHE G 105 -22.63 41.19 7.60
N LEU G 106 -23.96 41.11 7.56
CA LEU G 106 -24.69 41.40 6.33
C LEU G 106 -24.36 42.75 5.69
N PRO G 107 -24.15 43.83 6.50
CA PRO G 107 -23.90 45.07 5.75
C PRO G 107 -22.50 45.12 5.15
N TYR G 108 -21.65 44.14 5.48
CA TYR G 108 -20.24 44.21 5.08
C TYR G 108 -19.85 43.12 4.10
N VAL G 109 -20.77 42.20 3.84
CA VAL G 109 -20.47 40.99 3.05
C VAL G 109 -20.07 41.27 1.60
N ASP G 110 -19.02 40.59 1.13
CA ASP G 110 -18.50 40.81 -0.22
C ASP G 110 -18.55 39.58 -1.11
N LYS G 111 -18.60 38.41 -0.50
CA LYS G 111 -18.51 37.17 -1.25
C LYS G 111 -19.35 36.09 -0.58
N LEU G 112 -19.95 35.22 -1.39
CA LEU G 112 -20.86 34.21 -0.87
C LEU G 112 -20.43 32.83 -1.32
N TYR G 113 -20.09 32.00 -0.35
CA TYR G 113 -19.78 30.60 -0.59
C TYR G 113 -20.92 29.80 -0.02
N ILE G 114 -21.79 29.32 -0.91
CA ILE G 114 -23.06 28.75 -0.53
C ILE G 114 -23.23 27.35 -1.10
N THR G 115 -23.24 26.36 -0.20
CA THR G 115 -23.50 24.97 -0.58
C THR G 115 -25.00 24.72 -0.50
N LYS G 116 -25.59 24.35 -1.63
CA LYS G 116 -27.04 24.08 -1.69
C LYS G 116 -27.31 22.56 -1.67
N ILE G 117 -27.99 22.08 -0.63
CA ILE G 117 -28.32 20.67 -0.56
C ILE G 117 -29.74 20.42 -1.07
N HIS G 118 -29.87 19.59 -2.11
CA HIS G 118 -31.15 19.39 -2.76
C HIS G 118 -32.01 18.43 -1.97
N HIS G 119 -32.43 18.89 -0.80
CA HIS G 119 -33.25 18.10 0.11
C HIS G 119 -33.82 19.02 1.18
N ALA G 120 -35.00 18.67 1.68
CA ALA G 120 -35.65 19.42 2.75
C ALA G 120 -35.54 18.64 4.05
N PHE G 121 -34.73 19.15 4.99
CA PHE G 121 -34.52 18.50 6.27
C PHE G 121 -35.45 19.08 7.30
N GLU G 122 -35.40 18.56 8.51
CA GLU G 122 -36.12 19.17 9.61
C GLU G 122 -35.16 20.06 10.38
N GLY G 123 -35.45 21.36 10.44
CA GLY G 123 -34.53 22.30 11.06
C GLY G 123 -35.21 23.41 11.86
N ASP G 124 -34.40 24.11 12.66
CA ASP G 124 -34.93 25.18 13.49
C ASP G 124 -34.22 26.53 13.27
N THR G 125 -33.09 26.53 12.56
CA THR G 125 -32.39 27.77 12.24
C THR G 125 -32.16 27.89 10.75
N PHE G 126 -32.01 29.14 10.28
CA PHE G 126 -32.13 29.47 8.87
C PHE G 126 -31.12 30.48 8.34
N PHE G 127 -30.68 30.29 7.10
CA PHE G 127 -29.88 31.29 6.41
C PHE G 127 -30.77 32.41 5.91
N PRO G 128 -30.52 33.64 6.38
CA PRO G 128 -31.35 34.82 6.06
C PRO G 128 -31.53 35.07 4.56
N GLU G 129 -32.71 35.55 4.20
CA GLU G 129 -33.04 35.98 2.84
C GLU G 129 -31.99 36.94 2.27
N MET G 130 -31.58 36.68 1.03
CA MET G 130 -30.68 37.60 0.32
C MET G 130 -31.17 37.83 -1.12
N ASP G 131 -31.36 39.10 -1.49
CA ASP G 131 -31.68 39.44 -2.86
C ASP G 131 -30.48 39.07 -3.74
N MET G 132 -30.59 37.95 -4.46
CA MET G 132 -29.47 37.49 -5.26
C MET G 132 -29.27 38.29 -6.56
N THR G 133 -30.18 39.20 -6.91
CA THR G 133 -29.99 40.02 -8.11
C THR G 133 -28.77 40.94 -8.00
N ASN G 134 -28.34 41.20 -6.77
CA ASN G 134 -27.10 41.93 -6.51
C ASN G 134 -25.87 41.03 -6.66
N TRP G 135 -26.10 39.73 -6.83
CA TRP G 135 -24.99 38.79 -6.79
C TRP G 135 -24.75 38.08 -8.14
N LYS G 136 -23.49 37.80 -8.46
CA LYS G 136 -23.13 37.15 -9.71
C LYS G 136 -22.32 35.89 -9.45
N GLU G 137 -22.81 34.77 -9.96
CA GLU G 137 -22.13 33.49 -9.75
C GLU G 137 -20.82 33.47 -10.54
N VAL G 138 -19.72 33.19 -9.86
CA VAL G 138 -18.41 33.09 -10.50
C VAL G 138 -17.90 31.65 -10.54
N PHE G 139 -18.54 30.76 -9.80
CA PHE G 139 -18.11 29.35 -9.76
C PHE G 139 -19.20 28.43 -9.26
N VAL G 140 -19.30 27.26 -9.89
CA VAL G 140 -20.26 26.24 -9.47
C VAL G 140 -19.61 24.86 -9.57
N GLU G 141 -20.09 23.90 -8.79
CA GLU G 141 -19.56 22.54 -8.86
C GLU G 141 -20.48 21.60 -8.08
N LYS G 142 -20.82 20.49 -8.71
CA LYS G 142 -21.61 19.46 -8.06
C LYS G 142 -20.76 18.74 -7.03
N GLY G 143 -21.28 18.61 -5.81
CA GLY G 143 -20.55 17.94 -4.76
C GLY G 143 -20.55 16.42 -4.94
N LEU G 144 -19.60 15.74 -4.30
CA LEU G 144 -19.56 14.28 -4.35
C LEU G 144 -20.76 13.63 -3.63
N THR G 145 -21.58 12.90 -4.38
CA THR G 145 -22.68 12.10 -3.81
C THR G 145 -22.33 10.60 -3.85
N ASP G 146 -22.35 9.95 -2.69
CA ASP G 146 -21.97 8.53 -2.57
C ASP G 146 -22.46 7.90 -1.26
N GLU G 147 -21.95 6.71 -0.95
CA GLU G 147 -22.26 6.01 0.30
C GLU G 147 -22.20 6.89 1.54
N LYS G 148 -21.13 7.67 1.68
CA LYS G 148 -20.92 8.48 2.88
C LYS G 148 -21.56 9.86 2.78
N ASN G 149 -21.88 10.30 1.58
CA ASN G 149 -22.49 11.61 1.37
C ASN G 149 -23.74 11.42 0.54
N PRO G 150 -24.84 11.03 1.19
CA PRO G 150 -26.04 10.52 0.51
C PRO G 150 -26.67 11.56 -0.42
N TYR G 151 -26.86 12.77 0.09
CA TYR G 151 -27.65 13.74 -0.64
C TYR G 151 -26.91 14.35 -1.85
N THR G 152 -27.68 15.07 -2.67
CA THR G 152 -27.17 15.73 -3.85
C THR G 152 -27.01 17.20 -3.48
N TYR G 153 -25.84 17.76 -3.76
CA TYR G 153 -25.57 19.13 -3.34
C TYR G 153 -24.54 19.80 -4.25
N TYR G 154 -24.60 21.12 -4.32
CA TYR G 154 -23.77 21.88 -5.24
C TYR G 154 -23.08 23.03 -4.52
N TYR G 155 -21.79 23.20 -4.81
CA TYR G 155 -21.06 24.37 -4.33
C TYR G 155 -21.29 25.55 -5.26
N HIS G 156 -21.54 26.72 -4.69
CA HIS G 156 -21.73 27.93 -5.47
C HIS G 156 -20.90 29.05 -4.86
N VAL G 157 -20.32 29.88 -5.71
CA VAL G 157 -19.60 31.06 -5.25
C VAL G 157 -20.10 32.31 -5.99
N TYR G 158 -20.39 33.36 -5.23
CA TYR G 158 -20.99 34.58 -5.74
C TYR G 158 -20.16 35.81 -5.32
N GLU G 159 -20.07 36.80 -6.21
CA GLU G 159 -19.40 38.08 -5.95
C GLU G 159 -20.41 39.15 -6.33
N LYS G 160 -20.25 40.35 -5.77
CA LYS G 160 -21.12 41.47 -6.15
C LYS G 160 -21.24 41.64 -7.66
N GLN G 161 -22.48 41.79 -8.12
CA GLN G 161 -22.74 42.18 -9.49
C GLN G 161 -22.18 43.60 -9.68
N GLN G 162 -21.32 43.80 -10.67
CA GLN G 162 -20.77 45.13 -10.89
C GLN G 162 -21.66 45.86 -11.91
N LEU G 163 -22.22 47.00 -11.47
CA LEU G 163 -23.20 47.70 -12.29
C LEU G 163 -22.58 48.54 -13.39
N VAL G 164 -23.29 48.64 -14.51
CA VAL G 164 -22.93 49.53 -15.60
C VAL G 164 -23.67 50.85 -15.39
N PRO G 165 -22.94 51.98 -15.42
CA PRO G 165 -23.56 53.30 -15.22
C PRO G 165 -24.63 53.60 -16.28
N ARG G 166 -25.63 54.40 -15.90
CA ARG G 166 -26.63 54.86 -16.86
C ARG G 166 -26.05 55.91 -17.78
N MET H 1 -5.56 -49.70 -1.38
CA MET H 1 -5.20 -48.40 -0.86
C MET H 1 -5.67 -47.30 -1.80
N ILE H 2 -5.82 -46.08 -1.28
CA ILE H 2 -6.10 -44.95 -2.14
C ILE H 2 -4.77 -44.44 -2.70
N VAL H 3 -4.57 -44.55 -4.01
CA VAL H 3 -3.37 -43.95 -4.59
C VAL H 3 -3.67 -42.51 -4.96
N SER H 4 -2.91 -41.59 -4.40
CA SER H 4 -3.20 -40.18 -4.60
C SER H 4 -2.07 -39.43 -5.31
N PHE H 5 -2.45 -38.53 -6.22
CA PHE H 5 -1.48 -37.64 -6.79
C PHE H 5 -1.47 -36.36 -5.96
N MET H 6 -0.28 -35.88 -5.63
CA MET H 6 -0.16 -34.56 -5.00
C MET H 6 0.67 -33.72 -5.94
N VAL H 7 0.12 -32.63 -6.43
CA VAL H 7 0.86 -31.81 -7.40
C VAL H 7 0.53 -30.33 -7.28
N ALA H 8 1.53 -29.49 -7.56
CA ALA H 8 1.30 -28.06 -7.75
C ALA H 8 1.79 -27.69 -9.15
N MET H 9 0.94 -27.03 -9.93
CA MET H 9 1.28 -26.73 -11.33
C MET H 9 0.71 -25.37 -11.77
N ASP H 10 1.25 -24.82 -12.87
CA ASP H 10 0.81 -23.51 -13.35
C ASP H 10 -0.19 -23.64 -14.51
N GLU H 11 -0.53 -22.53 -15.16
CA GLU H 11 -1.60 -22.48 -16.18
C GLU H 11 -1.30 -23.42 -17.33
N ASN H 12 -0.02 -23.75 -17.51
CA ASN H 12 0.39 -24.63 -18.60
C ASN H 12 0.98 -25.94 -18.09
N ARG H 13 0.58 -26.32 -16.86
CA ARG H 13 0.95 -27.61 -16.27
C ARG H 13 2.44 -27.75 -15.96
N VAL H 14 3.16 -26.61 -15.91
CA VAL H 14 4.53 -26.59 -15.43
C VAL H 14 4.62 -27.06 -13.96
N ILE H 15 5.52 -27.99 -13.69
CA ILE H 15 5.74 -28.42 -12.32
C ILE H 15 7.19 -28.22 -11.89
N GLY H 16 8.03 -27.74 -12.79
CA GLY H 16 9.40 -27.49 -12.41
C GLY H 16 10.23 -26.84 -13.49
N LYS H 17 11.41 -26.43 -13.10
CA LYS H 17 12.42 -25.91 -14.01
C LYS H 17 13.74 -26.03 -13.27
N ASP H 18 14.76 -26.55 -13.95
CA ASP H 18 16.09 -26.74 -13.39
C ASP H 18 16.11 -27.49 -12.05
N ASN H 19 15.24 -28.50 -11.94
CA ASN H 19 15.08 -29.27 -10.70
C ASN H 19 14.71 -28.41 -9.51
N ASN H 20 13.77 -27.50 -9.74
CA ASN H 20 13.27 -26.63 -8.67
C ASN H 20 11.94 -26.05 -9.08
N LEU H 21 11.26 -25.43 -8.12
CA LEU H 21 9.99 -24.79 -8.41
C LEU H 21 10.26 -23.34 -8.81
N PRO H 22 9.69 -22.91 -9.95
CA PRO H 22 9.88 -21.56 -10.47
C PRO H 22 9.14 -20.54 -9.63
N TRP H 23 8.24 -21.06 -8.79
CA TRP H 23 7.57 -20.25 -7.77
C TRP H 23 8.09 -20.56 -6.35
N ARG H 24 7.75 -19.71 -5.40
CA ARG H 24 8.07 -19.96 -4.00
C ARG H 24 6.88 -19.58 -3.14
N LEU H 25 6.11 -20.60 -2.74
CA LEU H 25 4.90 -20.39 -1.98
C LEU H 25 4.95 -21.27 -0.73
N PRO H 26 5.61 -20.78 0.35
CA PRO H 26 5.78 -21.59 1.56
C PRO H 26 4.45 -22.07 2.08
N SER H 27 3.41 -21.25 1.95
CA SER H 27 2.08 -21.63 2.40
C SER H 27 1.53 -22.84 1.63
N GLU H 28 1.82 -22.94 0.33
CA GLU H 28 1.46 -24.15 -0.44
C GLU H 28 2.13 -25.37 0.20
N LEU H 29 3.42 -25.23 0.49
CA LEU H 29 4.17 -26.33 1.09
C LEU H 29 3.55 -26.78 2.42
N GLN H 30 3.12 -25.82 3.24
CA GLN H 30 2.42 -26.14 4.48
CA GLN H 30 2.43 -26.13 4.49
C GLN H 30 1.16 -26.95 4.24
N TYR H 31 0.46 -26.65 3.13
CA TYR H 31 -0.73 -27.41 2.76
C TYR H 31 -0.32 -28.84 2.50
N VAL H 32 0.70 -29.02 1.67
CA VAL H 32 1.24 -30.36 1.41
C VAL H 32 1.60 -31.10 2.71
N LYS H 33 2.25 -30.40 3.62
CA LYS H 33 2.66 -31.00 4.90
C LYS H 33 1.43 -31.48 5.67
N LYS H 34 0.45 -30.60 5.83
CA LYS H 34 -0.80 -30.92 6.51
C LYS H 34 -1.58 -32.07 5.87
N THR H 35 -1.67 -32.07 4.54
CA THR H 35 -2.46 -33.06 3.81
C THR H 35 -1.83 -34.46 3.86
N THR H 36 -0.50 -34.51 3.82
CA THR H 36 0.24 -35.77 3.75
C THR H 36 0.74 -36.25 5.11
N MET H 37 0.23 -35.64 6.17
CA MET H 37 0.61 -35.99 7.54
C MET H 37 0.43 -37.49 7.81
N GLY H 38 1.55 -38.19 8.01
CA GLY H 38 1.51 -39.59 8.41
C GLY H 38 1.51 -40.57 7.25
N HIS H 39 1.07 -40.10 6.08
CA HIS H 39 0.98 -40.95 4.90
C HIS H 39 2.28 -40.88 4.10
N PRO H 40 2.62 -41.95 3.37
CA PRO H 40 3.93 -42.00 2.73
C PRO H 40 4.03 -41.11 1.50
N LEU H 41 5.14 -40.38 1.36
CA LEU H 41 5.45 -39.67 0.14
C LEU H 41 6.26 -40.55 -0.81
N ILE H 42 5.74 -40.77 -2.01
CA ILE H 42 6.44 -41.56 -3.02
C ILE H 42 6.93 -40.61 -4.10
N MET H 43 8.24 -40.61 -4.35
CA MET H 43 8.85 -39.66 -5.29
C MET H 43 10.09 -40.25 -5.94
N GLY H 44 10.47 -39.71 -7.09
CA GLY H 44 11.70 -40.13 -7.75
C GLY H 44 12.93 -39.54 -7.08
N ARG H 45 14.10 -40.09 -7.38
CA ARG H 45 15.37 -39.56 -6.90
C ARG H 45 15.54 -38.11 -7.33
N LYS H 46 15.34 -37.87 -8.61
CA LYS H 46 15.52 -36.56 -9.21
C LYS H 46 14.62 -35.53 -8.51
N ASN H 47 13.36 -35.89 -8.29
CA ASN H 47 12.40 -35.01 -7.64
C ASN H 47 12.80 -34.81 -6.18
N TYR H 48 13.38 -35.86 -5.59
CA TYR H 48 13.70 -35.88 -4.17
C TYR H 48 14.92 -35.02 -3.85
N GLU H 49 15.97 -35.16 -4.65
CA GLU H 49 17.18 -34.39 -4.43
C GLU H 49 16.95 -32.88 -4.63
N ALA H 50 15.93 -32.53 -5.40
CA ALA H 50 15.58 -31.13 -5.59
C ALA H 50 15.12 -30.54 -4.27
N ILE H 51 14.13 -31.21 -3.66
CA ILE H 51 13.53 -30.79 -2.40
C ILE H 51 14.55 -30.63 -1.26
N GLY H 52 15.57 -31.48 -1.25
CA GLY H 52 16.66 -31.33 -0.31
C GLY H 52 16.54 -32.17 0.96
N ARG H 53 15.98 -31.57 2.01
CA ARG H 53 15.76 -32.29 3.27
C ARG H 53 14.71 -33.37 3.07
N PRO H 54 14.91 -34.54 3.69
CA PRO H 54 13.81 -35.50 3.80
C PRO H 54 12.70 -34.85 4.63
N LEU H 55 11.45 -35.18 4.34
CA LEU H 55 10.32 -34.56 5.02
C LEU H 55 9.84 -35.39 6.23
N PRO H 56 10.00 -34.86 7.45
CA PRO H 56 9.73 -35.57 8.70
C PRO H 56 8.23 -35.82 8.94
N GLY H 57 7.90 -36.92 9.61
CA GLY H 57 6.52 -37.22 9.95
C GLY H 57 5.81 -38.08 8.92
N ARG H 58 6.49 -38.42 7.84
CA ARG H 58 5.92 -39.32 6.83
C ARG H 58 6.93 -40.35 6.32
N ARG H 59 6.41 -41.41 5.70
CA ARG H 59 7.27 -42.44 5.10
C ARG H 59 7.80 -42.05 3.72
N ASN H 60 9.04 -41.60 3.66
CA ASN H 60 9.62 -41.02 2.45
C ASN H 60 10.14 -42.00 1.38
N ILE H 61 9.25 -42.80 0.77
CA ILE H 61 9.65 -43.78 -0.24
C ILE H 61 10.18 -43.20 -1.56
N ILE H 62 11.44 -43.47 -1.88
CA ILE H 62 12.05 -43.04 -3.14
C ILE H 62 12.06 -44.15 -4.22
N VAL H 63 11.83 -43.76 -5.47
CA VAL H 63 11.77 -44.70 -6.59
C VAL H 63 12.97 -44.56 -7.53
N THR H 64 13.74 -45.63 -7.69
CA THR H 64 14.90 -45.63 -8.60
C THR H 64 15.07 -46.93 -9.39
N ARG H 65 15.72 -46.85 -10.54
CA ARG H 65 15.97 -48.03 -11.39
C ARG H 65 17.05 -48.97 -10.81
N ASN H 66 17.70 -48.51 -9.75
CA ASN H 66 18.79 -49.25 -9.15
C ASN H 66 18.31 -50.49 -8.42
N GLU H 67 19.22 -51.13 -7.68
CA GLU H 67 18.87 -52.24 -6.81
C GLU H 67 19.34 -51.89 -5.41
N GLY H 68 20.10 -50.80 -5.32
CA GLY H 68 20.61 -50.29 -4.06
C GLY H 68 20.68 -48.78 -4.06
N TYR H 69 20.39 -48.18 -2.90
CA TYR H 69 20.42 -46.73 -2.74
C TYR H 69 20.41 -46.32 -1.26
N HIS H 70 21.36 -45.48 -0.89
CA HIS H 70 21.48 -45.00 0.48
C HIS H 70 20.74 -43.66 0.65
N VAL H 71 19.81 -43.64 1.60
CA VAL H 71 18.88 -42.52 1.74
C VAL H 71 18.93 -41.87 3.12
N GLU H 72 19.44 -42.61 4.10
CA GLU H 72 19.74 -42.06 5.43
C GLU H 72 18.54 -41.44 6.16
N GLY H 73 17.33 -41.91 5.83
CA GLY H 73 16.13 -41.39 6.47
C GLY H 73 14.89 -41.72 5.69
N CYS H 74 15.03 -42.64 4.74
CA CYS H 74 13.93 -43.02 3.88
C CYS H 74 13.95 -44.51 3.57
N GLU H 75 13.14 -44.91 2.60
CA GLU H 75 13.26 -46.22 1.98
C GLU H 75 13.47 -46.03 0.48
N VAL H 76 13.70 -47.14 -0.21
CA VAL H 76 13.78 -47.11 -1.66
C VAL H 76 12.82 -48.13 -2.25
N ALA H 77 12.22 -47.79 -3.38
CA ALA H 77 11.47 -48.76 -4.17
C ALA H 77 12.12 -48.81 -5.54
N HIS H 78 11.95 -49.90 -6.28
CA HIS H 78 12.58 -50.00 -7.59
C HIS H 78 11.59 -50.35 -8.70
N SER H 79 10.31 -50.42 -8.36
CA SER H 79 9.26 -50.67 -9.33
C SER H 79 7.94 -50.23 -8.73
N VAL H 80 6.86 -50.31 -9.52
CA VAL H 80 5.53 -50.05 -8.99
C VAL H 80 5.13 -51.17 -8.01
N GLU H 81 5.42 -52.41 -8.40
CA GLU H 81 5.26 -53.56 -7.54
C GLU H 81 6.03 -53.33 -6.23
N GLU H 82 7.31 -52.97 -6.37
CA GLU H 82 8.16 -52.65 -5.22
C GLU H 82 7.69 -51.44 -4.42
N VAL H 83 6.68 -50.72 -4.93
CA VAL H 83 5.98 -49.70 -4.16
C VAL H 83 4.71 -50.29 -3.54
N PHE H 84 3.95 -51.02 -4.34
CA PHE H 84 2.65 -51.56 -3.94
C PHE H 84 2.69 -52.60 -2.83
N GLU H 85 3.83 -53.28 -2.65
CA GLU H 85 3.92 -54.29 -1.59
C GLU H 85 4.32 -53.59 -0.28
N LEU H 86 5.02 -52.46 -0.40
CA LEU H 86 5.43 -51.71 0.79
C LEU H 86 4.29 -50.83 1.29
N CYS H 87 3.31 -50.60 0.43
CA CYS H 87 2.13 -49.87 0.83
C CYS H 87 0.91 -50.77 0.73
N LYS H 88 1.19 -52.08 0.60
CA LYS H 88 0.18 -53.14 0.66
C LYS H 88 -0.54 -52.96 1.96
N ASN H 89 0.27 -52.69 2.98
CA ASN H 89 -0.23 -52.27 4.29
C ASN H 89 -1.10 -51.01 4.28
N GLU H 90 -0.53 -49.88 3.84
CA GLU H 90 -1.09 -48.53 4.03
C GLU H 90 -2.45 -48.18 3.38
N GLU H 91 -3.04 -47.07 3.84
CA GLU H 91 -4.43 -46.69 3.51
C GLU H 91 -4.50 -45.53 2.51
N GLU H 92 -3.47 -44.71 2.46
CA GLU H 92 -3.35 -43.68 1.43
C GLU H 92 -1.89 -43.27 1.20
N ILE H 93 -1.46 -43.37 -0.06
CA ILE H 93 -0.15 -42.88 -0.46
C ILE H 93 -0.29 -41.70 -1.43
N PHE H 94 0.73 -40.87 -1.48
CA PHE H 94 0.74 -39.70 -2.33
C PHE H 94 1.89 -39.76 -3.32
N ILE H 95 1.57 -39.85 -4.61
CA ILE H 95 2.59 -39.75 -5.64
C ILE H 95 3.00 -38.29 -5.69
N PHE H 96 4.24 -38.02 -5.31
CA PHE H 96 4.66 -36.66 -4.97
C PHE H 96 5.42 -35.90 -6.05
N GLY H 97 5.74 -36.55 -7.16
CA GLY H 97 6.43 -35.82 -8.19
C GLY H 97 7.45 -36.59 -9.00
N GLY H 98 7.85 -35.95 -10.10
CA GLY H 98 8.58 -36.60 -11.16
C GLY H 98 7.53 -36.91 -12.20
N ALA H 99 7.54 -36.18 -13.30
CA ALA H 99 6.55 -36.40 -14.35
C ALA H 99 6.47 -37.88 -14.72
N GLN H 100 7.64 -38.53 -14.78
CA GLN H 100 7.72 -39.97 -15.07
C GLN H 100 6.98 -40.76 -13.99
N ILE H 101 7.22 -40.37 -12.74
CA ILE H 101 6.61 -41.04 -11.60
C ILE H 101 5.07 -40.91 -11.58
N TYR H 102 4.52 -39.81 -12.09
CA TYR H 102 3.08 -39.72 -12.23
C TYR H 102 2.60 -40.69 -13.28
N ASP H 103 3.35 -40.80 -14.37
CA ASP H 103 3.01 -41.71 -15.48
C ASP H 103 3.05 -43.18 -15.07
N LEU H 104 4.00 -43.53 -14.20
CA LEU H 104 4.07 -44.90 -13.70
C LEU H 104 2.82 -45.24 -12.92
N PHE H 105 2.26 -44.25 -12.21
CA PHE H 105 1.15 -44.54 -11.32
C PHE H 105 -0.25 -44.24 -11.88
N LEU H 106 -0.31 -43.58 -13.03
CA LEU H 106 -1.56 -43.28 -13.73
C LEU H 106 -2.61 -44.41 -13.72
N PRO H 107 -2.22 -45.64 -14.08
CA PRO H 107 -3.31 -46.65 -14.12
C PRO H 107 -3.98 -46.92 -12.76
N TYR H 108 -3.34 -46.55 -11.66
CA TYR H 108 -3.87 -46.86 -10.35
C TYR H 108 -4.29 -45.62 -9.56
N VAL H 109 -4.39 -44.46 -10.22
CA VAL H 109 -4.72 -43.25 -9.44
C VAL H 109 -6.17 -43.26 -9.02
N ASP H 110 -6.44 -42.88 -7.77
CA ASP H 110 -7.81 -42.79 -7.29
C ASP H 110 -8.19 -41.39 -6.79
N LYS H 111 -7.22 -40.50 -6.64
CA LYS H 111 -7.51 -39.20 -6.07
C LYS H 111 -6.49 -38.16 -6.53
N LEU H 112 -6.95 -36.95 -6.83
CA LEU H 112 -6.05 -35.90 -7.35
C LEU H 112 -6.03 -34.70 -6.39
N TYR H 113 -4.86 -34.35 -5.90
CA TYR H 113 -4.70 -33.15 -5.08
C TYR H 113 -3.87 -32.18 -5.90
N ILE H 114 -4.55 -31.25 -6.55
CA ILE H 114 -3.90 -30.42 -7.54
C ILE H 114 -3.97 -28.98 -7.12
N THR H 115 -2.82 -28.38 -6.82
CA THR H 115 -2.76 -26.93 -6.65
C THR H 115 -2.53 -26.29 -8.02
N LYS H 116 -3.50 -25.53 -8.51
CA LYS H 116 -3.35 -24.77 -9.75
C LYS H 116 -2.89 -23.32 -9.47
N ILE H 117 -1.71 -22.97 -9.97
CA ILE H 117 -1.19 -21.62 -9.79
C ILE H 117 -1.55 -20.74 -10.99
N HIS H 118 -2.18 -19.61 -10.73
CA HIS H 118 -2.69 -18.75 -11.82
C HIS H 118 -1.61 -17.84 -12.38
N HIS H 119 -0.65 -18.41 -13.11
CA HIS H 119 0.44 -17.66 -13.70
C HIS H 119 1.12 -18.54 -14.72
N ALA H 120 1.84 -17.94 -15.66
CA ALA H 120 2.58 -18.68 -16.68
C ALA H 120 4.09 -18.49 -16.52
N PHE H 121 4.74 -19.51 -15.95
CA PHE H 121 6.17 -19.53 -15.69
C PHE H 121 6.93 -20.21 -16.84
N GLU H 122 8.25 -20.22 -16.76
CA GLU H 122 9.04 -21.06 -17.66
C GLU H 122 9.36 -22.39 -17.00
N GLY H 123 9.09 -23.50 -17.69
CA GLY H 123 9.32 -24.82 -17.15
C GLY H 123 9.94 -25.80 -18.12
N ASP H 124 10.51 -26.90 -17.58
CA ASP H 124 11.15 -27.93 -18.40
C ASP H 124 10.64 -29.35 -18.10
N THR H 125 9.71 -29.45 -17.16
CA THR H 125 8.98 -30.71 -16.88
C THR H 125 7.53 -30.36 -16.57
N PHE H 126 6.62 -31.26 -16.91
CA PHE H 126 5.20 -30.95 -16.95
C PHE H 126 4.30 -32.04 -16.35
N PHE H 127 3.22 -31.64 -15.69
CA PHE H 127 2.24 -32.61 -15.21
C PHE H 127 1.50 -33.20 -16.41
N PRO H 128 1.66 -34.52 -16.66
CA PRO H 128 1.03 -35.16 -17.82
C PRO H 128 -0.47 -34.84 -17.89
N GLU H 129 -1.01 -34.69 -19.10
CA GLU H 129 -2.43 -34.37 -19.22
C GLU H 129 -3.33 -35.56 -18.86
N MET H 130 -4.50 -35.25 -18.29
CA MET H 130 -5.46 -36.26 -17.84
C MET H 130 -6.87 -35.92 -18.31
N ASP H 131 -7.59 -36.92 -18.79
CA ASP H 131 -9.00 -36.78 -19.10
C ASP H 131 -9.81 -36.56 -17.81
N MET H 132 -10.15 -35.31 -17.51
CA MET H 132 -10.80 -34.99 -16.25
C MET H 132 -12.31 -35.23 -16.28
N THR H 133 -12.84 -35.70 -17.41
CA THR H 133 -14.28 -35.92 -17.57
C THR H 133 -14.84 -37.05 -16.70
N ASN H 134 -13.96 -37.90 -16.17
CA ASN H 134 -14.38 -38.88 -15.17
C ASN H 134 -13.77 -38.61 -13.80
N TRP H 135 -13.60 -37.33 -13.51
CA TRP H 135 -13.10 -36.84 -12.23
C TRP H 135 -14.01 -35.74 -11.66
N LYS H 136 -14.45 -35.94 -10.42
CA LYS H 136 -15.38 -35.03 -9.79
C LYS H 136 -14.66 -34.21 -8.74
N GLU H 137 -14.67 -32.89 -8.89
CA GLU H 137 -14.12 -32.00 -7.87
C GLU H 137 -14.95 -32.12 -6.60
N VAL H 138 -14.31 -32.46 -5.48
CA VAL H 138 -15.03 -32.55 -4.21
C VAL H 138 -14.64 -31.43 -3.25
N PHE H 139 -13.49 -30.79 -3.52
CA PHE H 139 -13.04 -29.66 -2.71
C PHE H 139 -12.25 -28.66 -3.54
N VAL H 140 -12.49 -27.37 -3.28
CA VAL H 140 -11.67 -26.30 -3.83
C VAL H 140 -11.39 -25.26 -2.74
N GLU H 141 -10.20 -24.69 -2.72
CA GLU H 141 -9.94 -23.62 -1.75
C GLU H 141 -8.92 -22.61 -2.28
N LYS H 142 -9.26 -21.33 -2.16
CA LYS H 142 -8.31 -20.29 -2.57
C LYS H 142 -7.20 -20.24 -1.55
N GLY H 143 -5.99 -20.57 -2.01
CA GLY H 143 -4.80 -20.50 -1.17
C GLY H 143 -4.43 -19.07 -0.79
N LEU H 144 -3.58 -18.95 0.24
CA LEU H 144 -3.15 -17.67 0.79
C LEU H 144 -2.15 -16.93 -0.13
N THR H 145 -2.57 -15.78 -0.63
CA THR H 145 -1.69 -14.92 -1.42
C THR H 145 -1.32 -13.69 -0.59
N ASP H 146 -0.03 -13.46 -0.40
CA ASP H 146 0.43 -12.30 0.37
C ASP H 146 1.89 -12.00 0.04
N GLU H 147 2.58 -11.33 0.96
CA GLU H 147 3.97 -10.90 0.76
C GLU H 147 4.95 -12.04 0.48
N LYS H 148 4.81 -13.15 1.21
CA LYS H 148 5.72 -14.28 1.08
C LYS H 148 5.20 -15.30 0.06
N ASN H 149 3.93 -15.18 -0.32
CA ASN H 149 3.34 -16.03 -1.36
C ASN H 149 2.73 -15.17 -2.48
N PRO H 150 3.58 -14.69 -3.41
CA PRO H 150 3.13 -13.62 -4.31
C PRO H 150 2.02 -14.02 -5.28
N TYR H 151 2.06 -15.25 -5.78
CA TYR H 151 1.12 -15.66 -6.82
C TYR H 151 -0.28 -16.02 -6.28
N THR H 152 -1.29 -15.95 -7.14
CA THR H 152 -2.64 -16.42 -6.84
C THR H 152 -2.71 -17.92 -7.18
N TYR H 153 -3.25 -18.73 -6.27
CA TYR H 153 -3.34 -20.17 -6.52
C TYR H 153 -4.52 -20.79 -5.79
N TYR H 154 -4.89 -22.00 -6.20
CA TYR H 154 -6.04 -22.69 -5.63
C TYR H 154 -5.78 -24.18 -5.40
N TYR H 155 -6.22 -24.68 -4.25
CA TYR H 155 -6.20 -26.11 -4.00
C TYR H 155 -7.45 -26.76 -4.57
N HIS H 156 -7.26 -27.82 -5.36
CA HIS H 156 -8.38 -28.66 -5.80
C HIS H 156 -8.15 -30.10 -5.42
N VAL H 157 -9.21 -30.75 -4.95
CA VAL H 157 -9.17 -32.19 -4.76
C VAL H 157 -10.22 -32.86 -5.63
N TYR H 158 -9.81 -33.92 -6.36
CA TYR H 158 -10.70 -34.61 -7.27
C TYR H 158 -10.82 -36.10 -6.96
N GLU H 159 -12.03 -36.61 -7.05
CA GLU H 159 -12.29 -38.04 -6.91
C GLU H 159 -12.89 -38.66 -8.17
N LYS H 160 -12.78 -39.97 -8.28
CA LYS H 160 -13.35 -40.69 -9.41
C LYS H 160 -14.86 -40.51 -9.47
N GLN H 161 -15.35 -40.19 -10.66
CA GLN H 161 -16.78 -40.32 -10.94
C GLN H 161 -17.13 -41.79 -10.78
N GLN H 162 -18.22 -42.12 -10.08
CA GLN H 162 -18.78 -43.47 -10.23
C GLN H 162 -19.76 -43.43 -11.41
N LEU H 163 -19.66 -44.40 -12.31
CA LEU H 163 -20.54 -44.40 -13.49
C LEU H 163 -22.00 -44.66 -13.08
N VAL H 164 -22.91 -44.00 -13.80
CA VAL H 164 -24.32 -44.34 -13.79
C VAL H 164 -24.41 -45.37 -14.91
N PRO H 165 -24.89 -46.59 -14.61
CA PRO H 165 -24.94 -47.57 -15.72
C PRO H 165 -25.96 -47.17 -16.75
N ARG H 166 -25.78 -47.64 -17.98
CA ARG H 166 -26.83 -47.58 -18.98
C ARG H 166 -27.61 -48.87 -18.89
#